data_4WZ9
#
_entry.id   4WZ9
#
_cell.length_a   113.480
_cell.length_b   132.900
_cell.length_c   146.010
_cell.angle_alpha   90.00
_cell.angle_beta   90.00
_cell.angle_gamma   90.00
#
_symmetry.space_group_name_H-M   'P 21 21 21'
#
loop_
_entity.id
_entity.type
_entity.pdbx_description
1 polymer AGAP004809-PA
2 polymer ALA-ALA-ALA-LYS-ALA
3 polymer ALA-ALA-LYS
4 non-polymer 'ZINC ION'
5 non-polymer GLYCEROL
6 non-polymer '2-[N-CYCLOHEXYLAMINO]ETHANE SULFONIC ACID'
7 non-polymer 'COPPER (II) ION'
8 water water
#
loop_
_entity_poly.entity_id
_entity_poly.type
_entity_poly.pdbx_seq_one_letter_code
_entity_poly.pdbx_strand_id
1 'polypeptide(L)'
;RSPWPPYKSSGIYEEEPQLPGASDLSGGVASDEIGVAPAQAVDERYRLPTTSIPIHYDLHLRTEIHRNERTFTGTVGIQL
QVVQATDKLVMHNRGLVMSSAKVSSLPNGVTGAPTLIGDVQYSTDTTFEHITFTSPTILQPGTYLLEVAFQGRLATNDDG
FYVSSYVADNGERRYLATTQFESTSARMAFPCYDEPGLKATFTVSITHSLSYKAISNMPQKTTTDIETDMRTTFFEKTPA
MSTYLLAFVVSDFQLRLSGAQRVYVRPNAFNEATFALEAGVKILKVLDDHLGIPYDTYMPKLDQIAIPDFAAGAMENWGL
VTYREQALLFNPAVSTYRGKTNVATTIAHEYAHQWFGNLVSPEWWEYIWLNEGFATLYEFYALDMAYPGQEYWELFNQQV
IQYAMGQDGQASTRPMNWNAATPGEISALFDRVAYDKSGSVLNMMRHVLGDDNWKAGLKAYLTDRALQGAVDEQLYAGLQ
SAIEGKGVLPNGVTVAQIMRTWTNEAGYPVLNVRRSYDTGDVIISQERFYNDRKVPNTNIWMIPYNYVHQAKADFNEFDD
FQWLATKAARIETTVPANEWIVFNKQQVGYYRVNYDEHNWELITNALHENWASIHRLNRAQLIDDAYWLARSGRLDLRVA
LRFMTYLRNEREYAPWTAANVALTYFNNRLRGTAEYHNFLIFVDALIEDIYSLLTIDAVSPDDTLLHKYLVQTISTWACS
MGYTDCLMKTAALLKAEASGTGPAVHPDIASVTYCYGMRSALESEFQYLYRKMMNSKNLAERTMLIDSLGCSNNKEFLKA
FLTTALGSGTGVEINYRADERRRVVQAIYSGGRTGVDALIEFLMDPALVNEFVSTLSTSTLNSALSAIASRTNNVEEMNK
LNALITALGSRVNSQTAANLRTTAQANLDWVNGFEGLMLSNFLAEAAARGHPFEGKPIPNPLLGLDSTRTGHHHHHH
;
A,B
2 'polypeptide(L)' AAAKA M
3 'polypeptide(L)' AAK N
#
# COMPACT_ATOMS: atom_id res chain seq x y z
N GLN A 40 20.43 -17.14 22.53
CA GLN A 40 20.30 -15.68 22.25
C GLN A 40 19.36 -15.39 21.09
N ALA A 41 18.10 -15.74 21.29
CA ALA A 41 17.04 -15.29 20.39
C ALA A 41 16.19 -14.24 21.12
N VAL A 42 16.43 -12.97 20.77
CA VAL A 42 15.59 -11.87 21.22
C VAL A 42 14.28 -11.86 20.42
N ASP A 43 13.16 -11.67 21.10
CA ASP A 43 11.88 -11.46 20.44
C ASP A 43 11.20 -10.18 20.86
N GLU A 44 10.16 -10.23 21.72
CA GLU A 44 9.22 -9.11 21.77
C GLU A 44 8.04 -8.97 22.79
N ARG A 45 7.38 -7.84 22.56
CA ARG A 45 6.25 -7.33 23.27
C ARG A 45 5.06 -7.18 22.29
N TYR A 46 5.11 -7.91 21.18
CA TYR A 46 3.95 -8.10 20.31
C TYR A 46 2.95 -9.09 20.95
N ARG A 47 3.35 -9.80 22.00
CA ARG A 47 2.45 -10.71 22.68
C ARG A 47 1.43 -9.93 23.45
N LEU A 48 0.23 -10.49 23.52
CA LEU A 48 -0.84 -9.84 24.25
C LEU A 48 -0.50 -9.75 25.74
N PRO A 49 -0.98 -8.68 26.41
CA PRO A 49 -0.99 -8.70 27.86
C PRO A 49 -1.65 -9.97 28.36
N THR A 50 -1.24 -10.41 29.52
CA THR A 50 -1.67 -11.68 29.99
C THR A 50 -2.78 -11.53 31.04
N THR A 51 -3.33 -10.32 31.18
CA THR A 51 -4.26 -9.98 32.26
C THR A 51 -5.66 -10.61 32.07
N SER A 52 -6.03 -10.76 30.81
CA SER A 52 -7.34 -11.21 30.42
C SER A 52 -7.23 -12.39 29.45
N ILE A 53 -8.29 -13.19 29.33
CA ILE A 53 -8.24 -14.45 28.59
C ILE A 53 -9.63 -14.79 28.03
N PRO A 54 -9.70 -15.26 26.77
CA PRO A 54 -11.04 -15.48 26.22
C PRO A 54 -11.67 -16.75 26.75
N ILE A 55 -13.00 -16.79 26.74
CA ILE A 55 -13.77 -18.01 27.06
C ILE A 55 -14.61 -18.39 25.84
N HIS A 56 -15.41 -17.45 25.33
CA HIS A 56 -16.36 -17.76 24.26
C HIS A 56 -16.63 -16.56 23.39
N TYR A 57 -16.60 -16.79 22.10
CA TYR A 57 -16.92 -15.73 21.16
C TYR A 57 -18.27 -16.05 20.54
N ASP A 58 -19.10 -15.03 20.49
CA ASP A 58 -20.40 -15.10 19.83
C ASP A 58 -20.37 -14.15 18.62
N LEU A 59 -20.11 -14.67 17.43
CA LEU A 59 -19.82 -13.82 16.28
C LEU A 59 -20.93 -13.78 15.27
N HIS A 60 -21.36 -12.57 14.90
CA HIS A 60 -22.29 -12.40 13.82
C HIS A 60 -21.70 -11.43 12.77
N LEU A 61 -21.71 -11.85 11.49
CA LEU A 61 -21.24 -11.03 10.39
C LEU A 61 -22.29 -10.94 9.32
N ARG A 62 -22.37 -9.78 8.67
CA ARG A 62 -23.25 -9.61 7.52
C ARG A 62 -22.43 -9.28 6.29
N THR A 63 -22.67 -9.99 5.19
CA THR A 63 -22.05 -9.66 3.91
C THR A 63 -23.03 -9.71 2.77
N GLU A 64 -22.96 -8.71 1.90
CA GLU A 64 -23.77 -8.70 0.71
C GLU A 64 -22.87 -8.89 -0.52
N ILE A 65 -21.97 -9.85 -0.40
CA ILE A 65 -21.03 -10.18 -1.48
C ILE A 65 -21.70 -10.69 -2.77
N HIS A 66 -22.96 -11.14 -2.65
CA HIS A 66 -23.73 -11.64 -3.79
C HIS A 66 -23.96 -10.51 -4.79
N ARG A 67 -23.87 -9.29 -4.28
CA ARG A 67 -24.12 -8.07 -5.02
C ARG A 67 -22.78 -7.35 -5.30
N ASN A 68 -21.67 -8.01 -5.04
CA ASN A 68 -20.36 -7.38 -5.02
C ASN A 68 -20.21 -6.18 -4.08
N GLU A 69 -21.04 -6.09 -3.03
CA GLU A 69 -20.75 -5.22 -1.91
C GLU A 69 -19.66 -5.82 -1.07
N ARG A 70 -18.59 -5.07 -0.87
CA ARG A 70 -17.38 -5.58 -0.23
C ARG A 70 -17.13 -5.03 1.18
N THR A 71 -18.05 -4.25 1.70
CA THR A 71 -18.02 -3.93 3.11
C THR A 71 -18.72 -5.06 3.89
N PHE A 72 -18.32 -5.23 5.13
CA PHE A 72 -19.03 -6.18 5.98
C PHE A 72 -19.17 -5.65 7.38
N THR A 73 -20.22 -6.07 8.04
CA THR A 73 -20.53 -5.59 9.37
C THR A 73 -20.59 -6.73 10.34
N GLY A 74 -20.27 -6.46 11.59
CA GLY A 74 -20.24 -7.52 12.56
C GLY A 74 -20.49 -7.07 13.96
N THR A 75 -20.91 -8.02 14.78
CA THR A 75 -20.94 -7.84 16.21
C THR A 75 -20.32 -9.08 16.83
N VAL A 76 -19.65 -8.87 17.94
CA VAL A 76 -19.09 -9.97 18.69
C VAL A 76 -19.34 -9.75 20.17
N GLY A 77 -19.80 -10.81 20.83
CA GLY A 77 -19.97 -10.84 22.28
C GLY A 77 -18.90 -11.78 22.81
N ILE A 78 -17.91 -11.24 23.52
CA ILE A 78 -16.81 -12.03 24.02
C ILE A 78 -16.87 -12.21 25.52
N GLN A 79 -17.17 -13.45 25.94
CA GLN A 79 -17.05 -13.84 27.35
C GLN A 79 -15.58 -14.07 27.67
N LEU A 80 -15.08 -13.39 28.70
CA LEU A 80 -13.67 -13.46 29.05
C LEU A 80 -13.46 -13.48 30.54
N GLN A 81 -12.29 -13.94 30.96
CA GLN A 81 -11.91 -14.00 32.35
C GLN A 81 -10.83 -12.98 32.61
N VAL A 82 -10.99 -12.19 33.66
CA VAL A 82 -9.88 -11.34 34.09
C VAL A 82 -9.11 -12.15 35.12
N VAL A 83 -7.79 -12.12 35.00
CA VAL A 83 -6.90 -12.84 35.92
C VAL A 83 -6.15 -11.85 36.82
N GLN A 84 -5.55 -10.84 36.20
CA GLN A 84 -4.91 -9.75 36.92
C GLN A 84 -5.80 -8.52 36.76
N ALA A 85 -6.18 -7.90 37.86
CA ALA A 85 -7.13 -6.80 37.82
C ALA A 85 -6.67 -5.77 36.81
N THR A 86 -7.58 -5.25 35.99
CA THR A 86 -7.19 -4.21 35.05
C THR A 86 -8.32 -3.28 34.65
N ASP A 87 -7.87 -2.20 34.07
CA ASP A 87 -8.66 -1.10 33.57
C ASP A 87 -8.81 -1.29 32.06
N LYS A 88 -8.03 -2.21 31.48
CA LYS A 88 -8.01 -2.33 30.03
C LYS A 88 -7.75 -3.73 29.48
N LEU A 89 -8.54 -4.08 28.47
CA LEU A 89 -8.52 -5.39 27.84
C LEU A 89 -7.86 -5.26 26.48
N VAL A 90 -6.78 -6.00 26.29
CA VAL A 90 -5.98 -5.89 25.08
C VAL A 90 -6.09 -7.16 24.25
N MET A 91 -6.52 -6.99 22.99
CA MET A 91 -6.58 -8.09 22.03
C MET A 91 -6.17 -7.57 20.64
N HIS A 92 -6.45 -8.32 19.56
CA HIS A 92 -5.92 -7.98 18.23
C HIS A 92 -6.95 -7.37 17.31
N ASN A 93 -6.45 -6.54 16.39
CA ASN A 93 -7.26 -5.98 15.29
C ASN A 93 -6.32 -5.47 14.19
N ARG A 94 -6.57 -5.95 12.98
CA ARG A 94 -5.95 -5.42 11.77
C ARG A 94 -7.03 -4.99 10.78
N GLY A 95 -7.23 -3.68 10.67
CA GLY A 95 -8.07 -3.10 9.64
C GLY A 95 -9.48 -2.77 10.07
N LEU A 96 -9.93 -3.27 11.22
CA LEU A 96 -11.34 -3.08 11.58
C LEU A 96 -11.59 -1.74 12.26
N VAL A 97 -12.77 -1.20 12.01
CA VAL A 97 -13.20 0.07 12.54
C VAL A 97 -14.33 -0.14 13.54
N MET A 98 -14.08 0.05 14.83
CA MET A 98 -15.16 -0.12 15.82
C MET A 98 -16.15 1.03 15.74
N SER A 99 -17.44 0.72 15.96
CA SER A 99 -18.53 1.73 16.04
C SER A 99 -19.14 1.87 17.42
N SER A 100 -18.92 0.90 18.32
CA SER A 100 -19.44 0.92 19.68
C SER A 100 -18.90 -0.24 20.49
N ALA A 101 -18.86 -0.06 21.80
CA ALA A 101 -18.44 -1.15 22.68
C ALA A 101 -18.81 -0.88 24.14
N LYS A 102 -19.12 -1.97 24.83
CA LYS A 102 -19.55 -1.91 26.21
C LYS A 102 -19.17 -3.19 26.93
N VAL A 103 -19.15 -3.16 28.25
CA VAL A 103 -18.80 -4.33 29.06
C VAL A 103 -19.89 -4.58 30.07
N SER A 104 -19.98 -5.83 30.52
CA SER A 104 -20.82 -6.19 31.61
C SER A 104 -20.12 -7.30 32.36
N SER A 105 -20.60 -7.55 33.57
CA SER A 105 -20.02 -8.59 34.38
C SER A 105 -20.97 -9.75 34.28
N LEU A 106 -20.45 -10.93 34.51
CA LEU A 106 -21.28 -12.10 34.73
C LEU A 106 -21.00 -12.58 36.14
N PRO A 107 -21.91 -12.24 37.07
CA PRO A 107 -21.60 -12.56 38.45
C PRO A 107 -21.67 -14.06 38.71
N ASN A 108 -22.63 -14.74 38.10
CA ASN A 108 -22.58 -16.19 38.05
C ASN A 108 -22.16 -16.55 36.62
N GLY A 109 -21.08 -17.34 36.55
CA GLY A 109 -20.33 -17.69 35.34
C GLY A 109 -20.76 -17.23 33.95
N VAL A 110 -21.09 -18.21 33.11
CA VAL A 110 -21.33 -17.96 31.67
C VAL A 110 -22.80 -18.15 31.35
N THR A 111 -23.43 -19.10 32.05
CA THR A 111 -24.87 -19.11 32.15
C THR A 111 -25.10 -18.13 33.29
N GLY A 112 -26.22 -17.43 33.23
CA GLY A 112 -26.52 -16.38 34.19
C GLY A 112 -26.48 -15.05 33.45
N ALA A 113 -27.08 -14.04 34.06
CA ALA A 113 -27.32 -12.79 33.34
C ALA A 113 -26.16 -11.83 33.48
N PRO A 114 -26.01 -10.92 32.50
CA PRO A 114 -24.96 -9.91 32.54
C PRO A 114 -25.48 -8.67 33.23
N THR A 115 -24.56 -7.84 33.73
CA THR A 115 -24.98 -6.60 34.36
C THR A 115 -24.08 -5.47 33.83
N LEU A 116 -24.71 -4.57 33.08
CA LEU A 116 -24.04 -3.51 32.38
C LEU A 116 -23.13 -2.68 33.28
N ILE A 117 -21.86 -2.65 32.92
CA ILE A 117 -20.87 -1.83 33.60
C ILE A 117 -20.86 -0.46 32.90
N GLY A 118 -20.31 -0.36 31.70
CA GLY A 118 -20.45 0.86 30.90
C GLY A 118 -19.92 0.76 29.47
N ASP A 119 -20.24 1.77 28.66
CA ASP A 119 -19.62 1.90 27.35
C ASP A 119 -18.12 1.88 27.60
N VAL A 120 -17.33 1.45 26.61
CA VAL A 120 -15.89 1.34 26.82
C VAL A 120 -15.17 2.09 25.72
N GLN A 121 -13.91 2.44 25.98
CA GLN A 121 -13.14 3.17 25.01
C GLN A 121 -12.18 2.27 24.24
N TYR A 122 -12.12 2.47 22.92
CA TYR A 122 -11.28 1.65 22.07
C TYR A 122 -10.21 2.44 21.32
N SER A 123 -9.01 1.89 21.30
CA SER A 123 -7.90 2.44 20.52
C SER A 123 -7.04 1.28 20.02
N THR A 124 -6.43 1.42 18.83
CA THR A 124 -5.62 0.36 18.25
C THR A 124 -4.19 0.82 17.92
N ASP A 125 -3.19 0.01 18.28
CA ASP A 125 -1.81 0.21 17.88
C ASP A 125 -1.53 -0.58 16.60
N THR A 126 -1.45 0.15 15.49
CA THR A 126 -1.22 -0.39 14.16
C THR A 126 0.00 -1.26 14.01
N THR A 127 1.06 -0.98 14.75
CA THR A 127 2.28 -1.76 14.73
C THR A 127 2.20 -3.13 15.44
N PHE A 128 1.80 -3.15 16.71
CA PHE A 128 1.56 -4.42 17.40
C PHE A 128 0.20 -5.02 17.04
N GLU A 129 -0.67 -4.25 16.37
CA GLU A 129 -2.03 -4.66 16.03
C GLU A 129 -2.76 -5.07 17.29
N HIS A 130 -2.52 -4.33 18.37
CA HIS A 130 -3.26 -4.52 19.60
C HIS A 130 -4.37 -3.49 19.62
N ILE A 131 -5.60 -3.94 19.81
CA ILE A 131 -6.69 -3.05 20.14
C ILE A 131 -6.92 -3.11 21.65
N THR A 132 -7.14 -1.95 22.27
CA THR A 132 -7.36 -1.88 23.69
C THR A 132 -8.70 -1.26 23.96
N PHE A 133 -9.50 -1.99 24.71
CA PHE A 133 -10.77 -1.52 25.18
C PHE A 133 -10.55 -1.06 26.61
N THR A 134 -11.01 0.14 26.93
CA THR A 134 -10.78 0.73 28.23
C THR A 134 -12.07 1.07 28.97
N SER A 135 -12.20 0.48 30.15
CA SER A 135 -13.41 0.57 30.96
C SER A 135 -13.35 1.80 31.87
N PRO A 136 -14.50 2.39 32.22
CA PRO A 136 -14.48 3.46 33.22
C PRO A 136 -13.99 2.91 34.55
N THR A 137 -14.33 1.65 34.81
CA THR A 137 -13.96 0.98 36.04
C THR A 137 -12.79 0.01 35.89
N ILE A 138 -12.10 -0.27 37.00
CA ILE A 138 -11.12 -1.33 37.01
C ILE A 138 -11.79 -2.68 37.33
N LEU A 139 -11.69 -3.63 36.40
CA LEU A 139 -12.32 -4.93 36.58
C LEU A 139 -11.51 -5.84 37.50
N GLN A 140 -12.22 -6.56 38.36
CA GLN A 140 -11.58 -7.45 39.33
C GLN A 140 -11.73 -8.89 38.86
N PRO A 141 -10.68 -9.71 39.06
CA PRO A 141 -10.64 -11.11 38.65
C PRO A 141 -12.01 -11.82 38.68
N GLY A 142 -12.63 -11.91 37.50
CA GLY A 142 -13.92 -12.58 37.37
C GLY A 142 -14.27 -12.81 35.92
N THR A 143 -15.54 -13.09 35.66
CA THR A 143 -16.01 -13.37 34.33
C THR A 143 -16.78 -12.15 33.84
N TYR A 144 -16.43 -11.68 32.64
CA TYR A 144 -17.10 -10.53 32.02
C TYR A 144 -17.56 -10.78 30.59
N LEU A 145 -18.43 -9.89 30.08
CA LEU A 145 -18.90 -9.99 28.71
C LEU A 145 -18.70 -8.67 27.99
N LEU A 146 -17.76 -8.68 27.05
CA LEU A 146 -17.47 -7.54 26.19
C LEU A 146 -18.26 -7.63 24.89
N GLU A 147 -18.83 -6.52 24.44
CA GLU A 147 -19.72 -6.52 23.27
C GLU A 147 -19.36 -5.36 22.35
N VAL A 148 -18.93 -5.71 21.15
CA VAL A 148 -18.39 -4.74 20.22
C VAL A 148 -19.11 -4.81 18.89
N ALA A 149 -19.49 -3.66 18.35
CA ALA A 149 -19.98 -3.61 16.98
C ALA A 149 -18.89 -2.98 16.17
N PHE A 150 -18.73 -3.44 14.93
CA PHE A 150 -17.59 -3.04 14.13
C PHE A 150 -17.88 -3.24 12.68
N GLN A 151 -17.03 -2.67 11.84
CA GLN A 151 -17.22 -2.75 10.41
C GLN A 151 -15.87 -2.93 9.73
N GLY A 152 -15.82 -3.81 8.75
CA GLY A 152 -14.63 -4.03 7.94
C GLY A 152 -14.87 -3.98 6.44
N ARG A 153 -13.84 -4.38 5.69
CA ARG A 153 -13.94 -4.58 4.25
C ARG A 153 -13.23 -5.88 3.82
N LEU A 154 -13.76 -6.55 2.80
CA LEU A 154 -13.18 -7.80 2.29
C LEU A 154 -11.82 -7.62 1.60
N ALA A 155 -10.84 -8.37 2.02
CA ALA A 155 -9.51 -8.22 1.43
C ALA A 155 -9.53 -8.62 -0.06
N THR A 156 -8.51 -8.25 -0.84
CA THR A 156 -8.38 -8.75 -2.20
C THR A 156 -7.04 -9.37 -2.44
N ASN A 157 -6.35 -9.69 -1.35
CA ASN A 157 -5.05 -10.31 -1.41
C ASN A 157 -5.13 -11.72 -0.80
N ASP A 158 -6.34 -12.28 -0.74
CA ASP A 158 -6.58 -13.67 -0.27
C ASP A 158 -6.17 -13.92 1.18
N ASP A 159 -6.39 -12.97 2.07
CA ASP A 159 -5.90 -13.13 3.41
C ASP A 159 -6.87 -13.02 4.55
N GLY A 160 -7.82 -12.13 4.53
CA GLY A 160 -8.58 -12.15 5.83
C GLY A 160 -9.85 -12.91 5.66
N PHE A 161 -10.92 -12.18 5.89
CA PHE A 161 -12.16 -12.40 5.23
C PHE A 161 -11.97 -11.70 3.90
N TYR A 162 -11.93 -12.46 2.82
CA TYR A 162 -11.65 -11.86 1.50
C TYR A 162 -12.64 -12.20 0.40
N VAL A 163 -12.50 -11.54 -0.73
CA VAL A 163 -13.30 -11.82 -1.88
C VAL A 163 -12.62 -12.82 -2.81
N SER A 164 -13.43 -13.69 -3.44
CA SER A 164 -12.97 -14.58 -4.48
C SER A 164 -14.00 -14.52 -5.58
N SER A 165 -13.73 -15.14 -6.70
CA SER A 165 -14.68 -15.03 -7.79
C SER A 165 -14.48 -16.08 -8.80
N TYR A 166 -15.47 -16.27 -9.66
CA TYR A 166 -15.31 -17.18 -10.80
C TYR A 166 -16.24 -16.75 -11.87
N VAL A 167 -16.07 -17.34 -13.04
CA VAL A 167 -16.91 -17.03 -14.17
C VAL A 167 -17.75 -18.23 -14.47
N ALA A 168 -19.05 -18.00 -14.49
CA ALA A 168 -20.02 -19.03 -14.78
C ALA A 168 -19.92 -19.47 -16.25
N ASP A 169 -20.66 -20.52 -16.62
CA ASP A 169 -20.67 -20.99 -18.01
C ASP A 169 -21.22 -19.93 -18.99
N ASN A 170 -22.07 -19.02 -18.51
CA ASN A 170 -22.66 -17.98 -19.38
C ASN A 170 -21.84 -16.74 -19.49
N GLY A 171 -20.60 -16.78 -19.02
CA GLY A 171 -19.74 -15.58 -18.95
C GLY A 171 -19.88 -14.57 -17.79
N GLU A 172 -20.88 -14.73 -16.93
CA GLU A 172 -21.11 -13.79 -15.81
C GLU A 172 -20.13 -14.13 -14.66
N ARG A 173 -19.66 -13.12 -13.96
CA ARG A 173 -18.70 -13.27 -12.89
C ARG A 173 -19.49 -13.32 -11.61
N ARG A 174 -19.14 -14.27 -10.76
CA ARG A 174 -19.87 -14.45 -9.52
C ARG A 174 -18.90 -14.35 -8.37
N TYR A 175 -19.34 -13.73 -7.29
CA TYR A 175 -18.47 -13.46 -6.17
C TYR A 175 -18.79 -14.38 -5.03
N LEU A 176 -17.83 -14.53 -4.13
CA LEU A 176 -18.03 -15.24 -2.88
C LEU A 176 -17.09 -14.70 -1.82
N ALA A 177 -17.50 -14.80 -0.55
CA ALA A 177 -16.66 -14.37 0.54
C ALA A 177 -16.15 -15.59 1.23
N THR A 178 -14.88 -15.57 1.60
CA THR A 178 -14.26 -16.71 2.22
C THR A 178 -13.16 -16.27 3.14
N THR A 179 -12.55 -17.22 3.85
CA THR A 179 -11.59 -16.89 4.91
C THR A 179 -10.27 -17.63 4.86
N GLN A 180 -9.24 -16.99 5.40
CA GLN A 180 -7.96 -17.61 5.63
C GLN A 180 -7.35 -16.93 6.87
N PHE A 181 -7.17 -17.64 7.96
CA PHE A 181 -6.69 -16.97 9.15
C PHE A 181 -5.29 -17.36 9.58
N GLU A 182 -4.82 -18.59 9.26
CA GLU A 182 -3.57 -19.12 9.80
C GLU A 182 -2.45 -18.13 9.51
N SER A 183 -1.46 -18.16 10.42
CA SER A 183 -0.69 -17.03 10.88
C SER A 183 -1.71 -16.22 11.71
N THR A 184 -2.06 -15.02 11.30
CA THR A 184 -2.54 -14.02 12.23
C THR A 184 -3.59 -13.13 11.60
N SER A 185 -4.50 -13.75 10.88
CA SER A 185 -5.45 -12.97 10.11
C SER A 185 -6.90 -13.08 10.56
N ALA A 186 -7.16 -13.80 11.63
CA ALA A 186 -8.49 -13.83 12.23
C ALA A 186 -8.83 -12.45 12.75
N ARG A 187 -7.78 -11.75 13.16
CA ARG A 187 -7.90 -10.33 13.54
C ARG A 187 -8.38 -9.38 12.41
N MET A 188 -8.44 -9.84 11.17
CA MET A 188 -8.97 -8.99 10.06
C MET A 188 -10.47 -9.12 9.90
N ALA A 189 -11.10 -10.06 10.61
CA ALA A 189 -12.52 -10.31 10.43
C ALA A 189 -13.28 -9.99 11.69
N PHE A 190 -12.65 -10.20 12.84
CA PHE A 190 -13.25 -9.75 14.10
C PHE A 190 -12.18 -9.55 15.15
N PRO A 191 -12.43 -8.60 16.07
CA PRO A 191 -11.47 -8.34 17.13
C PRO A 191 -11.42 -9.55 18.05
N CYS A 192 -10.23 -10.07 18.34
CA CYS A 192 -10.11 -11.30 19.09
C CYS A 192 -8.73 -11.45 19.69
N TYR A 193 -8.59 -12.42 20.58
CA TYR A 193 -7.29 -12.71 21.18
C TYR A 193 -6.61 -13.66 20.23
N ASP A 194 -6.05 -13.12 19.16
CA ASP A 194 -5.55 -13.91 18.06
C ASP A 194 -4.16 -14.53 18.36
N GLU A 195 -4.11 -15.43 19.35
CA GLU A 195 -2.93 -16.27 19.59
C GLU A 195 -3.39 -17.70 19.76
N PRO A 196 -2.74 -18.64 19.06
CA PRO A 196 -3.16 -20.06 19.10
C PRO A 196 -3.33 -20.73 20.49
N GLY A 197 -2.68 -20.22 21.53
CA GLY A 197 -2.77 -20.83 22.85
C GLY A 197 -4.05 -20.42 23.58
N LEU A 198 -4.71 -19.37 23.11
CA LEU A 198 -5.88 -18.80 23.75
C LEU A 198 -7.15 -19.37 23.16
N LYS A 199 -7.27 -20.69 23.28
CA LYS A 199 -8.40 -21.40 22.73
C LYS A 199 -9.71 -20.95 23.38
N ALA A 200 -10.78 -21.01 22.61
CA ALA A 200 -12.09 -20.60 23.08
C ALA A 200 -13.14 -21.33 22.22
N THR A 201 -14.40 -21.31 22.67
CA THR A 201 -15.52 -21.80 21.87
C THR A 201 -16.06 -20.67 20.99
N PHE A 202 -16.62 -21.02 19.85
CA PHE A 202 -17.06 -20.02 18.86
C PHE A 202 -18.47 -20.32 18.39
N THR A 203 -19.37 -19.35 18.49
CA THR A 203 -20.70 -19.54 17.96
C THR A 203 -20.93 -18.50 16.93
N VAL A 204 -21.07 -18.97 15.70
CA VAL A 204 -21.01 -18.15 14.50
C VAL A 204 -22.36 -18.05 13.80
N SER A 205 -22.72 -16.85 13.39
CA SER A 205 -23.90 -16.63 12.56
C SER A 205 -23.61 -15.63 11.45
N ILE A 206 -24.19 -15.85 10.27
CA ILE A 206 -23.91 -15.00 9.12
C ILE A 206 -25.16 -14.61 8.36
N THR A 207 -25.28 -13.31 8.08
CA THR A 207 -26.40 -12.81 7.30
C THR A 207 -25.94 -12.68 5.86
N HIS A 208 -26.77 -13.14 4.95
CA HIS A 208 -26.39 -13.23 3.54
C HIS A 208 -27.63 -13.41 2.67
N SER A 209 -27.43 -13.41 1.36
CA SER A 209 -28.51 -13.53 0.40
C SER A 209 -29.20 -14.88 0.49
N LEU A 210 -30.53 -14.85 0.45
CA LEU A 210 -31.37 -16.07 0.50
C LEU A 210 -30.79 -17.04 -0.56
N SER A 211 -30.27 -16.48 -1.66
CA SER A 211 -29.86 -17.31 -2.83
C SER A 211 -28.43 -17.85 -2.77
N TYR A 212 -27.74 -17.61 -1.66
CA TYR A 212 -26.42 -18.06 -1.43
C TYR A 212 -26.49 -18.92 -0.16
N LYS A 213 -25.45 -19.72 0.03
CA LYS A 213 -25.33 -20.56 1.18
C LYS A 213 -24.10 -20.16 2.01
N ALA A 214 -24.21 -20.36 3.31
CA ALA A 214 -23.11 -20.15 4.25
C ALA A 214 -22.76 -21.47 4.87
N ILE A 215 -21.47 -21.76 4.97
CA ILE A 215 -21.04 -22.89 5.75
C ILE A 215 -19.90 -22.39 6.63
N SER A 216 -19.52 -23.21 7.58
CA SER A 216 -18.55 -22.83 8.54
C SER A 216 -17.96 -24.07 9.19
N ASN A 217 -17.18 -23.92 10.24
CA ASN A 217 -16.66 -25.10 10.91
C ASN A 217 -17.75 -26.11 11.31
N MET A 218 -18.78 -25.62 12.01
CA MET A 218 -19.79 -26.49 12.60
C MET A 218 -20.98 -26.61 11.68
N PRO A 219 -21.85 -27.60 11.93
CA PRO A 219 -23.04 -27.78 11.14
C PRO A 219 -23.99 -26.62 11.31
N GLN A 220 -24.87 -26.47 10.33
CA GLN A 220 -25.93 -25.51 10.45
C GLN A 220 -26.79 -25.87 11.65
N LYS A 221 -27.10 -24.89 12.49
CA LYS A 221 -28.09 -25.05 13.55
C LYS A 221 -29.50 -24.62 13.12
N THR A 222 -29.61 -23.53 12.36
CA THR A 222 -30.91 -23.08 11.87
C THR A 222 -30.81 -21.90 10.88
N THR A 223 -31.76 -21.81 9.93
CA THR A 223 -31.88 -20.71 8.97
C THR A 223 -32.92 -19.80 9.60
N THR A 224 -32.91 -18.52 9.28
CA THR A 224 -34.08 -17.70 9.47
C THR A 224 -34.10 -16.68 8.34
N ASP A 225 -35.16 -16.69 7.53
CA ASP A 225 -35.29 -15.72 6.45
C ASP A 225 -35.55 -14.38 7.08
N ILE A 226 -35.07 -13.32 6.43
CA ILE A 226 -35.26 -11.97 6.95
C ILE A 226 -35.35 -10.98 5.83
N GLU A 227 -35.81 -9.80 6.18
CA GLU A 227 -36.07 -8.75 5.22
C GLU A 227 -36.80 -9.35 4.02
N THR A 228 -36.50 -8.83 2.86
CA THR A 228 -37.11 -9.30 1.68
C THR A 228 -36.18 -10.32 0.94
N ASP A 229 -34.86 -10.21 1.16
CA ASP A 229 -33.82 -10.81 0.30
C ASP A 229 -32.88 -11.79 0.98
N MET A 230 -32.88 -11.79 2.29
CA MET A 230 -31.68 -12.19 2.99
C MET A 230 -32.04 -13.25 3.96
N ARG A 231 -31.02 -13.78 4.60
CA ARG A 231 -31.15 -14.83 5.56
C ARG A 231 -29.99 -14.79 6.51
N THR A 232 -30.24 -15.22 7.74
CA THR A 232 -29.19 -15.50 8.67
C THR A 232 -29.08 -16.99 8.91
N THR A 233 -27.89 -17.50 8.68
CA THR A 233 -27.57 -18.86 8.96
C THR A 233 -26.89 -18.91 10.31
N PHE A 234 -27.35 -19.79 11.20
CA PHE A 234 -26.77 -19.99 12.53
C PHE A 234 -26.03 -21.30 12.62
N PHE A 235 -24.90 -21.31 13.30
CA PHE A 235 -24.04 -22.50 13.38
C PHE A 235 -23.96 -22.97 14.82
N GLU A 236 -23.80 -24.28 14.98
CA GLU A 236 -23.56 -24.86 16.29
C GLU A 236 -22.26 -24.35 16.84
N LYS A 237 -22.16 -24.32 18.16
CA LYS A 237 -20.98 -23.87 18.89
C LYS A 237 -19.83 -24.82 18.69
N THR A 238 -18.64 -24.27 18.53
CA THR A 238 -17.46 -25.09 18.32
C THR A 238 -16.98 -25.64 19.65
N PRO A 239 -16.11 -26.65 19.60
CA PRO A 239 -15.29 -26.98 20.73
C PRO A 239 -14.28 -25.91 20.95
N ALA A 240 -13.44 -26.15 21.97
CA ALA A 240 -12.30 -25.34 22.27
C ALA A 240 -11.33 -25.36 21.09
N MET A 241 -11.07 -24.21 20.51
CA MET A 241 -10.16 -24.17 19.39
C MET A 241 -9.53 -22.81 19.25
N SER A 242 -8.50 -22.76 18.42
CA SER A 242 -7.76 -21.55 18.19
C SER A 242 -8.45 -20.69 17.12
N THR A 243 -8.30 -19.38 17.26
CA THR A 243 -8.88 -18.45 16.30
C THR A 243 -8.42 -18.66 14.87
N TYR A 244 -7.22 -19.18 14.67
CA TYR A 244 -6.66 -19.26 13.32
C TYR A 244 -7.35 -20.31 12.48
N LEU A 245 -8.12 -21.17 13.13
CA LEU A 245 -8.81 -22.28 12.49
C LEU A 245 -10.26 -21.98 12.24
N LEU A 246 -10.74 -20.81 12.66
CA LEU A 246 -12.13 -20.45 12.39
C LEU A 246 -12.28 -20.18 10.93
N ALA A 247 -13.42 -20.50 10.37
CA ALA A 247 -13.63 -20.35 8.93
C ALA A 247 -15.12 -20.31 8.57
N PHE A 248 -15.43 -19.59 7.51
CA PHE A 248 -16.79 -19.58 6.96
C PHE A 248 -16.71 -19.14 5.53
N VAL A 249 -17.73 -19.52 4.76
CA VAL A 249 -17.74 -19.22 3.36
C VAL A 249 -19.16 -18.93 2.96
N VAL A 250 -19.34 -17.87 2.17
CA VAL A 250 -20.63 -17.47 1.71
C VAL A 250 -20.55 -17.48 0.20
N SER A 251 -21.32 -18.35 -0.43
CA SER A 251 -21.23 -18.60 -1.87
C SER A 251 -22.50 -19.17 -2.47
N ASP A 252 -22.45 -19.40 -3.77
CA ASP A 252 -23.50 -20.11 -4.49
C ASP A 252 -22.95 -21.44 -5.01
N PHE A 253 -21.97 -22.00 -4.29
CA PHE A 253 -21.35 -23.30 -4.66
C PHE A 253 -22.27 -24.51 -4.48
N GLN A 254 -21.83 -25.66 -4.98
CA GLN A 254 -22.53 -26.95 -4.83
C GLN A 254 -21.72 -27.98 -4.13
N LEU A 255 -22.37 -29.04 -3.72
CA LEU A 255 -21.82 -30.01 -2.82
C LEU A 255 -21.92 -31.32 -3.55
N ARG A 256 -21.01 -32.23 -3.26
CA ARG A 256 -21.26 -33.66 -3.43
C ARG A 256 -21.05 -34.28 -2.07
N LEU A 257 -21.64 -35.46 -1.84
CA LEU A 257 -21.52 -36.04 -0.51
C LEU A 257 -21.61 -37.51 -0.37
N SER A 258 -21.24 -37.89 0.85
CA SER A 258 -21.11 -39.25 1.24
C SER A 258 -21.12 -39.23 2.73
N GLY A 259 -22.23 -39.65 3.33
CA GLY A 259 -22.36 -39.69 4.78
C GLY A 259 -22.21 -38.32 5.42
N ALA A 260 -21.23 -38.18 6.32
CA ALA A 260 -20.98 -36.97 7.10
C ALA A 260 -19.96 -36.01 6.43
N GLN A 261 -19.56 -36.29 5.19
CA GLN A 261 -18.53 -35.53 4.43
C GLN A 261 -19.04 -34.95 3.11
N ARG A 262 -18.78 -33.69 2.86
CA ARG A 262 -19.09 -33.11 1.58
C ARG A 262 -17.87 -32.49 0.95
N VAL A 263 -17.95 -32.27 -0.35
CA VAL A 263 -17.01 -31.46 -1.10
C VAL A 263 -17.76 -30.36 -1.83
N TYR A 264 -17.43 -29.11 -1.54
CA TYR A 264 -18.01 -27.97 -2.23
C TYR A 264 -17.19 -27.40 -3.38
N VAL A 265 -17.87 -27.11 -4.48
CA VAL A 265 -17.25 -26.56 -5.70
C VAL A 265 -18.15 -25.56 -6.40
N ARG A 266 -17.52 -24.72 -7.20
CA ARG A 266 -18.28 -23.82 -8.03
C ARG A 266 -19.09 -24.72 -8.98
N PRO A 267 -20.30 -24.30 -9.32
CA PRO A 267 -21.18 -25.16 -10.04
C PRO A 267 -20.58 -25.76 -11.31
N ASN A 268 -19.80 -24.99 -12.07
CA ASN A 268 -19.19 -25.55 -13.26
C ASN A 268 -17.91 -26.36 -13.02
N ALA A 269 -17.64 -26.78 -11.78
CA ALA A 269 -16.57 -27.73 -11.49
C ALA A 269 -17.08 -29.04 -10.88
N PHE A 270 -18.38 -29.15 -10.83
CA PHE A 270 -19.06 -30.25 -10.17
C PHE A 270 -18.53 -31.63 -10.56
N ASN A 271 -18.24 -31.84 -11.84
CA ASN A 271 -17.74 -33.14 -12.32
C ASN A 271 -16.33 -33.45 -11.93
N GLU A 272 -15.63 -32.54 -11.31
CA GLU A 272 -14.25 -32.77 -10.97
C GLU A 272 -14.05 -32.99 -9.48
N ALA A 273 -15.13 -33.21 -8.74
CA ALA A 273 -15.06 -33.26 -7.28
C ALA A 273 -15.16 -34.69 -6.69
N THR A 274 -15.31 -35.68 -7.57
CA THR A 274 -15.53 -37.08 -7.17
C THR A 274 -14.36 -37.70 -6.44
N PHE A 275 -13.15 -37.54 -6.99
CA PHE A 275 -11.97 -38.12 -6.35
C PHE A 275 -11.77 -37.61 -4.91
N ALA A 276 -11.95 -36.31 -4.71
CA ALA A 276 -11.66 -35.72 -3.40
C ALA A 276 -12.54 -36.31 -2.36
N LEU A 277 -13.79 -36.54 -2.73
CA LEU A 277 -14.77 -37.13 -1.83
C LEU A 277 -14.39 -38.59 -1.50
N GLU A 278 -14.02 -39.38 -2.49
CA GLU A 278 -13.50 -40.73 -2.21
C GLU A 278 -12.33 -40.70 -1.26
N ALA A 279 -11.36 -39.86 -1.56
CA ALA A 279 -10.10 -39.87 -0.82
C ALA A 279 -10.35 -39.45 0.61
N GLY A 280 -11.20 -38.47 0.77
CA GLY A 280 -11.51 -37.96 2.08
C GLY A 280 -12.12 -39.02 2.98
N VAL A 281 -13.00 -39.83 2.42
CA VAL A 281 -13.62 -40.85 3.21
C VAL A 281 -12.55 -41.88 3.65
N LYS A 282 -11.76 -42.35 2.69
CA LYS A 282 -10.79 -43.39 3.00
C LYS A 282 -9.78 -42.90 4.00
N ILE A 283 -9.25 -41.70 3.76
CA ILE A 283 -8.18 -41.13 4.58
C ILE A 283 -8.62 -40.83 6.00
N LEU A 284 -9.82 -40.30 6.16
CA LEU A 284 -10.32 -40.01 7.48
C LEU A 284 -10.43 -41.28 8.35
N LYS A 285 -10.78 -42.39 7.71
CA LYS A 285 -10.96 -43.64 8.43
C LYS A 285 -9.64 -44.24 8.89
N VAL A 286 -8.67 -44.23 7.98
CA VAL A 286 -7.32 -44.70 8.27
C VAL A 286 -6.78 -43.96 9.49
N LEU A 287 -6.96 -42.65 9.52
CA LEU A 287 -6.46 -41.84 10.61
C LEU A 287 -7.19 -42.09 11.90
N ASP A 288 -8.51 -42.28 11.82
CA ASP A 288 -9.34 -42.68 12.96
C ASP A 288 -8.78 -43.93 13.64
N ASP A 289 -8.55 -44.97 12.84
CA ASP A 289 -8.05 -46.24 13.32
C ASP A 289 -6.63 -46.15 13.81
N HIS A 290 -5.75 -45.68 12.93
CA HIS A 290 -4.33 -45.59 13.24
C HIS A 290 -4.03 -44.80 14.51
N LEU A 291 -4.70 -43.66 14.69
CA LEU A 291 -4.45 -42.82 15.87
C LEU A 291 -5.29 -43.25 17.06
N GLY A 292 -6.37 -43.98 16.80
CA GLY A 292 -7.20 -44.52 17.85
C GLY A 292 -8.07 -43.48 18.50
N ILE A 293 -8.28 -42.36 17.80
CA ILE A 293 -9.24 -41.35 18.25
C ILE A 293 -10.07 -40.96 17.03
N PRO A 294 -11.33 -41.38 16.98
CA PRO A 294 -12.05 -40.98 15.81
C PRO A 294 -12.29 -39.48 15.70
N TYR A 295 -12.30 -38.97 14.48
CA TYR A 295 -12.62 -37.58 14.22
C TYR A 295 -14.00 -37.24 14.82
N ASP A 296 -14.98 -38.13 14.64
CA ASP A 296 -16.32 -37.87 15.16
C ASP A 296 -16.38 -37.85 16.68
N THR A 297 -15.29 -38.21 17.34
CA THR A 297 -15.17 -37.98 18.78
C THR A 297 -15.43 -36.51 19.12
N TYR A 298 -15.12 -35.61 18.19
CA TYR A 298 -15.26 -34.18 18.42
C TYR A 298 -16.10 -33.39 17.42
N MET A 299 -16.37 -33.97 16.22
CA MET A 299 -17.02 -33.24 15.11
C MET A 299 -18.02 -34.08 14.27
N PRO A 300 -19.23 -33.56 14.01
CA PRO A 300 -20.23 -34.39 13.34
C PRO A 300 -20.14 -34.37 11.82
N LYS A 301 -19.26 -33.56 11.25
CA LYS A 301 -19.09 -33.50 9.80
C LYS A 301 -17.79 -32.86 9.42
N LEU A 302 -17.32 -33.18 8.23
CA LEU A 302 -16.10 -32.60 7.66
C LEU A 302 -16.34 -32.21 6.21
N ASP A 303 -16.29 -30.92 5.94
CA ASP A 303 -16.37 -30.40 4.58
C ASP A 303 -15.01 -30.09 3.95
N GLN A 304 -14.92 -30.28 2.65
CA GLN A 304 -13.80 -29.80 1.85
C GLN A 304 -14.34 -28.83 0.80
N ILE A 305 -13.67 -27.71 0.55
CA ILE A 305 -14.11 -26.74 -0.48
C ILE A 305 -12.97 -26.20 -1.35
N ALA A 306 -13.25 -26.06 -2.63
CA ALA A 306 -12.25 -25.60 -3.59
C ALA A 306 -12.51 -24.13 -3.83
N ILE A 307 -11.55 -23.31 -3.41
CA ILE A 307 -11.67 -21.85 -3.52
C ILE A 307 -10.84 -21.31 -4.70
N PRO A 308 -11.48 -20.64 -5.67
CA PRO A 308 -10.76 -20.16 -6.88
C PRO A 308 -9.54 -19.25 -6.60
N ASP A 309 -9.62 -18.40 -5.59
CA ASP A 309 -8.48 -17.54 -5.26
C ASP A 309 -7.98 -17.94 -3.89
N PHE A 310 -6.81 -18.57 -3.85
CA PHE A 310 -6.30 -19.13 -2.64
C PHE A 310 -4.76 -19.11 -2.66
N ALA A 311 -4.17 -18.45 -1.68
CA ALA A 311 -2.71 -18.24 -1.54
C ALA A 311 -1.87 -19.49 -1.29
N ALA A 312 -2.16 -20.26 -0.25
CA ALA A 312 -1.49 -21.55 -0.05
C ALA A 312 -2.05 -22.61 -0.96
N GLY A 313 -1.65 -23.85 -0.70
CA GLY A 313 -2.24 -25.04 -1.34
C GLY A 313 -3.57 -25.38 -0.69
N ALA A 314 -3.63 -25.33 0.64
CA ALA A 314 -4.84 -25.67 1.39
C ALA A 314 -4.73 -25.25 2.84
N MET A 315 -5.85 -25.19 3.55
CA MET A 315 -5.88 -24.79 4.98
C MET A 315 -6.84 -25.69 5.80
N GLU A 316 -6.30 -26.24 6.87
CA GLU A 316 -6.95 -27.32 7.67
C GLU A 316 -8.05 -26.90 8.65
N ASN A 317 -8.71 -25.77 8.40
CA ASN A 317 -9.74 -25.29 9.35
C ASN A 317 -10.59 -26.46 9.79
N TRP A 318 -10.79 -26.58 11.09
CA TRP A 318 -11.52 -27.70 11.66
C TRP A 318 -12.93 -27.80 11.06
N GLY A 319 -13.22 -28.95 10.45
CA GLY A 319 -14.53 -29.18 9.84
C GLY A 319 -14.78 -28.57 8.48
N LEU A 320 -13.90 -27.67 8.03
CA LEU A 320 -14.06 -26.95 6.79
C LEU A 320 -12.68 -26.61 6.18
N VAL A 321 -12.18 -27.52 5.36
CA VAL A 321 -10.82 -27.46 4.86
C VAL A 321 -10.85 -26.80 3.52
N THR A 322 -10.07 -25.73 3.33
CA THR A 322 -10.06 -24.99 2.07
C THR A 322 -8.90 -25.42 1.20
N TYR A 323 -9.14 -25.45 -0.11
CA TYR A 323 -8.13 -25.85 -1.05
C TYR A 323 -8.10 -24.87 -2.18
N ARG A 324 -6.94 -24.67 -2.77
CA ARG A 324 -6.93 -24.07 -4.09
C ARG A 324 -7.40 -25.20 -5.02
N GLU A 325 -7.99 -24.84 -6.14
CA GLU A 325 -8.55 -25.82 -7.06
C GLU A 325 -7.60 -26.89 -7.52
N GLN A 326 -6.36 -26.54 -7.77
CA GLN A 326 -5.37 -27.55 -8.24
C GLN A 326 -5.04 -28.56 -7.17
N ALA A 327 -5.43 -28.28 -5.92
CA ALA A 327 -5.12 -29.22 -4.84
C ALA A 327 -6.29 -30.12 -4.50
N LEU A 328 -7.38 -29.99 -5.22
CA LEU A 328 -8.59 -30.76 -4.90
C LEU A 328 -9.31 -31.30 -6.14
N LEU A 329 -9.36 -30.55 -7.23
CA LEU A 329 -10.09 -30.99 -8.37
C LEU A 329 -9.28 -31.93 -9.19
N PHE A 330 -9.97 -32.91 -9.78
CA PHE A 330 -9.38 -33.91 -10.66
C PHE A 330 -10.40 -34.29 -11.73
N ASN A 331 -9.92 -34.37 -12.95
CA ASN A 331 -10.72 -34.71 -14.08
C ASN A 331 -9.88 -35.62 -14.90
N PRO A 332 -10.25 -36.89 -14.95
CA PRO A 332 -9.42 -37.92 -15.58
C PRO A 332 -9.20 -37.74 -17.08
N ALA A 333 -10.06 -37.00 -17.77
CA ALA A 333 -9.79 -36.69 -19.18
C ALA A 333 -8.57 -35.75 -19.43
N VAL A 334 -8.23 -34.89 -18.45
CA VAL A 334 -7.10 -33.96 -18.61
C VAL A 334 -6.11 -33.85 -17.46
N SER A 335 -6.46 -34.29 -16.27
CA SER A 335 -5.52 -34.23 -15.16
C SER A 335 -4.47 -35.34 -15.18
N THR A 336 -3.24 -35.01 -14.82
CA THR A 336 -2.16 -36.01 -14.86
C THR A 336 -2.13 -36.84 -13.58
N TYR A 337 -1.43 -37.98 -13.62
CA TYR A 337 -1.15 -38.75 -12.42
C TYR A 337 -0.46 -37.86 -11.35
N ARG A 338 0.32 -36.86 -11.79
CA ARG A 338 0.94 -35.95 -10.81
C ARG A 338 -0.11 -35.12 -10.15
N GLY A 339 -1.00 -34.59 -10.95
CA GLY A 339 -2.09 -33.82 -10.44
C GLY A 339 -2.89 -34.60 -9.45
N LYS A 340 -3.13 -35.86 -9.75
CA LYS A 340 -3.93 -36.67 -8.85
C LYS A 340 -3.16 -36.89 -7.57
N THR A 341 -1.87 -37.07 -7.69
CA THR A 341 -1.06 -37.23 -6.51
C THR A 341 -1.08 -35.98 -5.65
N ASN A 342 -1.08 -34.81 -6.26
CA ASN A 342 -1.14 -33.58 -5.49
C ASN A 342 -2.42 -33.46 -4.71
N VAL A 343 -3.56 -33.82 -5.33
CA VAL A 343 -4.82 -33.77 -4.61
C VAL A 343 -4.79 -34.76 -3.40
N ALA A 344 -4.27 -35.95 -3.62
CA ALA A 344 -4.34 -37.05 -2.66
C ALA A 344 -3.47 -36.79 -1.45
N THR A 345 -2.28 -36.26 -1.68
CA THR A 345 -1.35 -35.93 -0.61
C THR A 345 -1.84 -34.71 0.17
N THR A 346 -2.48 -33.77 -0.52
CA THR A 346 -2.91 -32.55 0.14
C THR A 346 -4.04 -32.86 1.08
N ILE A 347 -4.98 -33.68 0.62
CA ILE A 347 -6.07 -34.13 1.46
C ILE A 347 -5.48 -34.86 2.66
N ALA A 348 -4.58 -35.76 2.41
CA ALA A 348 -4.00 -36.49 3.52
C ALA A 348 -3.33 -35.51 4.49
N HIS A 349 -2.65 -34.53 3.96
CA HIS A 349 -1.95 -33.54 4.77
C HIS A 349 -2.95 -32.86 5.69
N GLU A 350 -3.99 -32.29 5.11
CA GLU A 350 -4.91 -31.44 5.88
C GLU A 350 -5.81 -32.25 6.85
N TYR A 351 -6.12 -33.49 6.49
CA TYR A 351 -6.86 -34.36 7.41
C TYR A 351 -6.04 -34.75 8.64
N ALA A 352 -4.75 -34.99 8.44
CA ALA A 352 -3.84 -35.20 9.53
C ALA A 352 -3.92 -34.06 10.54
N HIS A 353 -4.00 -32.82 10.05
CA HIS A 353 -4.13 -31.63 10.93
C HIS A 353 -5.36 -31.64 11.86
N GLN A 354 -6.42 -32.35 11.49
CA GLN A 354 -7.60 -32.38 12.34
C GLN A 354 -7.23 -32.83 13.75
N TRP A 355 -6.22 -33.71 13.84
CA TRP A 355 -5.62 -34.09 15.11
C TRP A 355 -4.43 -33.18 15.40
N PHE A 356 -3.44 -33.19 14.51
CA PHE A 356 -2.20 -32.42 14.70
C PHE A 356 -2.34 -30.98 14.23
N GLY A 357 -2.89 -30.15 15.09
CA GLY A 357 -3.12 -28.78 14.77
C GLY A 357 -4.41 -28.37 15.39
N ASN A 358 -5.48 -29.14 15.14
CA ASN A 358 -6.83 -28.66 15.46
C ASN A 358 -7.28 -29.09 16.87
N LEU A 359 -7.34 -30.41 17.07
CA LEU A 359 -7.50 -31.00 18.41
C LEU A 359 -6.35 -30.64 19.34
N VAL A 360 -5.13 -30.86 18.89
CA VAL A 360 -3.93 -30.40 19.59
C VAL A 360 -3.29 -29.32 18.74
N SER A 361 -3.24 -28.12 19.29
CA SER A 361 -2.69 -26.96 18.65
C SER A 361 -1.38 -26.50 19.35
N PRO A 362 -0.48 -25.83 18.62
CA PRO A 362 0.72 -25.26 19.22
C PRO A 362 0.41 -24.18 20.23
N GLU A 363 1.07 -24.26 21.39
CA GLU A 363 0.88 -23.28 22.45
C GLU A 363 1.26 -21.92 21.91
N TRP A 364 2.29 -21.93 21.07
CA TRP A 364 2.78 -20.73 20.35
C TRP A 364 3.56 -21.19 19.09
N TRP A 365 3.76 -20.28 18.13
CA TRP A 365 4.29 -20.63 16.82
C TRP A 365 5.69 -21.23 16.85
N GLU A 366 6.41 -21.03 17.95
CA GLU A 366 7.73 -21.64 18.14
C GLU A 366 7.66 -23.14 17.91
N TYR A 367 6.48 -23.72 18.15
CA TYR A 367 6.33 -25.15 18.03
C TYR A 367 5.42 -25.51 16.87
N ILE A 368 5.45 -24.68 15.84
CA ILE A 368 4.60 -24.90 14.69
C ILE A 368 4.91 -26.21 13.99
N TRP A 369 6.11 -26.75 14.17
CA TRP A 369 6.42 -28.04 13.55
C TRP A 369 5.56 -29.14 14.15
N LEU A 370 5.06 -28.93 15.36
CA LEU A 370 4.13 -29.91 15.96
C LEU A 370 2.93 -30.15 15.02
N ASN A 371 2.50 -29.12 14.30
CA ASN A 371 1.51 -29.28 13.24
C ASN A 371 2.12 -29.81 11.94
N GLU A 372 3.04 -29.03 11.40
CA GLU A 372 3.45 -29.22 10.01
C GLU A 372 4.40 -30.41 9.79
N GLY A 373 5.08 -30.85 10.85
CA GLY A 373 5.87 -32.06 10.75
C GLY A 373 5.01 -33.29 10.62
N PHE A 374 4.01 -33.42 11.48
CA PHE A 374 3.12 -34.58 11.42
C PHE A 374 2.30 -34.59 10.15
N ALA A 375 1.83 -33.41 9.73
CA ALA A 375 1.06 -33.30 8.48
C ALA A 375 1.87 -33.74 7.26
N THR A 376 3.17 -33.40 7.24
CA THR A 376 4.03 -33.80 6.14
C THR A 376 4.31 -35.29 6.16
N LEU A 377 4.56 -35.87 7.33
CA LEU A 377 4.75 -37.29 7.41
C LEU A 377 3.50 -38.02 6.95
N TYR A 378 2.34 -37.61 7.48
CA TYR A 378 1.09 -38.34 7.22
C TYR A 378 0.54 -38.01 5.84
N GLU A 379 1.03 -36.91 5.28
CA GLU A 379 0.81 -36.56 3.87
C GLU A 379 1.05 -37.78 2.99
N PHE A 380 2.07 -38.55 3.31
CA PHE A 380 2.40 -39.78 2.53
C PHE A 380 2.02 -41.10 3.22
N TYR A 381 2.12 -41.14 4.55
CA TYR A 381 1.88 -42.37 5.33
C TYR A 381 0.39 -42.81 5.41
N ALA A 382 -0.46 -41.90 5.88
CA ALA A 382 -1.93 -42.11 5.85
C ALA A 382 -2.44 -42.38 4.43
N LEU A 383 -1.95 -41.65 3.44
CA LEU A 383 -2.35 -41.90 2.07
C LEU A 383 -1.99 -43.33 1.63
N ASP A 384 -0.79 -43.79 2.00
CA ASP A 384 -0.36 -45.14 1.64
C ASP A 384 -1.19 -46.22 2.32
N MET A 385 -1.53 -45.97 3.58
CA MET A 385 -2.50 -46.79 4.31
C MET A 385 -3.92 -46.70 3.71
N ALA A 386 -4.27 -45.59 3.09
CA ALA A 386 -5.58 -45.46 2.46
C ALA A 386 -5.66 -45.98 1.02
N TYR A 387 -4.51 -46.14 0.35
CA TYR A 387 -4.48 -46.72 -0.99
C TYR A 387 -3.28 -47.68 -1.11
N PRO A 388 -3.25 -48.75 -0.28
CA PRO A 388 -2.13 -49.72 -0.25
C PRO A 388 -1.90 -50.33 -1.62
N GLY A 389 -0.65 -50.40 -2.07
CA GLY A 389 -0.35 -51.03 -3.37
C GLY A 389 -0.13 -50.04 -4.50
N GLN A 390 -0.78 -48.89 -4.42
CA GLN A 390 -0.30 -47.70 -5.11
C GLN A 390 0.87 -47.34 -4.24
N GLU A 391 2.07 -47.22 -4.79
CA GLU A 391 3.22 -47.21 -3.90
C GLU A 391 3.51 -45.77 -3.41
N TYR A 392 2.48 -45.09 -2.91
CA TYR A 392 2.62 -43.66 -2.56
C TYR A 392 3.75 -43.41 -1.56
N TRP A 393 3.94 -44.30 -0.59
CA TRP A 393 4.97 -44.10 0.41
C TRP A 393 6.38 -43.99 -0.19
N GLU A 394 6.65 -44.60 -1.35
CA GLU A 394 8.01 -44.47 -1.93
C GLU A 394 8.35 -43.02 -2.22
N LEU A 395 7.34 -42.23 -2.55
CA LEU A 395 7.55 -40.86 -2.93
C LEU A 395 8.17 -40.03 -1.80
N PHE A 396 8.03 -40.52 -0.58
CA PHE A 396 8.50 -39.80 0.58
C PHE A 396 10.01 -39.56 0.58
N ASN A 397 10.80 -40.54 0.17
CA ASN A 397 12.24 -40.43 0.26
C ASN A 397 12.76 -39.29 -0.58
N GLN A 398 12.25 -39.15 -1.81
CA GLN A 398 12.75 -38.11 -2.70
C GLN A 398 12.01 -36.78 -2.52
N GLN A 399 10.73 -36.84 -2.27
CA GLN A 399 9.95 -35.63 -2.19
C GLN A 399 9.98 -35.00 -0.82
N VAL A 400 10.44 -35.71 0.19
CA VAL A 400 10.54 -35.11 1.51
C VAL A 400 11.93 -35.17 2.15
N ILE A 401 12.52 -36.35 2.23
CA ILE A 401 13.78 -36.51 2.95
C ILE A 401 14.86 -35.77 2.18
N GLN A 402 15.10 -36.17 0.94
CA GLN A 402 16.17 -35.60 0.14
C GLN A 402 15.91 -34.14 -0.16
N TYR A 403 14.68 -33.81 -0.48
CA TYR A 403 14.26 -32.45 -0.53
C TYR A 403 14.58 -31.66 0.73
N ALA A 404 14.32 -32.20 1.91
CA ALA A 404 14.63 -31.47 3.16
C ALA A 404 16.09 -31.21 3.31
N MET A 405 16.91 -32.21 3.00
CA MET A 405 18.36 -32.10 3.21
C MET A 405 18.98 -31.02 2.34
N GLY A 406 18.45 -30.85 1.13
CA GLY A 406 18.89 -29.78 0.27
C GLY A 406 18.85 -28.40 0.93
N GLN A 407 17.71 -28.00 1.46
CA GLN A 407 17.60 -26.69 2.06
C GLN A 407 18.30 -26.63 3.40
N ASP A 408 18.30 -27.77 4.13
CA ASP A 408 18.77 -27.79 5.51
C ASP A 408 20.31 -27.88 5.52
N GLY A 409 20.92 -28.00 4.35
CA GLY A 409 22.37 -27.95 4.24
C GLY A 409 22.91 -26.54 4.05
N GLN A 410 22.03 -25.55 4.09
CA GLN A 410 22.44 -24.19 3.99
C GLN A 410 22.67 -23.58 5.35
N ALA A 411 23.54 -22.57 5.40
CA ALA A 411 23.94 -21.93 6.65
C ALA A 411 22.82 -21.08 7.22
N SER A 412 21.90 -20.66 6.40
CA SER A 412 20.75 -19.89 6.88
C SER A 412 19.61 -20.73 7.50
N THR A 413 19.67 -22.07 7.42
CA THR A 413 18.56 -22.89 7.92
C THR A 413 18.40 -22.75 9.44
N ARG A 414 17.18 -22.93 9.91
CA ARG A 414 16.86 -22.80 11.33
C ARG A 414 16.70 -24.16 12.06
N PRO A 415 16.77 -24.12 13.38
CA PRO A 415 16.34 -25.29 14.16
C PRO A 415 14.81 -25.42 14.18
N MET A 416 14.31 -26.64 14.28
CA MET A 416 12.86 -26.87 14.37
C MET A 416 12.20 -25.96 15.42
N ASN A 417 12.77 -25.93 16.62
CA ASN A 417 12.31 -24.99 17.65
C ASN A 417 12.93 -23.64 17.39
N TRP A 418 12.09 -22.66 17.13
CA TRP A 418 12.58 -21.35 16.77
C TRP A 418 11.44 -20.40 16.87
N ASN A 419 11.67 -19.34 17.61
CA ASN A 419 10.62 -18.49 18.07
C ASN A 419 10.39 -17.35 17.08
N ALA A 420 9.30 -16.62 17.28
CA ALA A 420 8.93 -15.50 16.42
C ALA A 420 7.97 -14.57 17.13
N ALA A 421 7.85 -13.35 16.61
CA ALA A 421 7.03 -12.34 17.26
C ALA A 421 6.18 -11.58 16.29
N THR A 422 6.75 -11.04 15.23
CA THR A 422 5.98 -10.23 14.28
C THR A 422 5.18 -11.08 13.33
N PRO A 423 4.18 -10.51 12.67
CA PRO A 423 3.47 -11.34 11.70
C PRO A 423 4.35 -11.90 10.60
N GLY A 424 5.34 -11.13 10.15
CA GLY A 424 6.24 -11.59 9.11
C GLY A 424 7.15 -12.67 9.62
N GLU A 425 7.59 -12.53 10.88
CA GLU A 425 8.45 -13.57 11.45
C GLU A 425 7.67 -14.89 11.57
N ILE A 426 6.39 -14.81 11.90
CA ILE A 426 5.56 -15.99 12.05
C ILE A 426 5.35 -16.70 10.71
N SER A 427 4.91 -15.97 9.69
CA SER A 427 4.82 -16.59 8.33
C SER A 427 6.12 -17.25 7.92
N ALA A 428 7.25 -16.62 8.23
CA ALA A 428 8.55 -17.13 7.78
C ALA A 428 8.89 -18.45 8.41
N LEU A 429 8.23 -18.81 9.52
CA LEU A 429 8.45 -20.11 10.09
C LEU A 429 7.85 -21.25 9.23
N PHE A 430 6.93 -20.90 8.34
CA PHE A 430 6.27 -21.92 7.55
C PHE A 430 7.12 -22.24 6.35
N ASP A 431 8.21 -22.94 6.61
CA ASP A 431 9.29 -23.12 5.65
C ASP A 431 9.68 -24.59 5.54
N ARG A 432 10.79 -24.88 4.89
CA ARG A 432 11.15 -26.27 4.68
C ARG A 432 11.59 -26.96 5.95
N VAL A 433 11.89 -26.22 7.01
CA VAL A 433 12.25 -26.87 8.26
C VAL A 433 11.00 -27.33 9.02
N ALA A 434 9.99 -26.46 9.08
CA ALA A 434 8.76 -26.82 9.75
C ALA A 434 8.09 -28.00 9.09
N TYR A 435 8.21 -28.08 7.77
CA TYR A 435 7.53 -29.10 6.98
C TYR A 435 8.45 -30.33 6.80
N ASP A 436 9.25 -30.32 5.75
CA ASP A 436 9.95 -31.52 5.32
C ASP A 436 11.01 -32.04 6.28
N LYS A 437 11.81 -31.15 6.88
CA LYS A 437 12.80 -31.57 7.89
C LYS A 437 12.09 -32.26 9.05
N SER A 438 11.15 -31.57 9.70
CA SER A 438 10.41 -32.13 10.83
C SER A 438 9.79 -33.47 10.48
N GLY A 439 9.21 -33.53 9.30
CA GLY A 439 8.64 -34.75 8.79
C GLY A 439 9.67 -35.84 8.56
N SER A 440 10.90 -35.47 8.20
CA SER A 440 11.91 -36.50 8.02
C SER A 440 12.41 -37.02 9.37
N VAL A 441 12.50 -36.16 10.38
CA VAL A 441 13.00 -36.64 11.67
C VAL A 441 11.94 -37.46 12.40
N LEU A 442 10.68 -37.05 12.26
CA LEU A 442 9.60 -37.81 12.79
C LEU A 442 9.56 -39.19 12.14
N ASN A 443 9.74 -39.26 10.83
CA ASN A 443 9.84 -40.55 10.16
C ASN A 443 10.99 -41.40 10.72
N MET A 444 12.06 -40.72 11.12
CA MET A 444 13.23 -41.38 11.72
C MET A 444 12.86 -41.99 13.08
N MET A 445 12.24 -41.18 13.93
CA MET A 445 11.74 -41.62 15.21
C MET A 445 10.73 -42.79 15.13
N ARG A 446 9.83 -42.71 14.18
CA ARG A 446 8.78 -43.70 14.00
C ARG A 446 9.44 -45.06 13.82
N HIS A 447 10.45 -45.13 12.95
CA HIS A 447 11.17 -46.38 12.71
C HIS A 447 11.96 -46.87 13.91
N VAL A 448 12.55 -45.93 14.64
CA VAL A 448 13.29 -46.27 15.84
C VAL A 448 12.39 -46.84 16.94
N LEU A 449 11.18 -46.33 17.07
CA LEU A 449 10.29 -46.75 18.16
C LEU A 449 9.49 -47.98 17.83
N GLY A 450 9.24 -48.20 16.55
CA GLY A 450 8.39 -49.29 16.12
C GLY A 450 6.95 -48.83 15.99
N ASP A 451 6.24 -49.47 15.07
CA ASP A 451 4.88 -49.06 14.69
C ASP A 451 3.95 -48.91 15.85
N ASP A 452 3.79 -49.98 16.62
CA ASP A 452 2.82 -49.95 17.70
C ASP A 452 3.20 -48.99 18.82
N ASN A 453 4.47 -48.90 19.15
CA ASN A 453 4.90 -47.95 20.17
C ASN A 453 4.67 -46.53 19.73
N TRP A 454 4.93 -46.29 18.46
CA TRP A 454 4.69 -45.02 17.83
C TRP A 454 3.20 -44.58 17.94
N LYS A 455 2.29 -45.44 17.45
CA LYS A 455 0.85 -45.20 17.54
C LYS A 455 0.44 -44.92 18.97
N ALA A 456 0.91 -45.77 19.87
CA ALA A 456 0.61 -45.63 21.29
C ALA A 456 1.09 -44.29 21.82
N GLY A 457 2.35 -43.99 21.54
CA GLY A 457 2.93 -42.71 21.93
C GLY A 457 2.06 -41.54 21.47
N LEU A 458 1.70 -41.54 20.19
CA LEU A 458 0.87 -40.46 19.66
C LEU A 458 -0.52 -40.37 20.34
N LYS A 459 -1.15 -41.52 20.57
CA LYS A 459 -2.45 -41.54 21.22
C LYS A 459 -2.36 -40.96 22.64
N ALA A 460 -1.25 -41.26 23.31
CA ALA A 460 -0.97 -40.68 24.61
C ALA A 460 -0.86 -39.16 24.52
N TYR A 461 -0.06 -38.68 23.58
CA TYR A 461 0.10 -37.24 23.31
C TYR A 461 -1.23 -36.54 23.06
N LEU A 462 -1.95 -37.04 22.05
CA LEU A 462 -3.17 -36.42 21.60
C LEU A 462 -4.20 -36.42 22.71
N THR A 463 -4.28 -37.54 23.42
CA THR A 463 -5.24 -37.68 24.51
C THR A 463 -4.91 -36.70 25.60
N ASP A 464 -3.62 -36.63 25.94
CA ASP A 464 -3.12 -35.72 26.96
C ASP A 464 -3.46 -34.27 26.63
N ARG A 465 -3.14 -33.83 25.42
CA ARG A 465 -3.19 -32.40 25.11
C ARG A 465 -4.45 -31.98 24.37
N ALA A 466 -5.33 -32.95 24.15
CA ALA A 466 -6.63 -32.72 23.54
C ALA A 466 -7.28 -31.41 23.97
N LEU A 467 -7.79 -30.70 22.98
CA LEU A 467 -8.42 -29.39 23.17
C LEU A 467 -7.51 -28.39 23.87
N GLN A 468 -6.21 -28.62 23.83
CA GLN A 468 -5.29 -27.71 24.48
C GLN A 468 -4.12 -27.34 23.61
N GLY A 469 -3.19 -26.58 24.18
CA GLY A 469 -1.92 -26.26 23.52
C GLY A 469 -0.82 -27.27 23.79
N ALA A 470 0.14 -27.37 22.87
CA ALA A 470 1.23 -28.31 23.01
C ALA A 470 2.55 -27.58 22.83
N VAL A 471 3.56 -28.07 23.55
CA VAL A 471 4.92 -27.68 23.33
C VAL A 471 5.73 -28.92 23.13
N ASP A 472 6.95 -28.64 22.74
CA ASP A 472 7.98 -29.61 22.48
C ASP A 472 8.02 -30.79 23.47
N GLU A 473 8.18 -30.50 24.75
CA GLU A 473 8.36 -31.53 25.75
C GLU A 473 7.13 -32.46 25.92
N GLN A 474 5.92 -31.90 25.88
CA GLN A 474 4.69 -32.71 26.00
C GLN A 474 4.64 -33.84 24.96
N LEU A 475 5.13 -33.61 23.75
CA LEU A 475 5.20 -34.69 22.78
C LEU A 475 6.14 -35.79 23.21
N TYR A 476 7.32 -35.42 23.70
CA TYR A 476 8.32 -36.41 24.09
C TYR A 476 7.77 -37.28 25.24
N ALA A 477 7.10 -36.63 26.18
CA ALA A 477 6.41 -37.34 27.27
C ALA A 477 5.52 -38.46 26.74
N GLY A 478 4.58 -38.08 25.87
CA GLY A 478 3.69 -39.01 25.19
C GLY A 478 4.39 -40.21 24.57
N LEU A 479 5.47 -39.97 23.85
CA LEU A 479 6.15 -41.05 23.14
C LEU A 479 6.88 -41.95 24.10
N GLN A 480 7.42 -41.35 25.16
CA GLN A 480 8.16 -42.03 26.22
C GLN A 480 7.26 -43.02 26.95
N SER A 481 6.12 -42.53 27.42
CA SER A 481 5.14 -43.36 28.11
C SER A 481 4.86 -44.68 27.39
N ALA A 482 4.78 -44.66 26.07
CA ALA A 482 4.46 -45.89 25.31
C ALA A 482 5.61 -46.89 25.24
N ILE A 483 6.79 -46.50 25.72
CA ILE A 483 7.96 -47.42 25.80
C ILE A 483 8.66 -47.49 27.14
N GLU A 484 8.11 -46.80 28.15
CA GLU A 484 8.67 -46.86 29.49
C GLU A 484 8.81 -48.32 29.92
N GLY A 485 9.98 -48.67 30.44
CA GLY A 485 10.27 -50.05 30.84
C GLY A 485 10.45 -51.08 29.72
N LYS A 486 10.11 -50.72 28.48
CA LYS A 486 10.11 -51.70 27.40
C LYS A 486 11.48 -51.95 26.78
N GLY A 487 12.49 -51.25 27.32
CA GLY A 487 13.88 -51.43 26.91
C GLY A 487 14.12 -51.36 25.41
N VAL A 488 13.46 -50.44 24.73
CA VAL A 488 13.61 -50.26 23.27
C VAL A 488 14.73 -49.23 22.99
N LEU A 489 14.91 -48.32 23.94
CA LEU A 489 16.08 -47.45 23.96
C LEU A 489 17.10 -47.98 24.98
N PRO A 490 18.40 -47.94 24.60
CA PRO A 490 19.49 -48.21 25.53
C PRO A 490 19.24 -47.56 26.91
N ASN A 491 19.83 -48.13 27.95
CA ASN A 491 19.45 -47.73 29.28
C ASN A 491 19.97 -46.34 29.63
N GLY A 492 19.11 -45.51 30.20
CA GLY A 492 19.48 -44.18 30.68
C GLY A 492 19.12 -43.11 29.67
N VAL A 493 18.50 -43.49 28.55
CA VAL A 493 18.19 -42.52 27.49
C VAL A 493 16.69 -42.31 27.25
N THR A 494 16.27 -41.05 27.38
CA THR A 494 14.90 -40.62 27.17
C THR A 494 14.59 -40.48 25.68
N VAL A 495 13.31 -40.48 25.32
CA VAL A 495 12.89 -39.97 24.02
C VAL A 495 13.32 -38.50 23.88
N ALA A 496 13.08 -37.70 24.91
CA ALA A 496 13.46 -36.28 24.94
C ALA A 496 14.98 -36.01 24.81
N GLN A 497 15.79 -36.90 25.35
CA GLN A 497 17.23 -36.69 25.26
C GLN A 497 17.61 -36.68 23.78
N ILE A 498 17.07 -37.65 23.04
CA ILE A 498 17.38 -37.84 21.64
C ILE A 498 16.85 -36.67 20.83
N MET A 499 15.56 -36.39 20.98
CA MET A 499 14.90 -35.44 20.10
C MET A 499 15.41 -34.03 20.27
N ARG A 500 15.85 -33.71 21.48
CA ARG A 500 16.39 -32.39 21.70
C ARG A 500 17.64 -32.13 20.88
N THR A 501 18.42 -33.16 20.61
CA THR A 501 19.65 -32.97 19.81
C THR A 501 19.26 -32.58 18.39
N TRP A 502 18.14 -33.11 17.92
CA TRP A 502 17.65 -32.83 16.56
C TRP A 502 16.76 -31.57 16.47
N THR A 503 16.13 -31.23 17.57
CA THR A 503 15.09 -30.24 17.62
C THR A 503 15.62 -28.86 17.85
N ASN A 504 16.65 -28.76 18.66
CA ASN A 504 17.23 -27.48 19.05
C ASN A 504 18.51 -27.09 18.29
N GLU A 505 18.81 -27.80 17.23
CA GLU A 505 20.00 -27.54 16.46
C GLU A 505 19.69 -27.43 14.96
N ALA A 506 20.17 -26.36 14.34
CA ALA A 506 20.07 -26.17 12.93
C ALA A 506 20.82 -27.23 12.15
N GLY A 507 20.18 -27.71 11.09
CA GLY A 507 20.85 -28.51 10.11
C GLY A 507 20.82 -29.96 10.53
N TYR A 508 21.66 -30.71 9.85
CA TYR A 508 21.76 -32.12 10.05
C TYR A 508 23.22 -32.56 9.90
N PRO A 509 23.57 -33.75 10.39
CA PRO A 509 24.93 -34.21 10.28
C PRO A 509 25.20 -35.02 9.03
N VAL A 510 26.47 -35.09 8.70
CA VAL A 510 26.96 -36.15 7.86
C VAL A 510 27.70 -37.12 8.76
N LEU A 511 27.48 -38.42 8.52
CA LEU A 511 28.15 -39.45 9.26
C LEU A 511 29.26 -40.00 8.39
N ASN A 512 30.48 -39.78 8.85
CA ASN A 512 31.66 -40.25 8.13
C ASN A 512 32.03 -41.63 8.57
N VAL A 513 32.26 -42.53 7.61
CA VAL A 513 32.65 -43.93 7.90
C VAL A 513 33.96 -44.34 7.22
N ARG A 514 34.97 -44.48 8.06
CA ARG A 514 36.32 -44.80 7.65
C ARG A 514 36.62 -46.23 8.10
N ARG A 515 36.99 -47.07 7.15
CA ARG A 515 37.41 -48.39 7.57
C ARG A 515 38.89 -48.63 7.52
N SER A 516 39.45 -48.94 8.70
CA SER A 516 40.75 -49.64 8.83
C SER A 516 40.37 -51.02 8.37
N TYR A 517 40.40 -51.19 7.05
CA TYR A 517 39.92 -52.37 6.35
C TYR A 517 40.64 -53.60 6.85
N ASP A 518 41.64 -53.99 6.07
CA ASP A 518 42.32 -55.27 6.25
C ASP A 518 42.91 -55.28 7.64
N THR A 519 42.04 -55.56 8.58
CA THR A 519 42.28 -55.30 9.98
C THR A 519 40.96 -55.25 10.74
N GLY A 520 39.83 -55.32 10.02
CA GLY A 520 38.52 -55.58 10.59
C GLY A 520 37.98 -54.56 11.59
N ASP A 521 38.10 -53.26 11.31
CA ASP A 521 37.41 -52.22 12.11
C ASP A 521 36.74 -51.14 11.28
N VAL A 522 35.88 -50.36 11.93
CA VAL A 522 35.30 -49.16 11.32
C VAL A 522 35.27 -48.04 12.34
N ILE A 523 35.66 -46.85 11.88
CA ILE A 523 35.47 -45.63 12.65
C ILE A 523 34.45 -44.75 11.98
N ILE A 524 33.57 -44.22 12.82
CA ILE A 524 32.52 -43.33 12.41
C ILE A 524 32.64 -42.07 13.21
N SER A 525 32.14 -41.00 12.61
CA SER A 525 32.21 -39.69 13.19
C SER A 525 31.22 -38.77 12.52
N GLN A 526 30.83 -37.73 13.27
CA GLN A 526 29.76 -36.81 12.87
C GLN A 526 30.20 -35.37 12.95
N GLU A 527 29.86 -34.65 11.90
CA GLU A 527 29.97 -33.20 11.86
C GLU A 527 28.74 -32.66 11.11
N ARG A 528 28.40 -31.39 11.39
CA ARG A 528 27.33 -30.72 10.67
C ARG A 528 27.62 -30.66 9.18
N PHE A 529 26.60 -30.95 8.36
CA PHE A 529 26.74 -30.90 6.91
C PHE A 529 26.25 -29.57 6.34
N TYR A 530 27.09 -28.95 5.52
CA TYR A 530 26.71 -27.78 4.76
C TYR A 530 26.93 -28.07 3.28
N ASN A 531 26.14 -27.40 2.44
CA ASN A 531 26.18 -27.64 0.99
C ASN A 531 27.42 -27.02 0.38
N ASP A 532 28.09 -26.20 1.19
CA ASP A 532 28.71 -24.93 0.81
C ASP A 532 30.12 -24.72 1.45
N ARG A 533 30.45 -25.52 2.46
CA ARG A 533 31.48 -25.21 3.41
C ARG A 533 31.60 -26.33 4.43
N LYS A 534 32.73 -26.33 5.13
CA LYS A 534 32.95 -27.27 6.22
C LYS A 534 33.31 -26.37 7.37
N VAL A 535 32.55 -26.45 8.45
CA VAL A 535 32.74 -25.57 9.58
C VAL A 535 32.51 -26.35 10.84
N PRO A 536 33.52 -26.40 11.73
CA PRO A 536 33.32 -27.23 12.90
C PRO A 536 32.14 -26.79 13.75
N ASN A 537 31.54 -27.73 14.48
CA ASN A 537 30.33 -27.46 15.26
C ASN A 537 30.43 -28.22 16.58
N THR A 538 30.00 -27.58 17.66
CA THR A 538 30.14 -28.16 19.02
C THR A 538 29.07 -29.19 19.35
N ASN A 539 27.82 -28.96 18.90
CA ASN A 539 26.68 -29.83 19.19
C ASN A 539 26.83 -31.25 18.66
N ILE A 540 26.26 -32.21 19.41
CA ILE A 540 26.40 -33.63 19.11
C ILE A 540 25.03 -34.29 18.97
N TRP A 541 24.68 -34.65 17.75
CA TRP A 541 23.41 -35.29 17.51
C TRP A 541 23.47 -36.72 18.05
N MET A 542 22.40 -37.12 18.73
CA MET A 542 22.25 -38.49 19.06
C MET A 542 21.69 -39.18 17.81
N ILE A 543 22.55 -39.92 17.12
CA ILE A 543 22.25 -40.44 15.80
C ILE A 543 22.04 -41.97 15.83
N PRO A 544 20.85 -42.42 15.37
CA PRO A 544 20.61 -43.83 15.21
C PRO A 544 21.11 -44.33 13.85
N TYR A 545 21.87 -45.42 13.89
CA TYR A 545 22.43 -45.98 12.69
C TYR A 545 22.33 -47.49 12.71
N ASN A 546 22.54 -48.07 11.54
CA ASN A 546 22.67 -49.49 11.38
C ASN A 546 23.56 -49.67 10.19
N TYR A 547 23.84 -50.88 9.76
CA TYR A 547 24.62 -51.06 8.55
C TYR A 547 24.47 -52.45 7.96
N VAL A 548 24.93 -52.60 6.73
CA VAL A 548 24.64 -53.76 5.93
C VAL A 548 25.82 -54.08 5.06
N HIS A 549 26.22 -55.36 4.99
CA HIS A 549 27.37 -55.75 4.18
C HIS A 549 27.03 -56.73 3.03
N GLN A 550 27.92 -56.79 2.04
CA GLN A 550 27.65 -57.37 0.71
C GLN A 550 27.13 -58.81 0.69
N ALA A 551 27.66 -59.66 1.57
CA ALA A 551 27.23 -61.07 1.65
C ALA A 551 25.84 -61.23 2.26
N LYS A 552 25.58 -60.49 3.34
CA LYS A 552 24.25 -60.38 3.95
C LYS A 552 23.63 -59.06 3.54
N ALA A 553 22.87 -59.05 2.44
CA ALA A 553 22.34 -57.79 1.88
C ALA A 553 20.85 -57.56 2.19
N ASP A 554 20.50 -57.55 3.47
CA ASP A 554 19.11 -57.36 3.91
C ASP A 554 18.86 -55.97 4.51
N PHE A 555 18.05 -55.16 3.84
CA PHE A 555 17.82 -53.78 4.26
C PHE A 555 16.44 -53.57 4.87
N ASN A 556 15.70 -54.65 5.13
CA ASN A 556 14.27 -54.49 5.44
C ASN A 556 13.91 -54.50 6.92
N GLU A 557 14.84 -54.81 7.80
CA GLU A 557 14.49 -54.87 9.22
C GLU A 557 15.03 -53.64 9.93
N PHE A 558 14.41 -53.27 11.03
CA PHE A 558 14.81 -52.09 11.81
C PHE A 558 15.00 -52.37 13.30
N ASP A 559 15.26 -53.63 13.61
CA ASP A 559 15.48 -54.06 14.98
C ASP A 559 16.89 -53.71 15.45
N ASP A 560 17.81 -53.52 14.51
CA ASP A 560 19.26 -53.49 14.83
C ASP A 560 19.79 -52.05 15.00
N PHE A 561 18.98 -51.16 15.56
CA PHE A 561 19.38 -49.75 15.62
C PHE A 561 20.43 -49.52 16.68
N GLN A 562 21.48 -48.83 16.27
CA GLN A 562 22.62 -48.53 17.10
C GLN A 562 22.66 -47.01 17.33
N TRP A 563 23.42 -46.54 18.33
CA TRP A 563 23.51 -45.08 18.57
C TRP A 563 24.91 -44.49 18.61
N LEU A 564 25.11 -43.37 17.92
CA LEU A 564 26.29 -42.53 18.13
C LEU A 564 25.88 -41.32 18.94
N ALA A 565 26.39 -41.22 20.15
CA ALA A 565 26.02 -40.17 21.09
C ALA A 565 27.22 -39.28 21.40
N THR A 566 28.31 -39.48 20.65
CA THR A 566 29.55 -38.70 20.78
C THR A 566 30.06 -38.30 19.40
N LYS A 567 31.15 -37.55 19.36
CA LYS A 567 31.68 -37.09 18.08
C LYS A 567 32.14 -38.19 17.15
N ALA A 568 32.74 -39.23 17.72
CA ALA A 568 33.23 -40.34 16.91
C ALA A 568 33.33 -41.64 17.74
N ALA A 569 33.52 -42.76 17.04
CA ALA A 569 33.49 -44.07 17.68
C ALA A 569 34.16 -45.13 16.83
N ARG A 570 34.71 -46.14 17.52
CA ARG A 570 35.25 -47.31 16.83
C ARG A 570 34.22 -48.42 16.84
N ILE A 571 33.93 -48.96 15.66
CA ILE A 571 33.01 -50.08 15.53
C ILE A 571 33.83 -51.27 15.16
N GLU A 572 33.80 -52.28 16.03
CA GLU A 572 34.52 -53.51 15.77
C GLU A 572 33.61 -54.41 14.96
N THR A 573 34.18 -55.12 14.01
CA THR A 573 33.35 -55.84 13.06
C THR A 573 34.06 -56.96 12.32
N THR A 574 33.26 -57.60 11.48
CA THR A 574 33.48 -58.95 11.02
C THR A 574 33.76 -58.99 9.50
N VAL A 575 33.65 -57.84 8.86
CA VAL A 575 33.41 -57.81 7.43
C VAL A 575 34.70 -57.81 6.63
N PRO A 576 34.77 -58.67 5.60
CA PRO A 576 35.94 -58.75 4.72
C PRO A 576 36.19 -57.48 3.94
N ALA A 577 37.47 -57.20 3.77
CA ALA A 577 37.96 -56.07 2.96
C ALA A 577 37.44 -56.08 1.53
N ASN A 578 36.92 -57.23 1.11
CA ASN A 578 36.36 -57.39 -0.24
C ASN A 578 34.86 -57.06 -0.29
N GLU A 579 34.17 -57.20 0.83
CA GLU A 579 32.75 -56.86 0.92
C GLU A 579 32.52 -55.35 1.18
N TRP A 580 31.54 -54.76 0.48
CA TRP A 580 31.10 -53.39 0.81
C TRP A 580 30.26 -53.32 2.08
N ILE A 581 30.23 -52.13 2.68
CA ILE A 581 29.29 -51.81 3.75
C ILE A 581 28.54 -50.54 3.39
N VAL A 582 27.29 -50.48 3.83
CA VAL A 582 26.45 -49.30 3.62
C VAL A 582 25.69 -49.05 4.91
N PHE A 583 25.66 -47.80 5.36
CA PHE A 583 25.17 -47.54 6.69
C PHE A 583 23.69 -47.26 6.88
N ASN A 584 23.10 -46.35 6.15
CA ASN A 584 21.76 -45.93 6.56
C ASN A 584 20.64 -46.71 5.88
N LYS A 585 20.02 -47.64 6.59
CA LYS A 585 19.01 -48.51 5.96
C LYS A 585 17.83 -47.71 5.45
N GLN A 586 17.66 -47.74 4.12
CA GLN A 586 16.57 -47.04 3.36
C GLN A 586 16.46 -45.52 3.61
N GLN A 587 17.60 -44.93 4.03
CA GLN A 587 17.71 -43.51 4.35
C GLN A 587 16.65 -43.03 5.35
N VAL A 588 16.35 -43.87 6.32
CA VAL A 588 15.39 -43.55 7.36
C VAL A 588 15.98 -42.54 8.35
N GLY A 589 17.28 -42.64 8.58
CA GLY A 589 18.02 -41.68 9.40
C GLY A 589 18.27 -40.36 8.68
N TYR A 590 18.03 -39.25 9.37
CA TYR A 590 18.12 -37.94 8.74
C TYR A 590 19.56 -37.43 8.75
N TYR A 591 20.38 -38.08 7.91
CA TYR A 591 21.77 -37.72 7.76
C TYR A 591 22.34 -38.29 6.48
N ARG A 592 23.37 -37.61 5.99
CA ARG A 592 24.10 -38.08 4.83
C ARG A 592 25.20 -39.00 5.30
N VAL A 593 25.74 -39.79 4.39
CA VAL A 593 26.80 -40.74 4.74
C VAL A 593 27.97 -40.67 3.74
N ASN A 594 29.18 -40.52 4.26
CA ASN A 594 30.39 -40.51 3.43
C ASN A 594 31.29 -41.68 3.81
N TYR A 595 31.93 -42.25 2.80
CA TYR A 595 32.78 -43.43 2.93
C TYR A 595 34.20 -43.15 2.40
N ASP A 596 35.15 -44.04 2.71
CA ASP A 596 36.47 -43.95 2.09
C ASP A 596 36.31 -44.32 0.62
N GLU A 597 37.24 -43.82 -0.19
CA GLU A 597 37.15 -44.04 -1.61
C GLU A 597 37.19 -45.53 -1.89
N HIS A 598 37.73 -46.28 -0.93
CA HIS A 598 37.80 -47.70 -1.08
C HIS A 598 36.35 -48.17 -1.11
N ASN A 599 35.69 -48.06 0.02
CA ASN A 599 34.32 -48.47 0.12
C ASN A 599 33.41 -47.84 -0.94
N TRP A 600 33.71 -46.62 -1.39
CA TRP A 600 32.92 -46.06 -2.48
C TRP A 600 33.13 -46.90 -3.74
N GLU A 601 34.35 -47.38 -3.95
CA GLU A 601 34.64 -48.14 -5.15
C GLU A 601 34.14 -49.59 -5.10
N LEU A 602 34.10 -50.16 -3.90
CA LEU A 602 33.55 -51.49 -3.72
C LEU A 602 32.11 -51.42 -4.16
N ILE A 603 31.42 -50.40 -3.61
CA ILE A 603 30.00 -50.19 -3.83
C ILE A 603 29.74 -50.03 -5.31
N THR A 604 30.52 -49.14 -5.91
CA THR A 604 30.42 -48.84 -7.34
C THR A 604 30.53 -50.09 -8.22
N ASN A 605 31.49 -50.94 -7.89
CA ASN A 605 31.71 -52.19 -8.64
C ASN A 605 30.56 -53.17 -8.48
N ALA A 606 30.11 -53.32 -7.24
CA ALA A 606 29.00 -54.17 -6.92
C ALA A 606 27.71 -53.81 -7.71
N LEU A 607 27.48 -52.52 -7.95
CA LEU A 607 26.31 -52.07 -8.71
C LEU A 607 26.53 -52.08 -10.22
N HIS A 608 27.77 -52.23 -10.63
CA HIS A 608 28.02 -52.47 -12.03
C HIS A 608 27.74 -53.94 -12.41
N GLU A 609 28.11 -54.87 -11.53
CA GLU A 609 27.98 -56.29 -11.86
C GLU A 609 26.54 -56.66 -11.73
N ASN A 610 25.91 -56.19 -10.66
CA ASN A 610 24.49 -56.40 -10.43
C ASN A 610 23.82 -55.14 -9.86
N TRP A 611 23.16 -54.39 -10.73
CA TRP A 611 22.56 -53.09 -10.37
C TRP A 611 21.46 -53.09 -9.30
N ALA A 612 20.93 -54.27 -9.00
CA ALA A 612 19.86 -54.38 -8.03
C ALA A 612 20.32 -55.10 -6.75
N SER A 613 21.63 -55.25 -6.60
CA SER A 613 22.21 -55.85 -5.39
C SER A 613 21.98 -55.06 -4.08
N ILE A 614 21.76 -53.74 -4.20
CA ILE A 614 21.48 -52.86 -3.05
C ILE A 614 20.06 -52.32 -3.12
N HIS A 615 19.42 -52.16 -1.97
CA HIS A 615 18.06 -51.63 -1.93
C HIS A 615 17.96 -50.29 -2.69
N ARG A 616 16.94 -50.19 -3.51
CA ARG A 616 16.75 -49.10 -4.43
C ARG A 616 16.70 -47.74 -3.74
N LEU A 617 16.23 -47.70 -2.51
CA LEU A 617 16.26 -46.45 -1.72
C LEU A 617 17.65 -46.13 -1.28
N ASN A 618 18.41 -47.16 -0.97
CA ASN A 618 19.81 -46.94 -0.66
C ASN A 618 20.64 -46.57 -1.90
N ARG A 619 20.27 -47.09 -3.07
CA ARG A 619 20.91 -46.65 -4.30
C ARG A 619 20.60 -45.16 -4.46
N ALA A 620 19.36 -44.77 -4.15
CA ALA A 620 18.94 -43.36 -4.24
C ALA A 620 19.66 -42.48 -3.23
N GLN A 621 19.90 -43.02 -2.04
CA GLN A 621 20.69 -42.33 -1.04
C GLN A 621 22.12 -42.08 -1.55
N LEU A 622 22.73 -43.15 -2.06
CA LEU A 622 24.10 -43.06 -2.55
C LEU A 622 24.21 -42.03 -3.67
N ILE A 623 23.25 -42.02 -4.59
CA ILE A 623 23.30 -41.10 -5.69
C ILE A 623 23.26 -39.63 -5.19
N ASP A 624 22.29 -39.33 -4.34
CA ASP A 624 22.11 -37.98 -3.83
C ASP A 624 23.21 -37.58 -2.85
N ASP A 625 23.65 -38.53 -2.04
CA ASP A 625 24.75 -38.28 -1.11
C ASP A 625 26.03 -37.97 -1.91
N ALA A 626 26.39 -38.82 -2.85
CA ALA A 626 27.57 -38.59 -3.66
C ALA A 626 27.50 -37.22 -4.29
N TYR A 627 26.36 -36.90 -4.87
CA TYR A 627 26.14 -35.63 -5.50
C TYR A 627 26.47 -34.49 -4.55
N TRP A 628 25.84 -34.46 -3.39
CA TRP A 628 26.05 -33.35 -2.47
C TRP A 628 27.40 -33.38 -1.78
N LEU A 629 27.96 -34.55 -1.57
CA LEU A 629 29.26 -34.60 -0.94
C LEU A 629 30.28 -33.97 -1.90
N ALA A 630 30.16 -34.29 -3.17
CA ALA A 630 31.05 -33.72 -4.17
C ALA A 630 30.89 -32.22 -4.27
N ARG A 631 29.65 -31.75 -4.24
CA ARG A 631 29.43 -30.30 -4.32
C ARG A 631 29.99 -29.55 -3.12
N SER A 632 29.94 -30.15 -1.95
CA SER A 632 30.44 -29.48 -0.80
C SER A 632 31.96 -29.64 -0.70
N GLY A 633 32.54 -30.46 -1.55
CA GLY A 633 33.97 -30.78 -1.48
C GLY A 633 34.36 -31.67 -0.29
N ARG A 634 33.43 -32.52 0.14
CA ARG A 634 33.72 -33.57 1.08
C ARG A 634 33.99 -34.88 0.34
N LEU A 635 33.88 -34.87 -0.99
CA LEU A 635 34.21 -36.06 -1.77
C LEU A 635 34.68 -35.69 -3.17
N ASP A 636 35.69 -36.41 -3.63
CA ASP A 636 36.22 -36.25 -4.98
C ASP A 636 35.12 -36.44 -6.03
N LEU A 637 34.90 -35.39 -6.81
CA LEU A 637 33.87 -35.39 -7.84
C LEU A 637 34.04 -36.58 -8.75
N ARG A 638 35.29 -36.87 -9.09
CA ARG A 638 35.61 -38.01 -9.94
C ARG A 638 35.03 -39.34 -9.42
N VAL A 639 35.07 -39.53 -8.12
CA VAL A 639 34.48 -40.71 -7.50
C VAL A 639 32.96 -40.75 -7.69
N ALA A 640 32.29 -39.67 -7.31
CA ALA A 640 30.82 -39.58 -7.41
C ALA A 640 30.32 -39.82 -8.83
N LEU A 641 30.98 -39.21 -9.81
CA LEU A 641 30.66 -39.45 -11.23
C LEU A 641 30.92 -40.87 -11.70
N ARG A 642 31.99 -41.48 -11.21
CA ARG A 642 32.25 -42.88 -11.44
C ARG A 642 31.07 -43.70 -10.89
N PHE A 643 30.64 -43.40 -9.67
CA PHE A 643 29.56 -44.15 -9.05
C PHE A 643 28.27 -44.10 -9.84
N MET A 644 28.08 -43.05 -10.62
CA MET A 644 26.84 -42.87 -11.37
C MET A 644 26.80 -43.57 -12.72
N THR A 645 27.95 -43.96 -13.24
CA THR A 645 27.97 -44.76 -14.46
C THR A 645 27.12 -46.02 -14.34
N TYR A 646 26.91 -46.53 -13.12
CA TYR A 646 26.10 -47.76 -12.93
C TYR A 646 24.66 -47.65 -13.44
N LEU A 647 24.17 -46.43 -13.59
CA LEU A 647 22.82 -46.16 -14.01
C LEU A 647 22.42 -46.71 -15.41
N ARG A 648 23.38 -46.99 -16.29
CA ARG A 648 23.10 -47.74 -17.53
C ARG A 648 22.10 -48.85 -17.28
N ASN A 649 22.30 -49.54 -16.17
CA ASN A 649 21.53 -50.75 -15.86
C ASN A 649 20.32 -50.52 -14.97
N GLU A 650 20.32 -49.39 -14.27
CA GLU A 650 19.23 -49.03 -13.35
C GLU A 650 17.86 -49.00 -14.05
N ARG A 651 16.82 -49.42 -13.32
CA ARG A 651 15.48 -49.52 -13.89
C ARG A 651 14.32 -49.09 -12.99
N GLU A 652 14.60 -48.60 -11.79
CA GLU A 652 13.55 -48.23 -10.85
C GLU A 652 13.40 -46.71 -10.59
N TYR A 653 12.25 -46.33 -10.01
CA TYR A 653 11.82 -44.95 -9.86
C TYR A 653 12.73 -44.14 -8.90
N ALA A 654 12.97 -44.65 -7.70
CA ALA A 654 13.67 -43.85 -6.70
C ALA A 654 15.05 -43.39 -7.21
N PRO A 655 15.91 -44.33 -7.61
CA PRO A 655 17.27 -43.92 -7.97
C PRO A 655 17.31 -42.95 -9.12
N TRP A 656 16.49 -43.19 -10.14
CA TRP A 656 16.47 -42.29 -11.28
C TRP A 656 15.97 -40.89 -10.91
N THR A 657 15.02 -40.82 -9.98
CA THR A 657 14.56 -39.53 -9.45
C THR A 657 15.68 -38.78 -8.73
N ALA A 658 16.45 -39.49 -7.92
CA ALA A 658 17.62 -38.93 -7.27
C ALA A 658 18.64 -38.43 -8.32
N ALA A 659 18.97 -39.31 -9.25
CA ALA A 659 19.87 -38.99 -10.32
C ALA A 659 19.46 -37.76 -11.07
N ASN A 660 18.15 -37.61 -11.28
CA ASN A 660 17.62 -36.52 -12.05
C ASN A 660 17.96 -35.13 -11.48
N VAL A 661 18.10 -35.06 -10.17
CA VAL A 661 18.54 -33.82 -9.54
C VAL A 661 20.00 -33.47 -9.78
N ALA A 662 20.89 -34.45 -9.67
CA ALA A 662 22.32 -34.26 -9.94
C ALA A 662 22.55 -33.89 -11.39
N LEU A 663 21.96 -34.68 -12.27
CA LEU A 663 22.07 -34.45 -13.71
C LEU A 663 21.54 -33.08 -14.14
N THR A 664 20.47 -32.63 -13.47
CA THR A 664 19.83 -31.38 -13.82
C THR A 664 20.82 -30.25 -13.53
N TYR A 665 21.53 -30.38 -12.40
CA TYR A 665 22.47 -29.36 -11.97
C TYR A 665 23.60 -29.29 -12.97
N PHE A 666 24.14 -30.44 -13.35
CA PHE A 666 25.23 -30.43 -14.29
C PHE A 666 24.78 -29.96 -15.65
N ASN A 667 23.57 -30.35 -16.00
CA ASN A 667 23.04 -29.95 -17.26
C ASN A 667 22.94 -28.44 -17.33
N ASN A 668 22.42 -27.83 -16.28
CA ASN A 668 22.27 -26.38 -16.28
C ASN A 668 23.59 -25.61 -16.29
N ARG A 669 24.66 -26.17 -15.71
CA ARG A 669 25.95 -25.46 -15.68
C ARG A 669 26.70 -25.63 -16.98
N LEU A 670 26.52 -26.75 -17.68
CA LEU A 670 27.24 -26.99 -18.93
C LEU A 670 26.58 -26.43 -20.17
N ARG A 671 25.27 -26.23 -20.08
CA ARG A 671 24.45 -25.95 -21.22
C ARG A 671 25.02 -25.05 -22.28
N GLY A 672 25.25 -23.79 -22.00
CA GLY A 672 25.78 -22.93 -23.08
C GLY A 672 27.25 -23.08 -23.49
N THR A 673 27.97 -24.05 -22.91
CA THR A 673 29.44 -24.15 -22.99
C THR A 673 29.92 -25.17 -24.03
N ALA A 674 31.20 -25.13 -24.36
CA ALA A 674 31.80 -26.08 -25.33
C ALA A 674 31.77 -27.52 -24.86
N GLU A 675 32.05 -27.73 -23.60
CA GLU A 675 32.08 -29.05 -23.01
C GLU A 675 30.69 -29.72 -22.99
N TYR A 676 29.66 -29.00 -23.39
CA TYR A 676 28.30 -29.49 -23.30
C TYR A 676 28.03 -30.76 -24.09
N HIS A 677 28.62 -30.84 -25.27
CA HIS A 677 28.52 -32.04 -26.10
C HIS A 677 28.91 -33.32 -25.34
N ASN A 678 30.00 -33.26 -24.58
CA ASN A 678 30.50 -34.41 -23.87
C ASN A 678 29.57 -34.80 -22.72
N PHE A 679 28.83 -33.84 -22.20
CA PHE A 679 27.84 -34.11 -21.18
C PHE A 679 26.70 -34.91 -21.80
N LEU A 680 26.23 -34.43 -22.94
CA LEU A 680 25.16 -35.11 -23.65
C LEU A 680 25.53 -36.56 -23.90
N ILE A 681 26.73 -36.77 -24.43
CA ILE A 681 27.25 -38.10 -24.69
C ILE A 681 27.20 -38.92 -23.41
N PHE A 682 27.75 -38.37 -22.35
CA PHE A 682 27.77 -39.07 -21.07
C PHE A 682 26.36 -39.51 -20.59
N VAL A 683 25.37 -38.63 -20.74
CA VAL A 683 24.04 -38.96 -20.26
C VAL A 683 23.32 -39.93 -21.19
N ASP A 684 23.55 -39.77 -22.50
CA ASP A 684 23.03 -40.72 -23.51
C ASP A 684 23.41 -42.12 -23.06
N ALA A 685 24.68 -42.29 -22.70
CA ALA A 685 25.22 -43.55 -22.21
C ALA A 685 24.42 -44.08 -21.03
N LEU A 686 23.99 -43.20 -20.14
CA LEU A 686 23.23 -43.59 -18.95
C LEU A 686 21.78 -44.05 -19.16
N ILE A 687 21.11 -43.48 -20.15
CA ILE A 687 19.72 -43.74 -20.33
C ILE A 687 19.36 -44.65 -21.48
N GLU A 688 20.07 -44.58 -22.60
CA GLU A 688 19.64 -45.26 -23.83
C GLU A 688 19.08 -46.66 -23.65
N ASP A 689 19.62 -47.45 -22.71
CA ASP A 689 19.04 -48.76 -22.39
C ASP A 689 17.62 -48.63 -21.86
N ILE A 690 17.50 -48.05 -20.67
CA ILE A 690 16.21 -47.91 -20.01
C ILE A 690 15.19 -47.26 -20.93
N TYR A 691 15.63 -46.44 -21.86
CA TYR A 691 14.79 -46.04 -22.97
C TYR A 691 14.49 -47.34 -23.80
N SER A 692 13.80 -48.27 -23.14
CA SER A 692 13.09 -49.42 -23.72
C SER A 692 11.75 -49.43 -22.92
N LEU A 693 11.10 -48.26 -22.87
CA LEU A 693 9.76 -48.13 -22.34
C LEU A 693 8.89 -47.67 -23.48
N LEU A 694 7.63 -47.41 -23.18
CA LEU A 694 6.76 -46.82 -24.16
C LEU A 694 6.51 -45.43 -23.66
N THR A 695 6.84 -44.47 -24.51
CA THR A 695 6.57 -43.07 -24.26
C THR A 695 5.51 -42.55 -25.22
N ILE A 696 5.30 -43.25 -26.34
CA ILE A 696 4.40 -42.85 -27.43
C ILE A 696 2.98 -42.94 -26.91
N ASP A 697 2.70 -44.02 -26.22
CA ASP A 697 1.34 -44.31 -25.87
C ASP A 697 1.39 -44.88 -24.48
N ALA A 698 2.50 -44.55 -23.82
CA ALA A 698 2.98 -45.21 -22.58
C ALA A 698 1.88 -45.94 -21.84
N VAL A 699 0.67 -45.40 -21.92
CA VAL A 699 -0.31 -45.74 -20.94
C VAL A 699 -0.97 -47.02 -21.34
N SER A 700 -0.53 -48.08 -20.66
CA SER A 700 -1.27 -49.33 -20.52
C SER A 700 -1.97 -49.30 -19.17
N PRO A 701 -3.14 -49.94 -19.09
CA PRO A 701 -3.86 -49.94 -17.84
C PRO A 701 -3.10 -50.59 -16.70
N ASP A 702 -2.06 -51.37 -16.99
CA ASP A 702 -1.42 -52.14 -15.94
C ASP A 702 -0.17 -51.43 -15.44
N ASP A 703 0.19 -50.25 -15.94
CA ASP A 703 1.47 -49.71 -15.49
C ASP A 703 1.25 -48.75 -14.30
N THR A 704 2.11 -48.87 -13.30
CA THR A 704 1.87 -48.31 -11.96
C THR A 704 2.14 -46.78 -11.86
N LEU A 705 1.77 -46.21 -10.73
CA LEU A 705 2.11 -44.85 -10.41
C LEU A 705 3.64 -44.61 -10.58
N LEU A 706 4.42 -45.38 -9.85
CA LEU A 706 5.85 -45.25 -9.94
C LEU A 706 6.35 -45.39 -11.34
N HIS A 707 5.72 -46.24 -12.13
CA HIS A 707 6.16 -46.38 -13.51
C HIS A 707 5.95 -45.05 -14.26
N LYS A 708 4.83 -44.39 -13.98
CA LYS A 708 4.50 -43.16 -14.64
C LYS A 708 5.54 -42.07 -14.36
N TYR A 709 5.88 -41.89 -13.09
CA TYR A 709 6.95 -40.98 -12.77
C TYR A 709 8.23 -41.32 -13.54
N LEU A 710 8.64 -42.58 -13.46
CA LEU A 710 9.84 -43.05 -14.15
C LEU A 710 9.81 -42.71 -15.62
N VAL A 711 8.70 -43.01 -16.29
CA VAL A 711 8.58 -42.73 -17.72
C VAL A 711 8.73 -41.24 -17.99
N GLN A 712 8.23 -40.43 -17.08
CA GLN A 712 8.23 -39.00 -17.32
C GLN A 712 9.67 -38.45 -17.21
N THR A 713 10.38 -38.90 -16.19
CA THR A 713 11.74 -38.55 -16.02
C THR A 713 12.64 -39.00 -17.18
N ILE A 714 12.52 -40.24 -17.65
CA ILE A 714 13.42 -40.71 -18.70
C ILE A 714 13.15 -40.11 -20.06
N SER A 715 11.88 -40.02 -20.40
CA SER A 715 11.51 -39.47 -21.70
C SER A 715 11.87 -37.98 -21.72
N THR A 716 11.77 -37.34 -20.57
CA THR A 716 12.08 -35.90 -20.47
C THR A 716 13.56 -35.68 -20.91
N TRP A 717 14.44 -36.42 -20.26
CA TRP A 717 15.84 -36.39 -20.62
C TRP A 717 16.12 -36.69 -22.07
N ALA A 718 15.47 -37.72 -22.61
CA ALA A 718 15.73 -38.14 -24.01
C ALA A 718 15.35 -37.02 -24.96
N CYS A 719 14.21 -36.42 -24.68
CA CYS A 719 13.74 -35.33 -25.50
C CYS A 719 14.64 -34.08 -25.29
N SER A 720 15.08 -33.80 -24.06
CA SER A 720 16.01 -32.71 -23.81
C SER A 720 17.21 -32.89 -24.70
N MET A 721 17.75 -34.08 -24.70
CA MET A 721 18.92 -34.35 -25.50
C MET A 721 18.71 -34.43 -27.01
N GLY A 722 17.46 -34.42 -27.47
CA GLY A 722 17.22 -34.45 -28.91
C GLY A 722 17.17 -35.83 -29.52
N TYR A 723 16.99 -36.88 -28.69
CA TYR A 723 16.65 -38.21 -29.22
C TYR A 723 15.57 -37.99 -30.27
N THR A 724 15.87 -38.34 -31.51
CA THR A 724 14.92 -38.08 -32.58
C THR A 724 13.69 -39.00 -32.51
N ASP A 725 13.86 -40.17 -31.91
CA ASP A 725 12.77 -41.04 -31.64
C ASP A 725 11.75 -40.36 -30.71
N CYS A 726 12.24 -39.82 -29.59
CA CYS A 726 11.42 -39.06 -28.64
C CYS A 726 10.75 -37.82 -29.29
N LEU A 727 11.51 -37.07 -30.08
CA LEU A 727 11.01 -35.82 -30.62
C LEU A 727 9.98 -36.06 -31.70
N MET A 728 10.09 -37.18 -32.39
CA MET A 728 9.20 -37.49 -33.52
C MET A 728 7.91 -38.10 -33.06
N LYS A 729 7.99 -38.97 -32.08
CA LYS A 729 6.80 -39.54 -31.48
C LYS A 729 5.89 -38.52 -30.76
N THR A 730 6.49 -37.66 -29.95
CA THR A 730 5.73 -36.66 -29.26
C THR A 730 5.12 -35.75 -30.31
N ALA A 731 5.93 -35.33 -31.28
CA ALA A 731 5.46 -34.43 -32.32
C ALA A 731 4.24 -35.02 -33.05
N ALA A 732 4.27 -36.32 -33.28
CA ALA A 732 3.20 -36.98 -34.03
C ALA A 732 1.92 -37.02 -33.21
N LEU A 733 2.05 -37.39 -31.93
CA LEU A 733 0.90 -37.46 -31.02
C LEU A 733 0.12 -36.20 -30.89
N LEU A 734 0.85 -35.12 -30.69
CA LEU A 734 0.26 -33.81 -30.64
C LEU A 734 -0.45 -33.59 -31.97
N LYS A 735 0.26 -33.82 -33.07
CA LYS A 735 -0.36 -33.68 -34.42
C LYS A 735 -1.63 -34.51 -34.57
N ALA A 736 -1.59 -35.75 -34.09
CA ALA A 736 -2.74 -36.65 -34.10
C ALA A 736 -3.95 -36.12 -33.32
N GLU A 737 -3.71 -35.50 -32.17
CA GLU A 737 -4.80 -34.90 -31.39
C GLU A 737 -5.30 -33.56 -31.97
N ALA A 738 -4.39 -32.70 -32.42
CA ALA A 738 -4.83 -31.39 -32.95
C ALA A 738 -5.54 -31.52 -34.31
N SER A 739 -5.35 -32.65 -34.98
CA SER A 739 -5.78 -32.82 -36.37
C SER A 739 -7.12 -33.49 -36.51
N GLY A 740 -7.41 -34.44 -35.61
CA GLY A 740 -8.54 -35.35 -35.76
C GLY A 740 -8.09 -36.76 -36.05
N THR A 741 -6.88 -36.90 -36.56
CA THR A 741 -6.28 -38.19 -36.91
C THR A 741 -6.35 -39.21 -35.79
N GLY A 742 -6.37 -38.74 -34.55
CA GLY A 742 -6.18 -39.62 -33.43
C GLY A 742 -6.83 -39.10 -32.16
N PRO A 743 -6.75 -39.89 -31.08
CA PRO A 743 -7.40 -39.51 -29.83
C PRO A 743 -6.64 -38.40 -29.11
N ALA A 744 -7.19 -37.86 -28.04
CA ALA A 744 -6.42 -36.94 -27.21
C ALA A 744 -5.27 -37.72 -26.59
N VAL A 745 -4.20 -37.01 -26.29
CA VAL A 745 -3.03 -37.56 -25.68
C VAL A 745 -3.43 -37.93 -24.29
N HIS A 746 -3.04 -39.09 -23.81
CA HIS A 746 -3.41 -39.47 -22.46
C HIS A 746 -2.72 -38.52 -21.48
N PRO A 747 -3.43 -38.07 -20.44
CA PRO A 747 -2.88 -37.10 -19.50
C PRO A 747 -1.54 -37.49 -18.86
N ASP A 748 -1.41 -38.75 -18.46
CA ASP A 748 -0.19 -39.23 -17.87
C ASP A 748 1.07 -39.14 -18.76
N ILE A 749 0.92 -38.71 -20.00
CA ILE A 749 2.03 -38.52 -20.94
C ILE A 749 1.97 -37.13 -21.62
N ALA A 750 1.01 -36.30 -21.19
CA ALA A 750 0.74 -35.00 -21.82
C ALA A 750 1.84 -33.94 -21.56
N SER A 751 2.31 -33.86 -20.32
CA SER A 751 3.36 -32.95 -19.93
C SER A 751 4.52 -33.03 -20.91
N VAL A 752 5.07 -34.24 -21.10
CA VAL A 752 6.19 -34.42 -21.99
C VAL A 752 5.76 -34.14 -23.44
N THR A 753 4.69 -34.82 -23.87
CA THR A 753 4.23 -34.81 -25.26
C THR A 753 3.86 -33.42 -25.77
N TYR A 754 3.27 -32.61 -24.90
CA TYR A 754 2.81 -31.30 -25.33
C TYR A 754 3.96 -30.30 -25.41
N CYS A 755 4.95 -30.47 -24.54
CA CYS A 755 6.11 -29.59 -24.56
C CYS A 755 7.03 -29.93 -25.72
N TYR A 756 7.62 -31.12 -25.74
CA TYR A 756 8.47 -31.58 -26.83
C TYR A 756 7.38 -32.01 -27.72
N GLY A 757 7.40 -31.71 -28.98
CA GLY A 757 6.17 -32.06 -29.72
C GLY A 757 5.66 -30.76 -30.19
N MET A 758 5.70 -29.79 -29.31
CA MET A 758 5.60 -28.40 -29.73
C MET A 758 6.93 -27.83 -30.25
N ARG A 759 8.06 -28.49 -29.98
CA ARG A 759 9.39 -27.93 -30.34
C ARG A 759 9.46 -27.28 -31.71
N SER A 760 9.25 -28.07 -32.75
CA SER A 760 9.23 -27.56 -34.11
C SER A 760 7.86 -27.76 -34.74
N ALA A 761 6.80 -27.60 -33.97
CA ALA A 761 5.47 -27.77 -34.50
C ALA A 761 5.05 -26.54 -35.31
N LEU A 762 4.10 -26.75 -36.20
CA LEU A 762 3.61 -25.65 -37.03
C LEU A 762 2.44 -24.89 -36.39
N GLU A 763 2.11 -23.76 -37.00
CA GLU A 763 1.06 -22.87 -36.55
C GLU A 763 -0.26 -23.53 -36.16
N SER A 764 -0.68 -24.57 -36.88
CA SER A 764 -1.98 -25.16 -36.58
C SER A 764 -1.95 -25.88 -35.24
N GLU A 765 -0.85 -26.56 -34.91
CA GLU A 765 -0.75 -27.29 -33.63
C GLU A 765 -0.52 -26.35 -32.44
N PHE A 766 0.18 -25.24 -32.69
CA PHE A 766 0.38 -24.21 -31.67
C PHE A 766 -0.97 -23.54 -31.38
N GLN A 767 -1.70 -23.19 -32.43
CA GLN A 767 -2.99 -22.53 -32.24
C GLN A 767 -3.96 -23.47 -31.54
N TYR A 768 -3.88 -24.76 -31.89
CA TYR A 768 -4.82 -25.74 -31.37
C TYR A 768 -4.67 -25.82 -29.86
N LEU A 769 -3.42 -25.95 -29.46
CA LEU A 769 -3.08 -26.07 -28.04
C LEU A 769 -3.40 -24.81 -27.28
N TYR A 770 -3.21 -23.68 -27.96
CA TYR A 770 -3.50 -22.38 -27.39
C TYR A 770 -5.01 -22.17 -27.18
N ARG A 771 -5.83 -22.54 -28.17
CA ARG A 771 -7.29 -22.41 -28.04
C ARG A 771 -7.82 -23.37 -26.99
N LYS A 772 -7.17 -24.54 -26.90
CA LYS A 772 -7.53 -25.53 -25.90
C LYS A 772 -7.33 -24.96 -24.51
N MET A 773 -6.21 -24.29 -24.31
CA MET A 773 -5.94 -23.68 -23.01
C MET A 773 -6.95 -22.57 -22.68
N MET A 774 -7.20 -21.72 -23.65
CA MET A 774 -8.07 -20.59 -23.41
C MET A 774 -9.50 -21.01 -23.11
N ASN A 775 -9.93 -22.20 -23.58
CA ASN A 775 -11.26 -22.73 -23.38
C ASN A 775 -11.44 -23.60 -22.16
N SER A 776 -10.34 -24.05 -21.60
CA SER A 776 -10.39 -24.84 -20.41
C SER A 776 -10.78 -23.94 -19.27
N LYS A 777 -11.61 -24.45 -18.38
CA LYS A 777 -11.87 -23.77 -17.13
C LYS A 777 -11.17 -24.47 -16.00
N ASN A 778 -10.19 -25.29 -16.33
CA ASN A 778 -9.39 -26.00 -15.35
C ASN A 778 -7.98 -25.40 -15.16
N LEU A 779 -7.69 -24.90 -13.96
CA LEU A 779 -6.44 -24.17 -13.72
C LEU A 779 -5.22 -25.03 -13.96
N ALA A 780 -5.25 -26.25 -13.48
CA ALA A 780 -4.02 -27.05 -13.62
C ALA A 780 -3.79 -27.35 -15.08
N GLU A 781 -4.86 -27.67 -15.80
CA GLU A 781 -4.73 -27.88 -17.22
C GLU A 781 -4.12 -26.63 -17.86
N ARG A 782 -4.72 -25.48 -17.60
CA ARG A 782 -4.28 -24.26 -18.21
C ARG A 782 -2.80 -24.05 -18.01
N THR A 783 -2.32 -24.33 -16.80
CA THR A 783 -0.94 -24.11 -16.46
C THR A 783 -0.05 -25.01 -17.30
N MET A 784 -0.43 -26.28 -17.41
CA MET A 784 0.35 -27.23 -18.17
C MET A 784 0.40 -26.85 -19.66
N LEU A 785 -0.72 -26.42 -20.19
CA LEU A 785 -0.73 -25.97 -21.56
C LEU A 785 0.08 -24.66 -21.75
N ILE A 786 0.07 -23.76 -20.79
CA ILE A 786 0.86 -22.53 -20.90
C ILE A 786 2.34 -22.84 -20.92
N ASP A 787 2.75 -23.71 -20.01
CA ASP A 787 4.11 -24.23 -20.04
C ASP A 787 4.44 -24.94 -21.36
N SER A 788 3.47 -25.66 -21.90
CA SER A 788 3.71 -26.46 -23.09
C SER A 788 3.90 -25.61 -24.31
N LEU A 789 3.11 -24.54 -24.40
CA LEU A 789 3.27 -23.59 -25.48
C LEU A 789 4.64 -22.93 -25.37
N GLY A 790 5.10 -22.78 -24.15
CA GLY A 790 6.39 -22.17 -23.88
C GLY A 790 7.56 -22.87 -24.48
N CYS A 791 7.38 -24.14 -24.78
CA CYS A 791 8.43 -24.98 -25.34
C CYS A 791 8.61 -24.88 -26.87
N SER A 792 7.86 -24.01 -27.55
CA SER A 792 8.13 -23.83 -28.98
C SER A 792 9.56 -23.38 -29.15
N ASN A 793 10.20 -23.76 -30.25
CA ASN A 793 11.48 -23.15 -30.65
C ASN A 793 11.29 -21.98 -31.57
N ASN A 794 10.06 -21.73 -31.98
CA ASN A 794 9.76 -20.65 -32.86
C ASN A 794 9.62 -19.31 -32.09
N LYS A 795 10.61 -18.43 -32.23
CA LYS A 795 10.62 -17.11 -31.55
C LYS A 795 9.46 -16.20 -31.92
N GLU A 796 8.95 -16.32 -33.14
CA GLU A 796 7.82 -15.49 -33.54
C GLU A 796 6.53 -15.96 -32.86
N PHE A 797 6.37 -17.28 -32.70
CA PHE A 797 5.24 -17.82 -31.93
C PHE A 797 5.34 -17.30 -30.46
N LEU A 798 6.51 -17.46 -29.87
CA LEU A 798 6.70 -17.09 -28.49
C LEU A 798 6.33 -15.62 -28.25
N LYS A 799 6.70 -14.75 -29.18
CA LYS A 799 6.52 -13.32 -28.95
C LYS A 799 5.05 -13.01 -29.09
N ALA A 800 4.39 -13.65 -30.03
CA ALA A 800 2.96 -13.42 -30.19
C ALA A 800 2.25 -13.92 -28.93
N PHE A 801 2.72 -15.07 -28.44
CA PHE A 801 2.17 -15.70 -27.27
C PHE A 801 2.32 -14.74 -26.12
N LEU A 802 3.48 -14.12 -26.00
CA LEU A 802 3.70 -13.19 -24.92
C LEU A 802 2.78 -11.99 -25.04
N THR A 803 2.53 -11.57 -26.26
CA THR A 803 1.66 -10.41 -26.47
C THR A 803 0.25 -10.64 -25.92
N THR A 804 -0.22 -11.88 -26.01
CA THR A 804 -1.55 -12.23 -25.49
C THR A 804 -1.66 -12.03 -23.97
N ALA A 805 -0.58 -12.27 -23.26
CA ALA A 805 -0.54 -11.99 -21.81
C ALA A 805 -0.57 -10.50 -21.47
N LEU A 806 -0.37 -9.63 -22.47
CA LEU A 806 -0.42 -8.20 -22.24
C LEU A 806 -1.73 -7.62 -22.78
N GLY A 807 -2.22 -6.58 -22.12
CA GLY A 807 -3.30 -5.75 -22.64
C GLY A 807 -4.70 -6.16 -22.19
N SER A 808 -5.22 -7.26 -22.76
CA SER A 808 -6.64 -7.67 -22.66
C SER A 808 -7.47 -7.04 -23.78
N ILE A 814 -9.74 -13.57 -24.85
CA ILE A 814 -8.68 -13.93 -23.87
C ILE A 814 -9.09 -13.71 -22.43
N ASN A 815 -8.68 -14.63 -21.55
CA ASN A 815 -9.14 -14.57 -20.18
C ASN A 815 -8.17 -14.96 -19.05
N TYR A 816 -6.87 -14.82 -19.26
CA TYR A 816 -5.91 -15.01 -18.18
C TYR A 816 -6.31 -14.36 -16.84
N ARG A 817 -6.09 -15.09 -15.76
CA ARG A 817 -5.88 -14.50 -14.42
C ARG A 817 -4.50 -13.86 -14.35
N ALA A 818 -4.30 -12.98 -13.37
CA ALA A 818 -3.04 -12.34 -13.16
C ALA A 818 -1.91 -13.37 -13.05
N ASP A 819 -2.12 -14.39 -12.23
CA ASP A 819 -1.12 -15.43 -12.03
C ASP A 819 -0.80 -16.10 -13.36
N GLU A 820 -1.77 -16.25 -14.24
CA GLU A 820 -1.53 -16.91 -15.53
C GLU A 820 -0.71 -16.04 -16.47
N ARG A 821 -0.92 -14.73 -16.45
CA ARG A 821 -0.16 -13.86 -17.33
C ARG A 821 1.33 -13.96 -16.97
N ARG A 822 1.63 -13.83 -15.69
CA ARG A 822 2.94 -14.13 -15.15
C ARG A 822 3.45 -15.53 -15.59
N ARG A 823 2.55 -16.48 -15.65
CA ARG A 823 2.95 -17.83 -16.00
C ARG A 823 3.49 -17.93 -17.43
N VAL A 824 2.89 -17.15 -18.33
CA VAL A 824 3.29 -17.12 -19.72
C VAL A 824 4.73 -16.67 -19.85
N VAL A 825 5.08 -15.59 -19.15
CA VAL A 825 6.47 -15.17 -19.11
C VAL A 825 7.38 -16.31 -18.66
N GLN A 826 7.03 -16.92 -17.55
CA GLN A 826 7.80 -18.01 -17.02
C GLN A 826 7.91 -19.22 -17.94
N ALA A 827 6.82 -19.56 -18.62
CA ALA A 827 6.85 -20.66 -19.57
C ALA A 827 7.89 -20.39 -20.68
N ILE A 828 7.89 -19.14 -21.14
CA ILE A 828 8.74 -18.75 -22.24
C ILE A 828 10.20 -18.85 -21.86
N TYR A 829 10.59 -18.31 -20.72
CA TYR A 829 12.00 -18.41 -20.34
C TYR A 829 12.37 -19.81 -19.82
N SER A 830 11.41 -20.57 -19.32
CA SER A 830 11.72 -21.91 -18.83
C SER A 830 11.76 -22.92 -19.98
N GLY A 831 11.36 -22.52 -21.17
CA GLY A 831 11.33 -23.44 -22.30
C GLY A 831 12.67 -23.90 -22.81
N GLY A 832 13.67 -23.06 -22.60
CA GLY A 832 14.95 -23.24 -23.24
C GLY A 832 15.53 -21.91 -23.70
N ARG A 833 16.79 -21.96 -24.12
CA ARG A 833 17.54 -20.74 -24.35
C ARG A 833 16.88 -19.92 -25.43
N THR A 834 16.23 -20.58 -26.38
CA THR A 834 15.56 -19.87 -27.45
C THR A 834 14.40 -18.95 -26.97
N GLY A 835 13.72 -19.35 -25.92
CA GLY A 835 12.65 -18.55 -25.36
C GLY A 835 13.23 -17.38 -24.62
N VAL A 836 14.33 -17.64 -23.95
CA VAL A 836 15.00 -16.58 -23.24
C VAL A 836 15.37 -15.51 -24.27
N ASP A 837 15.89 -15.93 -25.41
CA ASP A 837 16.33 -14.95 -26.40
C ASP A 837 15.08 -14.20 -26.91
N ALA A 838 14.01 -14.94 -27.18
CA ALA A 838 12.79 -14.35 -27.62
C ALA A 838 12.35 -13.31 -26.61
N LEU A 839 12.49 -13.64 -25.33
CA LEU A 839 12.07 -12.70 -24.31
C LEU A 839 12.96 -11.47 -24.28
N ILE A 840 14.28 -11.65 -24.40
CA ILE A 840 15.22 -10.53 -24.37
C ILE A 840 14.91 -9.61 -25.57
N GLU A 841 14.79 -10.19 -26.77
CA GLU A 841 14.46 -9.43 -27.96
C GLU A 841 13.21 -8.63 -27.78
N PHE A 842 12.27 -9.19 -27.07
CA PHE A 842 11.02 -8.51 -26.87
C PHE A 842 11.26 -7.26 -26.01
N LEU A 843 12.03 -7.41 -24.92
CA LEU A 843 12.26 -6.33 -23.93
C LEU A 843 13.25 -5.27 -24.38
N MET A 844 14.01 -5.56 -25.42
CA MET A 844 14.87 -4.56 -25.99
C MET A 844 14.03 -3.40 -26.47
N ASP A 845 12.88 -3.68 -27.11
CA ASP A 845 11.96 -2.64 -27.66
C ASP A 845 11.29 -1.82 -26.53
N PRO A 846 11.55 -0.51 -26.48
CA PRO A 846 11.08 0.23 -25.30
C PRO A 846 9.55 0.38 -25.21
N ALA A 847 8.91 0.43 -26.37
CA ALA A 847 7.47 0.44 -26.46
C ALA A 847 6.92 -0.88 -25.90
N LEU A 848 7.67 -1.96 -26.09
CA LEU A 848 7.25 -3.26 -25.60
C LEU A 848 7.44 -3.43 -24.11
N VAL A 849 8.50 -2.88 -23.54
CA VAL A 849 8.63 -2.99 -22.10
C VAL A 849 7.60 -2.11 -21.48
N ASN A 850 7.17 -1.08 -22.21
CA ASN A 850 6.09 -0.24 -21.73
C ASN A 850 4.80 -1.01 -21.51
N GLU A 851 4.36 -1.74 -22.54
CA GLU A 851 3.16 -2.57 -22.45
C GLU A 851 3.35 -3.64 -21.39
N PHE A 852 4.45 -4.36 -21.49
CA PHE A 852 4.83 -5.34 -20.51
C PHE A 852 4.69 -4.86 -19.09
N VAL A 853 5.16 -3.66 -18.79
CA VAL A 853 5.19 -3.21 -17.40
C VAL A 853 3.86 -2.61 -16.95
N SER A 854 3.02 -2.16 -17.85
CA SER A 854 1.83 -1.53 -17.43
C SER A 854 0.78 -2.57 -17.02
N THR A 855 0.85 -3.76 -17.61
CA THR A 855 -0.12 -4.80 -17.31
C THR A 855 0.38 -5.88 -16.33
N LEU A 856 1.65 -6.17 -16.34
CA LEU A 856 2.30 -6.91 -15.25
C LEU A 856 3.04 -5.85 -14.49
N SER A 857 3.54 -6.14 -13.30
CA SER A 857 4.14 -5.00 -12.55
C SER A 857 5.57 -4.79 -13.06
N THR A 858 6.32 -3.93 -12.39
CA THR A 858 7.76 -3.93 -12.56
C THR A 858 8.36 -5.11 -11.84
N SER A 859 7.72 -5.58 -10.78
CA SER A 859 8.23 -6.79 -10.11
C SER A 859 8.29 -8.00 -11.03
N THR A 860 7.37 -8.10 -11.95
CA THR A 860 7.41 -9.17 -12.92
C THR A 860 8.59 -8.94 -13.87
N LEU A 861 8.85 -7.68 -14.26
CA LEU A 861 10.07 -7.35 -14.98
C LEU A 861 11.37 -7.77 -14.22
N ASN A 862 11.50 -7.41 -12.96
CA ASN A 862 12.74 -7.74 -12.25
C ASN A 862 12.84 -9.23 -12.05
N SER A 863 11.71 -9.87 -11.97
CA SER A 863 11.69 -11.28 -11.80
C SER A 863 12.23 -11.97 -13.06
N ALA A 864 11.71 -11.55 -14.21
CA ALA A 864 12.19 -12.06 -15.50
C ALA A 864 13.68 -11.79 -15.74
N LEU A 865 14.13 -10.59 -15.38
CA LEU A 865 15.53 -10.28 -15.49
C LEU A 865 16.40 -11.24 -14.70
N SER A 866 15.96 -11.56 -13.48
CA SER A 866 16.72 -12.54 -12.67
C SER A 866 16.71 -13.88 -13.38
N ALA A 867 15.56 -14.24 -13.92
CA ALA A 867 15.47 -15.53 -14.53
C ALA A 867 16.44 -15.61 -15.70
N ILE A 868 16.45 -14.56 -16.52
CA ILE A 868 17.36 -14.49 -17.65
C ILE A 868 18.79 -14.59 -17.18
N ALA A 869 19.11 -13.86 -16.11
CA ALA A 869 20.47 -13.91 -15.53
C ALA A 869 20.87 -15.33 -15.10
N SER A 870 19.98 -16.04 -14.43
CA SER A 870 20.28 -17.40 -14.00
C SER A 870 20.60 -18.32 -15.15
N ARG A 871 20.07 -17.99 -16.32
CA ARG A 871 20.26 -18.79 -17.53
C ARG A 871 21.24 -18.19 -18.57
N THR A 872 22.06 -17.20 -18.21
CA THR A 872 23.13 -16.81 -19.12
C THR A 872 24.39 -17.55 -18.72
N ASN A 873 24.96 -18.28 -19.68
CA ASN A 873 26.14 -19.09 -19.43
C ASN A 873 27.34 -18.79 -20.26
N ASN A 874 27.27 -17.83 -21.18
CA ASN A 874 28.41 -17.58 -22.04
C ASN A 874 28.57 -16.11 -22.41
N VAL A 875 29.75 -15.83 -22.97
CA VAL A 875 30.05 -14.48 -23.35
C VAL A 875 29.01 -13.83 -24.26
N GLU A 876 28.51 -14.59 -25.22
CA GLU A 876 27.54 -14.09 -26.15
C GLU A 876 26.21 -13.79 -25.45
N GLU A 877 25.87 -14.57 -24.44
CA GLU A 877 24.66 -14.32 -23.64
C GLU A 877 24.83 -13.16 -22.67
N MET A 878 26.01 -13.08 -22.08
CA MET A 878 26.35 -11.98 -21.20
C MET A 878 26.24 -10.66 -21.94
N ASN A 879 26.66 -10.65 -23.20
CA ASN A 879 26.48 -9.46 -23.99
C ASN A 879 25.02 -9.14 -24.16
N LYS A 880 24.21 -10.14 -24.52
CA LYS A 880 22.80 -9.93 -24.72
C LYS A 880 22.19 -9.34 -23.47
N LEU A 881 22.58 -9.88 -22.31
CA LEU A 881 22.05 -9.41 -21.01
C LEU A 881 22.43 -7.97 -20.69
N ASN A 882 23.69 -7.66 -20.86
CA ASN A 882 24.16 -6.33 -20.64
C ASN A 882 23.52 -5.34 -21.57
N ALA A 883 23.30 -5.76 -22.80
CA ALA A 883 22.62 -4.91 -23.77
C ALA A 883 21.22 -4.61 -23.29
N LEU A 884 20.58 -5.60 -22.68
CA LEU A 884 19.19 -5.43 -22.24
C LEU A 884 19.13 -4.45 -21.04
N ILE A 885 19.94 -4.72 -20.02
CA ILE A 885 20.07 -3.84 -18.87
C ILE A 885 20.23 -2.40 -19.34
N THR A 886 21.11 -2.22 -20.31
CA THR A 886 21.44 -0.90 -20.76
C THR A 886 20.28 -0.32 -21.52
N ALA A 887 19.72 -1.12 -22.41
CA ALA A 887 18.51 -0.70 -23.15
C ALA A 887 17.38 -0.31 -22.18
N LEU A 888 17.22 -1.04 -21.08
CA LEU A 888 16.16 -0.75 -20.13
C LEU A 888 16.34 0.55 -19.37
N GLY A 889 17.56 1.05 -19.34
CA GLY A 889 17.88 2.36 -18.81
C GLY A 889 17.51 2.58 -17.36
N SER A 890 16.66 3.54 -17.17
CA SER A 890 16.30 3.93 -15.83
C SER A 890 15.36 2.94 -15.11
N ARG A 891 14.94 1.86 -15.76
CA ARG A 891 14.14 0.83 -15.09
C ARG A 891 15.01 -0.05 -14.23
N VAL A 892 16.31 -0.06 -14.49
CA VAL A 892 17.19 -0.90 -13.69
C VAL A 892 18.14 -0.01 -12.94
N ASN A 893 18.08 -0.11 -11.62
CA ASN A 893 18.95 0.69 -10.79
C ASN A 893 20.30 -0.01 -10.72
N SER A 894 21.24 0.60 -10.05
CA SER A 894 22.61 0.12 -10.04
C SER A 894 22.70 -1.16 -9.26
N GLN A 895 21.99 -1.23 -8.15
CA GLN A 895 22.08 -2.40 -7.30
C GLN A 895 21.67 -3.64 -8.08
N THR A 896 20.46 -3.60 -8.64
CA THR A 896 19.93 -4.72 -9.36
C THR A 896 20.83 -5.13 -10.52
N ALA A 897 21.30 -4.15 -11.26
CA ALA A 897 22.15 -4.42 -12.39
C ALA A 897 23.38 -5.17 -11.88
N ALA A 898 23.88 -4.73 -10.75
CA ALA A 898 25.07 -5.38 -10.20
C ALA A 898 24.75 -6.85 -9.90
N ASN A 899 23.56 -7.07 -9.31
CA ASN A 899 23.12 -8.42 -8.97
C ASN A 899 22.96 -9.33 -10.17
N LEU A 900 22.30 -8.84 -11.19
CA LEU A 900 22.11 -9.61 -12.40
C LEU A 900 23.45 -10.04 -12.96
N ARG A 901 24.37 -9.07 -13.06
CA ARG A 901 25.71 -9.36 -13.55
C ARG A 901 26.44 -10.34 -12.68
N THR A 902 26.34 -10.15 -11.39
CA THR A 902 26.91 -11.09 -10.44
C THR A 902 26.40 -12.53 -10.63
N THR A 903 25.10 -12.75 -10.70
CA THR A 903 24.65 -14.13 -10.88
C THR A 903 25.06 -14.67 -12.28
N ALA A 904 25.09 -13.79 -13.26
CA ALA A 904 25.47 -14.22 -14.62
C ALA A 904 26.96 -14.58 -14.65
N GLN A 905 27.75 -13.75 -14.00
CA GLN A 905 29.21 -13.94 -14.01
C GLN A 905 29.61 -15.23 -13.28
N ALA A 906 28.88 -15.55 -12.21
CA ALA A 906 29.05 -16.80 -11.48
C ALA A 906 28.91 -17.99 -12.41
N ASN A 907 27.96 -17.94 -13.32
CA ASN A 907 27.83 -18.99 -14.35
C ASN A 907 29.03 -19.07 -15.32
N LEU A 908 29.46 -17.94 -15.85
CA LEU A 908 30.57 -17.93 -16.79
C LEU A 908 31.79 -18.48 -16.13
N ASP A 909 32.02 -18.06 -14.88
CA ASP A 909 33.17 -18.48 -14.07
C ASP A 909 33.16 -19.95 -13.74
N TRP A 910 31.96 -20.51 -13.58
CA TRP A 910 31.80 -21.86 -13.15
C TRP A 910 32.54 -22.84 -14.03
N VAL A 911 32.60 -22.54 -15.33
CA VAL A 911 33.18 -23.45 -16.35
C VAL A 911 34.66 -23.78 -16.13
N ASN A 912 35.39 -22.83 -15.54
CA ASN A 912 36.81 -22.99 -15.28
C ASN A 912 37.16 -22.93 -13.81
N GLY A 913 36.17 -23.19 -12.95
CA GLY A 913 36.41 -23.35 -11.52
C GLY A 913 36.94 -24.74 -11.31
N PHE A 914 37.23 -25.08 -10.07
CA PHE A 914 37.74 -26.39 -9.79
C PHE A 914 36.68 -27.43 -10.23
N GLU A 915 35.47 -27.31 -9.71
CA GLU A 915 34.31 -28.05 -10.25
C GLU A 915 34.10 -27.46 -11.62
N GLY A 916 33.94 -28.29 -12.61
CA GLY A 916 33.80 -27.76 -13.93
C GLY A 916 35.04 -28.13 -14.68
N LEU A 917 36.20 -27.90 -14.09
CA LEU A 917 37.41 -28.44 -14.67
C LEU A 917 37.44 -29.89 -14.34
N MET A 918 37.15 -30.21 -13.10
CA MET A 918 37.09 -31.61 -12.67
C MET A 918 36.07 -32.37 -13.51
N LEU A 919 34.95 -31.72 -13.77
CA LEU A 919 33.95 -32.33 -14.62
C LEU A 919 34.22 -32.39 -16.09
N SER A 920 34.69 -31.33 -16.71
CA SER A 920 35.01 -31.40 -18.13
C SER A 920 36.07 -32.48 -18.41
N ASN A 921 36.96 -32.60 -17.45
CA ASN A 921 38.00 -33.62 -17.39
C ASN A 921 37.42 -35.01 -17.45
N PHE A 922 36.55 -35.31 -16.49
CA PHE A 922 35.98 -36.62 -16.38
C PHE A 922 35.24 -36.99 -17.65
N LEU A 923 34.62 -36.00 -18.31
CA LEU A 923 33.92 -36.27 -19.55
C LEU A 923 34.87 -36.40 -20.73
N ALA A 924 36.05 -36.93 -20.45
CA ALA A 924 37.04 -37.32 -21.43
C ALA A 924 36.95 -38.83 -21.40
N GLU A 925 35.84 -39.35 -21.86
CA GLU A 925 35.71 -40.76 -22.07
C GLU A 925 36.30 -41.18 -23.44
N ALA A 926 36.75 -42.43 -23.53
CA ALA A 926 37.16 -43.00 -24.79
C ALA A 926 37.33 -44.51 -24.58
N GLN B 40 -9.60 50.92 -16.44
CA GLN B 40 -8.90 50.53 -17.70
C GLN B 40 -8.29 49.13 -17.64
N ALA B 41 -9.16 48.14 -17.50
CA ALA B 41 -8.77 46.75 -17.68
C ALA B 41 -9.36 46.28 -19.01
N VAL B 42 -8.50 46.18 -20.02
CA VAL B 42 -8.87 45.58 -21.32
C VAL B 42 -8.96 44.05 -21.22
N ASP B 43 -10.02 43.46 -21.80
CA ASP B 43 -10.15 42.00 -21.92
C ASP B 43 -10.37 41.49 -23.34
N GLU B 44 -11.60 41.07 -23.72
CA GLU B 44 -11.73 40.12 -24.85
C GLU B 44 -13.08 39.60 -25.44
N ARG B 45 -12.86 38.75 -26.45
CA ARG B 45 -13.84 38.07 -27.26
C ARG B 45 -13.68 36.56 -27.13
N TYR B 46 -13.06 36.11 -26.04
CA TYR B 46 -13.08 34.72 -25.64
C TYR B 46 -14.44 34.38 -25.04
N ARG B 47 -15.27 35.40 -24.79
CA ARG B 47 -16.60 35.17 -24.26
C ARG B 47 -17.49 34.63 -25.33
N LEU B 48 -18.40 33.76 -24.94
CA LEU B 48 -19.32 33.19 -25.89
C LEU B 48 -20.23 34.25 -26.50
N PRO B 49 -20.60 34.07 -27.78
CA PRO B 49 -21.68 34.85 -28.31
C PRO B 49 -22.87 34.76 -27.37
N THR B 50 -23.70 35.77 -27.39
CA THR B 50 -24.76 35.86 -26.42
C THR B 50 -26.11 35.44 -27.02
N THR B 51 -26.07 34.86 -28.22
CA THR B 51 -27.29 34.61 -29.01
C THR B 51 -28.16 33.48 -28.46
N SER B 52 -27.51 32.49 -27.86
CA SER B 52 -28.13 31.25 -27.39
C SER B 52 -27.73 31.06 -25.94
N ILE B 53 -28.51 30.25 -25.24
CA ILE B 53 -28.38 30.09 -23.79
C ILE B 53 -28.84 28.68 -23.40
N PRO B 54 -28.05 27.98 -22.57
CA PRO B 54 -28.45 26.61 -22.25
C PRO B 54 -29.64 26.54 -21.28
N ILE B 55 -30.36 25.43 -21.34
CA ILE B 55 -31.48 25.15 -20.44
C ILE B 55 -31.21 23.84 -19.71
N HIS B 56 -30.95 22.76 -20.46
CA HIS B 56 -30.76 21.46 -19.86
C HIS B 56 -29.80 20.60 -20.66
N TYR B 57 -28.88 19.95 -19.97
CA TYR B 57 -27.98 19.03 -20.62
C TYR B 57 -28.37 17.61 -20.22
N ASP B 58 -28.44 16.75 -21.22
CA ASP B 58 -28.69 15.34 -21.03
C ASP B 58 -27.43 14.62 -21.46
N LEU B 59 -26.58 14.26 -20.49
CA LEU B 59 -25.23 13.73 -20.79
C LEU B 59 -25.08 12.23 -20.52
N HIS B 60 -24.63 11.48 -21.53
CA HIS B 60 -24.22 10.09 -21.33
C HIS B 60 -22.77 9.88 -21.77
N LEU B 61 -21.97 9.25 -20.93
CA LEU B 61 -20.57 8.94 -21.25
C LEU B 61 -20.31 7.48 -21.01
N ARG B 62 -19.45 6.89 -21.83
CA ARG B 62 -19.00 5.52 -21.63
C ARG B 62 -17.51 5.50 -21.41
N THR B 63 -17.06 4.80 -20.36
CA THR B 63 -15.63 4.55 -20.14
C THR B 63 -15.34 3.14 -19.73
N GLU B 64 -14.27 2.60 -20.29
CA GLU B 64 -13.80 1.26 -19.92
C GLU B 64 -12.45 1.36 -19.17
N ILE B 65 -12.38 2.35 -18.29
CA ILE B 65 -11.16 2.62 -17.51
C ILE B 65 -10.74 1.46 -16.58
N HIS B 66 -11.69 0.57 -16.30
CA HIS B 66 -11.43 -0.60 -15.50
C HIS B 66 -10.39 -1.47 -16.15
N ARG B 67 -10.28 -1.34 -17.46
CA ARG B 67 -9.40 -2.13 -18.29
C ARG B 67 -8.16 -1.32 -18.69
N ASN B 68 -8.02 -0.14 -18.11
CA ASN B 68 -7.07 0.84 -18.61
C ASN B 68 -7.26 1.32 -20.06
N GLU B 69 -8.46 1.15 -20.63
CA GLU B 69 -8.84 1.86 -21.85
C GLU B 69 -9.11 3.33 -21.59
N ARG B 70 -8.38 4.20 -22.28
CA ARG B 70 -8.39 5.62 -21.98
C ARG B 70 -9.21 6.45 -22.95
N THR B 71 -9.90 5.81 -23.87
CA THR B 71 -10.80 6.52 -24.75
C THR B 71 -12.17 6.59 -24.09
N PHE B 72 -12.92 7.63 -24.38
CA PHE B 72 -14.26 7.69 -23.90
C PHE B 72 -15.20 8.28 -24.94
N THR B 73 -16.46 7.86 -24.87
CA THR B 73 -17.46 8.31 -25.84
C THR B 73 -18.66 8.87 -25.15
N GLY B 74 -19.31 9.78 -25.82
CA GLY B 74 -20.40 10.47 -25.22
C GLY B 74 -21.44 10.97 -26.18
N THR B 75 -22.64 11.18 -25.64
CA THR B 75 -23.68 11.88 -26.34
C THR B 75 -24.22 12.91 -25.38
N VAL B 76 -24.61 14.05 -25.93
CA VAL B 76 -25.26 15.06 -25.16
C VAL B 76 -26.44 15.63 -25.96
N GLY B 77 -27.55 15.77 -25.26
CA GLY B 77 -28.75 16.42 -25.79
C GLY B 77 -28.89 17.72 -25.04
N ILE B 78 -28.70 18.84 -25.73
CA ILE B 78 -28.76 20.17 -25.09
C ILE B 78 -30.02 20.94 -25.50
N GLN B 79 -30.94 21.10 -24.55
CA GLN B 79 -32.08 22.02 -24.70
C GLN B 79 -31.56 23.45 -24.49
N LEU B 80 -31.81 24.32 -25.44
CA LEU B 80 -31.32 25.69 -25.38
C LEU B 80 -32.36 26.68 -25.90
N GLN B 81 -32.19 27.93 -25.53
CA GLN B 81 -33.07 29.00 -25.97
C GLN B 81 -32.30 29.89 -26.94
N VAL B 82 -32.87 30.19 -28.09
CA VAL B 82 -32.30 31.24 -28.93
C VAL B 82 -32.93 32.57 -28.50
N VAL B 83 -32.10 33.59 -28.39
CA VAL B 83 -32.55 34.91 -28.01
C VAL B 83 -32.44 35.86 -29.21
N GLN B 84 -31.27 35.86 -29.86
CA GLN B 84 -31.05 36.64 -31.08
C GLN B 84 -30.97 35.66 -32.23
N ALA B 85 -31.80 35.87 -33.26
CA ALA B 85 -31.93 34.91 -34.38
C ALA B 85 -30.58 34.61 -35.00
N THR B 86 -30.26 33.33 -35.17
CA THR B 86 -28.94 32.93 -35.67
C THR B 86 -28.96 31.69 -36.52
N ASP B 87 -27.88 31.54 -37.28
CA ASP B 87 -27.60 30.35 -38.07
C ASP B 87 -26.57 29.48 -37.30
N LYS B 88 -25.96 30.02 -36.25
CA LYS B 88 -24.89 29.30 -35.57
C LYS B 88 -24.88 29.43 -34.04
N LEU B 89 -24.69 28.30 -33.39
CA LEU B 89 -24.70 28.16 -31.94
C LEU B 89 -23.27 27.93 -31.48
N VAL B 90 -22.73 28.85 -30.70
CA VAL B 90 -21.33 28.81 -30.30
C VAL B 90 -21.22 28.44 -28.81
N MET B 91 -20.46 27.40 -28.53
CA MET B 91 -20.17 27.00 -27.15
C MET B 91 -18.72 26.49 -27.09
N HIS B 92 -18.35 25.77 -26.03
CA HIS B 92 -16.96 25.44 -25.76
C HIS B 92 -16.58 24.01 -26.08
N ASN B 93 -15.31 23.82 -26.44
CA ASN B 93 -14.72 22.51 -26.59
C ASN B 93 -13.19 22.62 -26.52
N ARG B 94 -12.58 21.85 -25.62
CA ARG B 94 -11.14 21.62 -25.58
C ARG B 94 -10.80 20.15 -25.71
N GLY B 95 -10.35 19.73 -26.88
CA GLY B 95 -9.84 18.36 -27.11
C GLY B 95 -10.83 17.36 -27.68
N LEU B 96 -12.11 17.67 -27.72
CA LEU B 96 -13.10 16.70 -28.16
C LEU B 96 -13.23 16.66 -29.69
N VAL B 97 -13.56 15.47 -30.21
CA VAL B 97 -13.77 15.21 -31.61
C VAL B 97 -15.25 14.82 -31.87
N MET B 98 -16.02 15.69 -32.50
CA MET B 98 -17.42 15.35 -32.81
C MET B 98 -17.50 14.31 -33.93
N SER B 99 -18.49 13.42 -33.86
CA SER B 99 -18.78 12.43 -34.91
C SER B 99 -20.12 12.65 -35.60
N SER B 100 -21.01 13.46 -35.00
CA SER B 100 -22.33 13.75 -35.56
C SER B 100 -23.05 14.80 -34.75
N ALA B 101 -23.97 15.52 -35.40
CA ALA B 101 -24.78 16.52 -34.72
C ALA B 101 -25.97 16.98 -35.56
N LYS B 102 -27.06 17.28 -34.86
CA LYS B 102 -28.31 17.67 -35.48
C LYS B 102 -29.10 18.56 -34.54
N VAL B 103 -30.08 19.29 -35.07
CA VAL B 103 -30.92 20.18 -34.28
C VAL B 103 -32.40 19.91 -34.55
N SER B 104 -33.23 20.25 -33.59
CA SER B 104 -34.66 20.21 -33.78
C SER B 104 -35.22 21.45 -33.13
N SER B 105 -36.49 21.73 -33.33
CA SER B 105 -37.13 22.78 -32.56
C SER B 105 -37.98 22.11 -31.51
N LEU B 106 -38.25 22.84 -30.43
CA LEU B 106 -39.26 22.41 -29.48
C LEU B 106 -40.37 23.48 -29.47
N PRO B 107 -41.50 23.21 -30.17
CA PRO B 107 -42.52 24.25 -30.26
C PRO B 107 -43.30 24.45 -28.95
N ASN B 108 -43.59 23.36 -28.23
CA ASN B 108 -44.31 23.47 -26.97
C ASN B 108 -43.37 23.50 -25.76
N GLY B 109 -42.14 23.96 -25.94
CA GLY B 109 -41.24 24.18 -24.80
C GLY B 109 -40.25 23.07 -24.52
N VAL B 110 -40.22 22.60 -23.28
CA VAL B 110 -39.26 21.56 -22.86
C VAL B 110 -39.98 20.26 -22.55
N THR B 111 -41.25 20.35 -22.15
CA THR B 111 -42.14 19.19 -22.15
C THR B 111 -42.59 18.74 -23.55
N GLY B 112 -42.89 19.68 -24.45
CA GLY B 112 -43.38 19.36 -25.82
C GLY B 112 -42.46 18.46 -26.66
N ALA B 113 -42.92 18.05 -27.85
CA ALA B 113 -42.11 17.18 -28.73
C ALA B 113 -41.18 17.97 -29.67
N PRO B 114 -39.99 17.39 -30.03
CA PRO B 114 -39.05 18.04 -30.94
C PRO B 114 -39.41 17.76 -32.39
N THR B 115 -38.96 18.62 -33.30
CA THR B 115 -39.23 18.42 -34.73
C THR B 115 -37.95 18.68 -35.52
N LEU B 116 -37.41 17.58 -36.07
CA LEU B 116 -36.10 17.60 -36.71
C LEU B 116 -35.98 18.75 -37.70
N ILE B 117 -34.96 19.57 -37.48
CA ILE B 117 -34.61 20.61 -38.41
C ILE B 117 -33.60 20.02 -39.39
N GLY B 118 -32.35 19.81 -38.99
CA GLY B 118 -31.37 19.08 -39.83
C GLY B 118 -30.03 18.74 -39.18
N ASP B 119 -29.25 17.87 -39.82
CA ASP B 119 -27.87 17.64 -39.41
C ASP B 119 -27.19 18.99 -39.39
N VAL B 120 -26.14 19.11 -38.59
CA VAL B 120 -25.48 20.37 -38.33
C VAL B 120 -23.99 20.24 -38.61
N GLN B 121 -23.35 21.36 -38.96
CA GLN B 121 -21.92 21.37 -39.21
C GLN B 121 -21.14 21.92 -38.01
N TYR B 122 -20.03 21.28 -37.68
CA TYR B 122 -19.24 21.67 -36.54
C TYR B 122 -17.80 22.03 -36.90
N SER B 123 -17.32 23.09 -36.27
CA SER B 123 -15.93 23.52 -36.38
C SER B 123 -15.51 24.12 -35.06
N THR B 124 -14.24 23.93 -34.68
CA THR B 124 -13.76 24.42 -33.39
C THR B 124 -12.50 25.31 -33.51
N ASP B 125 -12.52 26.48 -32.88
CA ASP B 125 -11.35 27.38 -32.80
C ASP B 125 -10.49 27.07 -31.56
N THR B 126 -9.34 26.45 -31.79
CA THR B 126 -8.42 26.04 -30.76
C THR B 126 -8.03 27.14 -29.78
N THR B 127 -7.88 28.38 -30.26
CA THR B 127 -7.44 29.50 -29.43
C THR B 127 -8.49 29.95 -28.42
N PHE B 128 -9.69 30.28 -28.91
CA PHE B 128 -10.83 30.64 -28.04
C PHE B 128 -11.56 29.38 -27.52
N GLU B 129 -11.16 28.21 -28.01
CA GLU B 129 -11.82 26.96 -27.65
C GLU B 129 -13.33 27.00 -27.87
N HIS B 130 -13.76 27.76 -28.87
CA HIS B 130 -15.16 27.85 -29.22
C HIS B 130 -15.42 26.79 -30.25
N ILE B 131 -16.46 25.99 -30.05
CA ILE B 131 -16.99 25.13 -31.09
C ILE B 131 -18.26 25.76 -31.62
N THR B 132 -18.39 25.75 -32.94
CA THR B 132 -19.55 26.32 -33.58
C THR B 132 -20.31 25.28 -34.36
N PHE B 133 -21.60 25.14 -34.03
CA PHE B 133 -22.50 24.26 -34.74
C PHE B 133 -23.29 25.19 -35.66
N THR B 134 -23.31 24.88 -36.95
CA THR B 134 -24.00 25.72 -37.94
C THR B 134 -25.15 24.99 -38.57
N SER B 135 -26.33 25.58 -38.47
CA SER B 135 -27.56 24.98 -38.95
C SER B 135 -27.81 25.32 -40.42
N PRO B 136 -28.45 24.42 -41.17
CA PRO B 136 -28.84 24.82 -42.54
C PRO B 136 -29.78 26.04 -42.52
N THR B 137 -30.65 26.12 -41.53
CA THR B 137 -31.62 27.19 -41.39
C THR B 137 -31.17 28.17 -40.31
N ILE B 138 -31.67 29.39 -40.39
CA ILE B 138 -31.49 30.37 -39.32
C ILE B 138 -32.59 30.23 -38.28
N LEU B 139 -32.20 29.93 -37.05
CA LEU B 139 -33.16 29.67 -35.99
C LEU B 139 -33.74 30.95 -35.42
N GLN B 140 -35.04 30.91 -35.12
CA GLN B 140 -35.76 32.07 -34.63
C GLN B 140 -36.05 31.94 -33.16
N PRO B 141 -35.89 33.04 -32.38
CA PRO B 141 -36.08 33.07 -30.93
C PRO B 141 -37.10 32.08 -30.33
N GLY B 142 -36.60 30.96 -29.86
CA GLY B 142 -37.45 29.92 -29.29
C GLY B 142 -36.62 28.86 -28.59
N THR B 143 -37.23 27.71 -28.32
CA THR B 143 -36.58 26.63 -27.62
C THR B 143 -36.20 25.52 -28.62
N TYR B 144 -34.93 25.12 -28.62
CA TYR B 144 -34.42 24.08 -29.52
C TYR B 144 -33.69 22.95 -28.77
N LEU B 145 -33.46 21.85 -29.48
CA LEU B 145 -32.71 20.71 -28.93
C LEU B 145 -31.59 20.31 -29.83
N LEU B 146 -30.36 20.58 -29.39
CA LEU B 146 -29.14 20.18 -30.10
C LEU B 146 -28.66 18.82 -29.59
N GLU B 147 -28.23 17.95 -30.50
CA GLU B 147 -27.83 16.59 -30.12
C GLU B 147 -26.52 16.23 -30.78
N VAL B 148 -25.52 15.98 -29.96
CA VAL B 148 -24.18 15.77 -30.46
C VAL B 148 -23.69 14.43 -29.93
N ALA B 149 -23.02 13.68 -30.81
CA ALA B 149 -22.23 12.54 -30.38
C ALA B 149 -20.78 12.93 -30.55
N PHE B 150 -19.93 12.46 -29.64
CA PHE B 150 -18.54 12.89 -29.65
C PHE B 150 -17.67 11.89 -28.93
N GLN B 151 -16.36 12.05 -29.09
CA GLN B 151 -15.42 11.16 -28.49
C GLN B 151 -14.21 11.94 -27.97
N GLY B 152 -13.75 11.54 -26.79
CA GLY B 152 -12.57 12.12 -26.20
C GLY B 152 -11.60 11.08 -25.71
N ARG B 153 -10.58 11.57 -25.03
CA ARG B 153 -9.61 10.72 -24.37
C ARG B 153 -9.29 11.23 -22.95
N LEU B 154 -9.13 10.34 -21.98
CA LEU B 154 -8.88 10.76 -20.59
C LEU B 154 -7.57 11.53 -20.44
N ALA B 155 -7.61 12.69 -19.76
CA ALA B 155 -6.36 13.47 -19.51
C ALA B 155 -5.38 12.74 -18.55
N THR B 156 -4.12 13.15 -18.51
CA THR B 156 -3.20 12.60 -17.54
C THR B 156 -2.48 13.67 -16.77
N ASN B 157 -3.01 14.88 -16.82
CA ASN B 157 -2.52 16.02 -16.06
C ASN B 157 -3.57 16.44 -14.98
N ASP B 158 -4.45 15.52 -14.60
CA ASP B 158 -5.41 15.74 -13.54
C ASP B 158 -6.29 16.92 -13.84
N ASP B 159 -6.80 17.06 -15.06
CA ASP B 159 -7.58 18.22 -15.38
C ASP B 159 -8.95 18.02 -15.98
N GLY B 160 -9.16 17.11 -16.88
CA GLY B 160 -10.53 17.17 -17.41
C GLY B 160 -11.37 16.10 -16.76
N PHE B 161 -11.89 15.25 -17.63
CA PHE B 161 -12.15 13.89 -17.31
C PHE B 161 -10.80 13.21 -17.41
N TYR B 162 -10.24 12.80 -16.30
CA TYR B 162 -8.88 12.23 -16.34
C TYR B 162 -8.70 10.89 -15.66
N VAL B 163 -7.52 10.31 -15.84
CA VAL B 163 -7.18 9.03 -15.22
C VAL B 163 -6.44 9.21 -13.89
N SER B 164 -6.73 8.35 -12.93
CA SER B 164 -6.04 8.32 -11.65
C SER B 164 -5.77 6.86 -11.38
N SER B 165 -5.03 6.54 -10.34
CA SER B 165 -4.68 5.17 -10.08
C SER B 165 -4.17 4.92 -8.70
N TYR B 166 -4.22 3.67 -8.27
CA TYR B 166 -3.65 3.30 -6.99
C TYR B 166 -3.23 1.87 -7.04
N VAL B 167 -2.45 1.48 -6.05
CA VAL B 167 -2.00 0.10 -5.94
C VAL B 167 -2.77 -0.58 -4.84
N ALA B 168 -3.41 -1.68 -5.19
CA ALA B 168 -4.22 -2.47 -4.27
C ALA B 168 -3.36 -3.23 -3.27
N ASP B 169 -4.05 -3.86 -2.32
CA ASP B 169 -3.43 -4.65 -1.25
C ASP B 169 -2.72 -5.87 -1.75
N ASN B 170 -3.00 -6.28 -2.98
CA ASN B 170 -2.28 -7.40 -3.65
C ASN B 170 -1.22 -6.98 -4.65
N GLY B 171 -0.79 -5.72 -4.58
CA GLY B 171 0.22 -5.20 -5.52
C GLY B 171 -0.20 -4.81 -6.94
N GLU B 172 -1.46 -5.02 -7.30
CA GLU B 172 -1.95 -4.68 -8.62
C GLU B 172 -2.31 -3.18 -8.66
N ARG B 173 -2.16 -2.56 -9.83
CA ARG B 173 -2.50 -1.18 -10.04
C ARG B 173 -3.91 -1.08 -10.64
N ARG B 174 -4.71 -0.18 -10.06
CA ARG B 174 -6.11 -0.06 -10.41
C ARG B 174 -6.35 1.33 -10.89
N TYR B 175 -7.15 1.44 -11.93
CA TYR B 175 -7.43 2.73 -12.53
C TYR B 175 -8.82 3.17 -12.20
N LEU B 176 -9.01 4.48 -12.30
CA LEU B 176 -10.35 5.10 -12.09
C LEU B 176 -10.42 6.38 -12.92
N ALA B 177 -11.61 6.74 -13.37
CA ALA B 177 -11.83 7.97 -14.14
C ALA B 177 -12.52 8.94 -13.25
N THR B 178 -12.09 10.18 -13.29
CA THR B 178 -12.61 11.18 -12.37
C THR B 178 -12.51 12.54 -13.04
N THR B 179 -13.06 13.56 -12.39
CA THR B 179 -13.23 14.86 -13.02
C THR B 179 -12.69 16.03 -12.18
N GLN B 180 -12.30 17.09 -12.88
CA GLN B 180 -12.03 18.36 -12.28
C GLN B 180 -12.38 19.40 -13.31
N PHE B 181 -13.38 20.25 -13.06
CA PHE B 181 -13.77 21.19 -14.11
C PHE B 181 -13.42 22.65 -13.79
N GLU B 182 -13.34 23.04 -12.51
CA GLU B 182 -13.26 24.47 -12.14
C GLU B 182 -12.09 25.14 -12.82
N SER B 183 -12.26 26.47 -13.04
CA SER B 183 -11.79 27.21 -14.18
C SER B 183 -12.67 26.67 -15.34
N THR B 184 -12.09 26.00 -16.30
CA THR B 184 -12.70 25.94 -17.63
C THR B 184 -12.49 24.59 -18.27
N SER B 185 -12.64 23.53 -17.48
CA SER B 185 -12.30 22.22 -17.98
C SER B 185 -13.46 21.28 -18.21
N ALA B 186 -14.69 21.72 -17.94
CA ALA B 186 -15.85 20.93 -18.28
C ALA B 186 -15.89 20.74 -19.79
N ARG B 187 -15.42 21.76 -20.52
CA ARG B 187 -15.32 21.66 -21.99
C ARG B 187 -14.42 20.49 -22.46
N MET B 188 -13.68 19.85 -21.57
CA MET B 188 -12.84 18.73 -21.96
C MET B 188 -13.59 17.41 -21.93
N ALA B 189 -14.80 17.40 -21.40
CA ALA B 189 -15.52 16.15 -21.25
C ALA B 189 -16.77 16.13 -22.11
N PHE B 190 -17.38 17.30 -22.28
CA PHE B 190 -18.49 17.41 -23.17
C PHE B 190 -18.60 18.86 -23.67
N PRO B 191 -19.04 19.01 -24.93
CA PRO B 191 -19.28 20.34 -25.47
C PRO B 191 -20.38 21.04 -24.71
N CYS B 192 -20.13 22.25 -24.26
CA CYS B 192 -21.07 22.93 -23.42
C CYS B 192 -20.83 24.43 -23.41
N TYR B 193 -21.78 25.17 -22.85
CA TYR B 193 -21.60 26.62 -22.67
C TYR B 193 -20.85 26.83 -21.35
N ASP B 194 -19.54 26.63 -21.39
CA ASP B 194 -18.72 26.56 -20.20
C ASP B 194 -18.40 27.93 -19.59
N GLU B 195 -19.45 28.60 -19.13
CA GLU B 195 -19.27 29.84 -18.36
C GLU B 195 -20.18 29.79 -17.14
N PRO B 196 -19.66 30.16 -15.96
CA PRO B 196 -20.41 29.99 -14.73
C PRO B 196 -21.78 30.68 -14.67
N GLY B 197 -22.00 31.73 -15.45
CA GLY B 197 -23.29 32.45 -15.43
C GLY B 197 -24.40 31.77 -16.23
N LEU B 198 -24.02 30.79 -17.04
CA LEU B 198 -24.95 30.04 -17.88
C LEU B 198 -25.45 28.74 -17.20
N LYS B 199 -26.08 28.88 -16.03
CA LYS B 199 -26.55 27.74 -15.25
C LYS B 199 -27.59 26.95 -16.01
N ALA B 200 -27.61 25.64 -15.76
CA ALA B 200 -28.52 24.72 -16.43
C ALA B 200 -28.73 23.51 -15.53
N THR B 201 -29.75 22.71 -15.82
CA THR B 201 -29.94 21.43 -15.16
C THR B 201 -29.14 20.39 -15.90
N PHE B 202 -28.77 19.30 -15.22
CA PHE B 202 -27.95 18.27 -15.81
C PHE B 202 -28.48 16.89 -15.47
N THR B 203 -28.69 16.03 -16.47
CA THR B 203 -29.10 14.66 -16.21
C THR B 203 -28.08 13.74 -16.82
N VAL B 204 -27.37 13.03 -15.94
CA VAL B 204 -26.14 12.34 -16.25
C VAL B 204 -26.32 10.84 -16.14
N SER B 205 -25.76 10.12 -17.10
CA SER B 205 -25.70 8.68 -17.04
C SER B 205 -24.33 8.23 -17.54
N ILE B 206 -23.83 7.12 -17.01
CA ILE B 206 -22.50 6.61 -17.35
C ILE B 206 -22.48 5.08 -17.52
N THR B 207 -21.88 4.63 -18.61
CA THR B 207 -21.74 3.22 -18.84
C THR B 207 -20.33 2.78 -18.46
N HIS B 208 -20.23 1.64 -17.77
CA HIS B 208 -18.98 1.24 -17.14
C HIS B 208 -19.03 -0.22 -16.77
N SER B 209 -17.92 -0.74 -16.24
CA SER B 209 -17.88 -2.13 -15.83
C SER B 209 -18.83 -2.46 -14.68
N LEU B 210 -19.53 -3.62 -14.74
CA LEU B 210 -20.39 -4.14 -13.66
C LEU B 210 -19.56 -4.19 -12.35
N SER B 211 -18.24 -4.42 -12.48
CA SER B 211 -17.36 -4.50 -11.30
C SER B 211 -16.92 -3.15 -10.71
N TYR B 212 -17.36 -2.03 -11.28
CA TYR B 212 -17.02 -0.68 -10.84
C TYR B 212 -18.31 0.06 -10.54
N LYS B 213 -18.20 1.16 -9.78
CA LYS B 213 -19.33 1.99 -9.44
C LYS B 213 -19.14 3.40 -10.00
N ALA B 214 -20.25 4.05 -10.30
CA ALA B 214 -20.28 5.43 -10.75
C ALA B 214 -21.03 6.28 -9.76
N ILE B 215 -20.48 7.42 -9.38
CA ILE B 215 -21.23 8.35 -8.57
C ILE B 215 -21.08 9.70 -9.23
N SER B 216 -21.90 10.65 -8.80
CA SER B 216 -21.98 11.91 -9.47
C SER B 216 -22.60 12.91 -8.52
N ASN B 217 -22.92 14.11 -8.98
CA ASN B 217 -23.52 15.09 -8.11
C ASN B 217 -24.76 14.57 -7.42
N MET B 218 -25.67 14.00 -8.21
CA MET B 218 -26.97 13.62 -7.68
C MET B 218 -26.95 12.16 -7.25
N PRO B 219 -27.95 11.74 -6.44
CA PRO B 219 -28.15 10.33 -6.15
C PRO B 219 -28.40 9.44 -7.36
N GLN B 220 -28.08 8.17 -7.16
CA GLN B 220 -28.41 7.16 -8.15
C GLN B 220 -29.91 7.13 -8.32
N LYS B 221 -30.34 7.19 -9.56
CA LYS B 221 -31.75 6.95 -9.84
C LYS B 221 -31.98 5.44 -10.10
N THR B 222 -31.08 4.77 -10.85
CA THR B 222 -31.22 3.33 -11.19
C THR B 222 -30.00 2.73 -11.92
N THR B 223 -29.74 1.42 -11.72
CA THR B 223 -28.66 0.67 -12.42
C THR B 223 -29.41 0.03 -13.56
N THR B 224 -28.72 -0.35 -14.62
CA THR B 224 -29.20 -1.36 -15.53
C THR B 224 -28.00 -2.12 -16.09
N ASP B 225 -27.97 -3.45 -15.90
CA ASP B 225 -26.88 -4.30 -16.43
C ASP B 225 -27.01 -4.44 -17.93
N ILE B 226 -25.89 -4.54 -18.62
CA ILE B 226 -25.90 -4.60 -20.08
C ILE B 226 -24.73 -5.41 -20.60
N GLU B 227 -24.82 -5.77 -21.87
CA GLU B 227 -23.85 -6.64 -22.51
C GLU B 227 -23.55 -7.82 -21.60
N THR B 228 -22.31 -8.27 -21.56
CA THR B 228 -21.95 -9.37 -20.69
C THR B 228 -21.37 -8.87 -19.36
N ASP B 229 -20.77 -7.68 -19.33
CA ASP B 229 -19.96 -7.24 -18.15
C ASP B 229 -20.10 -5.78 -17.81
N MET B 230 -21.05 -5.06 -18.39
CA MET B 230 -21.09 -3.61 -18.25
C MET B 230 -22.43 -3.19 -17.72
N ARG B 231 -22.48 -1.95 -17.27
CA ARG B 231 -23.66 -1.41 -16.63
C ARG B 231 -23.76 0.06 -16.93
N THR B 232 -24.99 0.55 -16.99
CA THR B 232 -25.24 1.96 -17.03
C THR B 232 -25.88 2.39 -15.73
N THR B 233 -25.25 3.39 -15.13
CA THR B 233 -25.77 4.00 -13.92
C THR B 233 -26.43 5.29 -14.34
N PHE B 234 -27.65 5.51 -13.84
CA PHE B 234 -28.41 6.73 -14.12
C PHE B 234 -28.52 7.61 -12.89
N PHE B 235 -28.46 8.92 -13.10
CA PHE B 235 -28.51 9.85 -11.98
C PHE B 235 -29.73 10.75 -12.08
N GLU B 236 -30.25 11.16 -10.93
CA GLU B 236 -31.35 12.13 -10.88
C GLU B 236 -30.84 13.43 -11.49
N LYS B 237 -31.77 14.22 -12.02
CA LYS B 237 -31.50 15.55 -12.60
C LYS B 237 -31.02 16.53 -11.54
N THR B 238 -30.03 17.35 -11.88
CA THR B 238 -29.53 18.38 -10.95
C THR B 238 -30.47 19.54 -10.90
N PRO B 239 -30.35 20.36 -9.88
CA PRO B 239 -30.85 21.69 -9.96
C PRO B 239 -30.06 22.51 -10.99
N ALA B 240 -30.46 23.78 -11.09
CA ALA B 240 -29.74 24.80 -11.85
C ALA B 240 -28.35 24.97 -11.29
N MET B 241 -27.35 24.71 -12.12
CA MET B 241 -25.99 24.83 -11.67
C MET B 241 -25.06 25.07 -12.82
N SER B 242 -23.84 25.47 -12.48
CA SER B 242 -22.82 25.80 -13.45
C SER B 242 -22.09 24.54 -13.89
N THR B 243 -21.63 24.57 -15.12
CA THR B 243 -20.88 23.45 -15.66
C THR B 243 -19.60 23.11 -14.89
N TYR B 244 -18.99 24.09 -14.26
CA TYR B 244 -17.70 23.84 -13.59
C TYR B 244 -17.83 22.97 -12.34
N LEU B 245 -19.07 22.79 -11.89
CA LEU B 245 -19.37 22.04 -10.67
C LEU B 245 -19.87 20.65 -10.96
N LEU B 246 -20.02 20.28 -12.22
CA LEU B 246 -20.45 18.92 -12.57
C LEU B 246 -19.32 17.97 -12.28
N ALA B 247 -19.67 16.77 -11.85
CA ALA B 247 -18.66 15.81 -11.46
C ALA B 247 -19.18 14.38 -11.43
N PHE B 248 -18.30 13.45 -11.79
CA PHE B 248 -18.61 12.05 -11.75
C PHE B 248 -17.33 11.25 -11.62
N VAL B 249 -17.45 10.04 -11.08
CA VAL B 249 -16.27 9.24 -10.78
C VAL B 249 -16.63 7.81 -10.96
N VAL B 250 -15.78 7.09 -11.67
CA VAL B 250 -16.02 5.71 -12.02
C VAL B 250 -14.84 4.94 -11.45
N SER B 251 -15.11 4.07 -10.48
CA SER B 251 -14.08 3.45 -9.70
C SER B 251 -14.57 2.20 -9.02
N ASP B 252 -13.65 1.56 -8.33
CA ASP B 252 -13.92 0.38 -7.54
C ASP B 252 -13.70 0.70 -6.08
N PHE B 253 -13.90 1.97 -5.76
CA PHE B 253 -13.78 2.46 -4.39
C PHE B 253 -14.87 1.95 -3.45
N GLN B 254 -14.69 2.19 -2.17
CA GLN B 254 -15.71 1.85 -1.19
C GLN B 254 -16.24 3.07 -0.51
N LEU B 255 -17.33 2.90 0.21
CA LEU B 255 -18.00 3.96 0.91
C LEU B 255 -18.03 3.60 2.41
N ARG B 256 -18.02 4.61 3.24
CA ARG B 256 -18.55 4.54 4.60
C ARG B 256 -19.65 5.57 4.67
N LEU B 257 -20.57 5.42 5.61
CA LEU B 257 -21.61 6.40 5.71
C LEU B 257 -22.21 6.70 7.06
N SER B 258 -23.00 7.77 7.03
CA SER B 258 -23.66 8.32 8.17
C SER B 258 -24.77 9.23 7.64
N GLY B 259 -26.01 8.77 7.76
CA GLY B 259 -27.17 9.51 7.29
C GLY B 259 -27.11 9.77 5.78
N ALA B 260 -27.21 11.03 5.40
CA ALA B 260 -27.29 11.41 3.99
C ALA B 260 -25.86 11.60 3.38
N GLN B 261 -24.82 11.29 4.16
CA GLN B 261 -23.42 11.54 3.77
C GLN B 261 -22.58 10.25 3.65
N ARG B 262 -21.75 10.15 2.61
CA ARG B 262 -20.73 9.11 2.52
C ARG B 262 -19.33 9.65 2.30
N VAL B 263 -18.32 8.83 2.59
CA VAL B 263 -16.91 9.11 2.20
C VAL B 263 -16.46 7.91 1.38
N TYR B 264 -16.01 8.18 0.17
CA TYR B 264 -15.42 7.17 -0.66
C TYR B 264 -13.91 7.15 -0.66
N VAL B 265 -13.38 5.95 -0.54
CA VAL B 265 -11.94 5.74 -0.55
C VAL B 265 -11.57 4.50 -1.35
N ARG B 266 -10.30 4.43 -1.72
CA ARG B 266 -9.73 3.21 -2.26
C ARG B 266 -9.78 2.16 -1.16
N PRO B 267 -10.06 0.92 -1.54
CA PRO B 267 -10.38 -0.08 -0.54
C PRO B 267 -9.35 -0.19 0.57
N ASN B 268 -8.07 -0.08 0.24
CA ASN B 268 -7.05 -0.17 1.29
C ASN B 268 -6.82 1.10 2.10
N ALA B 269 -7.72 2.08 1.99
CA ALA B 269 -7.66 3.30 2.83
C ALA B 269 -8.87 3.41 3.76
N PHE B 270 -9.69 2.38 3.75
CA PHE B 270 -10.97 2.31 4.47
C PHE B 270 -10.96 2.80 5.90
N ASN B 271 -9.94 2.45 6.66
CA ASN B 271 -9.92 2.88 8.05
C ASN B 271 -9.40 4.29 8.25
N GLU B 272 -8.98 4.98 7.20
CA GLU B 272 -8.42 6.31 7.38
C GLU B 272 -9.48 7.37 7.07
N ALA B 273 -10.74 6.93 6.94
CA ALA B 273 -11.82 7.78 6.45
C ALA B 273 -12.74 8.25 7.55
N THR B 274 -12.45 7.81 8.77
CA THR B 274 -13.31 8.05 9.93
C THR B 274 -13.49 9.51 10.28
N PHE B 275 -12.37 10.20 10.41
CA PHE B 275 -12.46 11.58 10.79
C PHE B 275 -13.28 12.39 9.80
N ALA B 276 -13.06 12.18 8.52
CA ALA B 276 -13.72 12.97 7.50
C ALA B 276 -15.21 12.85 7.60
N LEU B 277 -15.67 11.64 7.88
CA LEU B 277 -17.10 11.39 7.98
C LEU B 277 -17.72 12.07 9.22
N GLU B 278 -17.05 12.00 10.36
CA GLU B 278 -17.47 12.78 11.53
C GLU B 278 -17.53 14.29 11.24
N ALA B 279 -16.45 14.83 10.67
CA ALA B 279 -16.31 16.27 10.47
C ALA B 279 -17.34 16.77 9.50
N GLY B 280 -17.57 16.02 8.44
CA GLY B 280 -18.59 16.39 7.47
C GLY B 280 -19.98 16.51 8.07
N VAL B 281 -20.34 15.60 8.96
CA VAL B 281 -21.66 15.66 9.56
C VAL B 281 -21.78 16.90 10.46
N LYS B 282 -20.82 17.10 11.32
CA LYS B 282 -20.85 18.22 12.24
C LYS B 282 -20.85 19.57 11.49
N ILE B 283 -19.92 19.72 10.55
CA ILE B 283 -19.74 20.97 9.80
C ILE B 283 -20.98 21.31 8.97
N LEU B 284 -21.56 20.32 8.29
CA LEU B 284 -22.74 20.59 7.49
C LEU B 284 -23.89 21.13 8.34
N LYS B 285 -23.99 20.66 9.57
CA LYS B 285 -25.08 21.06 10.43
C LYS B 285 -24.89 22.50 10.96
N VAL B 286 -23.66 22.82 11.35
CA VAL B 286 -23.32 24.15 11.77
C VAL B 286 -23.71 25.16 10.68
N LEU B 287 -23.34 24.86 9.45
CA LEU B 287 -23.64 25.75 8.33
C LEU B 287 -25.14 25.87 8.06
N ASP B 288 -25.85 24.76 8.11
CA ASP B 288 -27.33 24.74 7.97
C ASP B 288 -27.98 25.75 8.92
N ASP B 289 -27.58 25.67 10.20
CA ASP B 289 -28.15 26.50 11.26
C ASP B 289 -27.70 27.93 11.10
N HIS B 290 -26.39 28.09 11.02
CA HIS B 290 -25.81 29.39 10.91
C HIS B 290 -26.31 30.22 9.72
N LEU B 291 -26.44 29.60 8.55
CA LEU B 291 -26.90 30.34 7.37
C LEU B 291 -28.42 30.36 7.28
N GLY B 292 -29.08 29.46 7.99
CA GLY B 292 -30.53 29.41 8.00
C GLY B 292 -31.12 28.86 6.71
N ILE B 293 -30.33 28.14 5.93
CA ILE B 293 -30.84 27.42 4.74
C ILE B 293 -30.21 26.05 4.76
N PRO B 294 -31.00 25.04 5.10
CA PRO B 294 -30.33 23.75 5.11
C PRO B 294 -29.88 23.30 3.72
N TYR B 295 -28.75 22.60 3.69
CA TYR B 295 -28.25 21.99 2.48
C TYR B 295 -29.35 21.13 1.83
N ASP B 296 -30.07 20.36 2.65
CA ASP B 296 -31.13 19.48 2.14
C ASP B 296 -32.37 20.23 1.62
N THR B 297 -32.36 21.56 1.72
CA THR B 297 -33.31 22.37 0.93
C THR B 297 -33.14 22.11 -0.57
N TYR B 298 -31.92 21.79 -1.01
CA TYR B 298 -31.67 21.55 -2.44
C TYR B 298 -31.09 20.22 -2.86
N MET B 299 -30.52 19.46 -1.92
CA MET B 299 -29.77 18.21 -2.23
C MET B 299 -29.98 17.06 -1.21
N PRO B 300 -30.31 15.84 -1.66
CA PRO B 300 -30.67 14.76 -0.71
C PRO B 300 -29.47 14.03 -0.14
N LYS B 301 -28.27 14.33 -0.63
CA LYS B 301 -27.04 13.70 -0.12
C LYS B 301 -25.78 14.50 -0.48
N LEU B 302 -24.72 14.25 0.28
CA LEU B 302 -23.42 14.86 0.07
C LEU B 302 -22.30 13.81 0.24
N ASP B 303 -21.60 13.52 -0.87
CA ASP B 303 -20.46 12.63 -0.84
C ASP B 303 -19.13 13.34 -0.78
N GLN B 304 -18.17 12.71 -0.13
CA GLN B 304 -16.78 13.16 -0.15
C GLN B 304 -15.96 12.01 -0.69
N ILE B 305 -15.02 12.29 -1.58
CA ILE B 305 -14.15 11.24 -2.09
C ILE B 305 -12.67 11.63 -2.14
N ALA B 306 -11.81 10.67 -1.82
CA ALA B 306 -10.38 10.89 -1.79
C ALA B 306 -9.80 10.34 -3.07
N ILE B 307 -9.29 11.25 -3.90
CA ILE B 307 -8.74 10.91 -5.20
C ILE B 307 -7.22 10.91 -5.15
N PRO B 308 -6.59 9.76 -5.39
CA PRO B 308 -5.11 9.64 -5.36
C PRO B 308 -4.32 10.65 -6.20
N ASP B 309 -4.81 10.98 -7.39
CA ASP B 309 -4.17 12.02 -8.22
C ASP B 309 -5.08 13.22 -8.33
N PHE B 310 -4.68 14.29 -7.69
CA PHE B 310 -5.49 15.47 -7.59
C PHE B 310 -4.63 16.74 -7.46
N ALA B 311 -4.79 17.66 -8.40
CA ALA B 311 -3.99 18.88 -8.50
C ALA B 311 -4.19 19.91 -7.37
N ALA B 312 -5.39 20.38 -7.13
CA ALA B 312 -5.62 21.25 -5.96
C ALA B 312 -5.58 20.44 -4.68
N GLY B 313 -6.00 21.08 -3.60
CA GLY B 313 -6.27 20.36 -2.34
C GLY B 313 -7.62 19.66 -2.42
N ALA B 314 -8.64 20.34 -2.97
CA ALA B 314 -9.98 19.80 -3.06
C ALA B 314 -10.86 20.61 -4.00
N MET B 315 -12.02 20.07 -4.40
CA MET B 315 -12.97 20.78 -5.27
C MET B 315 -14.42 20.57 -4.85
N GLU B 316 -15.15 21.67 -4.73
CA GLU B 316 -16.48 21.70 -4.05
C GLU B 316 -17.68 21.22 -4.87
N ASN B 317 -17.49 20.37 -5.86
CA ASN B 317 -18.59 19.95 -6.76
C ASN B 317 -19.80 19.64 -5.95
N TRP B 318 -20.92 20.25 -6.33
CA TRP B 318 -22.16 20.14 -5.56
C TRP B 318 -22.52 18.67 -5.37
N GLY B 319 -22.62 18.26 -4.11
CA GLY B 319 -22.99 16.86 -3.77
C GLY B 319 -21.88 15.80 -3.84
N LEU B 320 -20.72 16.17 -4.41
CA LEU B 320 -19.61 15.26 -4.63
C LEU B 320 -18.27 16.01 -4.59
N VAL B 321 -17.72 16.10 -3.41
CA VAL B 321 -16.59 16.95 -3.16
C VAL B 321 -15.35 16.07 -3.27
N THR B 322 -14.40 16.45 -4.11
CA THR B 322 -13.19 15.69 -4.30
C THR B 322 -12.05 16.24 -3.45
N TYR B 323 -11.21 15.33 -3.01
CA TYR B 323 -10.07 15.72 -2.20
C TYR B 323 -8.85 14.98 -2.64
N ARG B 324 -7.70 15.63 -2.53
CA ARG B 324 -6.48 14.87 -2.58
C ARG B 324 -6.46 14.12 -1.21
N GLU B 325 -5.82 12.97 -1.19
CA GLU B 325 -5.80 12.13 -0.01
C GLU B 325 -5.32 12.84 1.22
N GLN B 326 -4.31 13.70 1.10
CA GLN B 326 -3.76 14.43 2.24
C GLN B 326 -4.76 15.40 2.82
N ALA B 327 -5.83 15.70 2.08
CA ALA B 327 -6.79 16.67 2.56
C ALA B 327 -8.03 16.01 3.12
N LEU B 328 -8.04 14.69 3.17
CA LEU B 328 -9.19 13.96 3.69
C LEU B 328 -8.87 12.75 4.61
N LEU B 329 -7.79 12.03 4.33
CA LEU B 329 -7.47 10.88 5.11
C LEU B 329 -6.70 11.29 6.35
N PHE B 330 -6.95 10.58 7.44
CA PHE B 330 -6.30 10.77 8.69
C PHE B 330 -6.18 9.40 9.38
N ASN B 331 -5.01 9.17 9.92
CA ASN B 331 -4.72 7.95 10.58
C ASN B 331 -3.91 8.36 11.76
N PRO B 332 -4.50 8.28 12.94
CA PRO B 332 -3.89 8.79 14.18
C PRO B 332 -2.56 8.15 14.56
N ALA B 333 -2.26 6.98 14.03
CA ALA B 333 -0.92 6.40 14.25
C ALA B 333 0.25 7.13 13.56
N VAL B 334 -0.01 7.80 12.45
CA VAL B 334 1.06 8.52 11.74
C VAL B 334 0.79 9.94 11.34
N SER B 335 -0.47 10.34 11.33
CA SER B 335 -0.81 11.68 10.85
C SER B 335 -0.58 12.72 11.91
N THR B 336 -0.07 13.87 11.52
CA THR B 336 0.23 14.96 12.50
C THR B 336 -1.02 15.73 12.83
N TYR B 337 -1.00 16.47 13.94
CA TYR B 337 -2.05 17.46 14.26
C TYR B 337 -2.21 18.48 13.12
N ARG B 338 -1.11 18.78 12.42
CA ARG B 338 -1.19 19.67 11.26
C ARG B 338 -2.01 19.01 10.18
N GLY B 339 -1.70 17.73 9.92
CA GLY B 339 -2.41 16.95 8.97
C GLY B 339 -3.87 16.93 9.33
N LYS B 340 -4.19 16.76 10.59
CA LYS B 340 -5.58 16.68 10.97
C LYS B 340 -6.25 18.02 10.75
N THR B 341 -5.51 19.10 11.01
CA THR B 341 -6.04 20.42 10.77
C THR B 341 -6.28 20.70 9.29
N ASN B 342 -5.40 20.21 8.43
CA ASN B 342 -5.58 20.35 7.01
C ASN B 342 -6.85 19.68 6.55
N VAL B 343 -7.13 18.49 7.05
CA VAL B 343 -8.36 17.81 6.66
C VAL B 343 -9.61 18.62 7.09
N ALA B 344 -9.57 19.10 8.31
CA ALA B 344 -10.72 19.70 8.94
C ALA B 344 -11.06 21.02 8.29
N THR B 345 -10.03 21.79 8.01
CA THR B 345 -10.21 23.12 7.40
C THR B 345 -10.64 22.95 5.95
N THR B 346 -10.17 21.90 5.31
CA THR B 346 -10.51 21.70 3.94
C THR B 346 -11.96 21.32 3.80
N ILE B 347 -12.41 20.41 4.63
CA ILE B 347 -13.83 20.03 4.61
C ILE B 347 -14.65 21.27 4.88
N ALA B 348 -14.29 22.00 5.91
CA ALA B 348 -15.05 23.21 6.24
C ALA B 348 -15.07 24.17 5.06
N HIS B 349 -13.92 24.32 4.41
CA HIS B 349 -13.80 25.18 3.24
C HIS B 349 -14.77 24.77 2.12
N GLU B 350 -14.73 23.50 1.73
CA GLU B 350 -15.51 23.02 0.61
C GLU B 350 -17.00 22.93 0.94
N TYR B 351 -17.36 22.63 2.18
CA TYR B 351 -18.77 22.59 2.54
C TYR B 351 -19.38 24.02 2.49
N ALA B 352 -18.57 25.00 2.89
CA ALA B 352 -18.98 26.38 2.76
C ALA B 352 -19.38 26.71 1.34
N HIS B 353 -18.62 26.22 0.38
CA HIS B 353 -18.93 26.42 -1.02
C HIS B 353 -20.33 25.91 -1.48
N GLN B 354 -20.91 24.93 -0.77
CA GLN B 354 -22.22 24.40 -1.16
C GLN B 354 -23.24 25.52 -1.21
N TRP B 355 -23.03 26.54 -0.41
CA TRP B 355 -23.82 27.76 -0.49
C TRP B 355 -23.08 28.83 -1.36
N PHE B 356 -21.87 29.19 -0.95
CA PHE B 356 -21.05 30.19 -1.63
C PHE B 356 -20.23 29.62 -2.77
N GLY B 357 -20.89 29.47 -3.91
CA GLY B 357 -20.29 28.88 -5.09
C GLY B 357 -21.24 28.00 -5.87
N ASN B 358 -22.03 27.20 -5.17
CA ASN B 358 -22.89 26.25 -5.85
C ASN B 358 -24.34 26.76 -5.98
N LEU B 359 -24.98 26.98 -4.84
CA LEU B 359 -26.30 27.58 -4.77
C LEU B 359 -26.27 28.98 -5.35
N VAL B 360 -25.34 29.78 -4.85
CA VAL B 360 -25.04 31.09 -5.43
C VAL B 360 -23.64 31.06 -6.04
N SER B 361 -23.59 31.22 -7.37
CA SER B 361 -22.35 31.12 -8.14
C SER B 361 -22.01 32.47 -8.71
N PRO B 362 -20.72 32.75 -8.98
CA PRO B 362 -20.30 33.99 -9.62
C PRO B 362 -20.85 34.12 -11.02
N GLU B 363 -21.40 35.28 -11.33
CA GLU B 363 -21.93 35.57 -12.67
C GLU B 363 -20.83 35.41 -13.68
N TRP B 364 -19.63 35.81 -13.26
CA TRP B 364 -18.43 35.65 -14.06
C TRP B 364 -17.23 35.66 -13.11
N TRP B 365 -16.06 35.24 -13.57
CA TRP B 365 -14.88 35.03 -12.72
C TRP B 365 -14.31 36.30 -12.09
N GLU B 366 -14.67 37.46 -12.64
CA GLU B 366 -14.39 38.74 -12.02
C GLU B 366 -14.81 38.75 -10.53
N TYR B 367 -15.85 37.99 -10.19
CA TYR B 367 -16.36 38.03 -8.83
C TYR B 367 -16.08 36.71 -8.13
N ILE B 368 -14.98 36.06 -8.52
CA ILE B 368 -14.64 34.77 -7.97
C ILE B 368 -14.39 34.84 -6.45
N TRP B 369 -14.10 36.03 -5.92
CA TRP B 369 -13.93 36.13 -4.49
C TRP B 369 -15.25 35.86 -3.78
N LEU B 370 -16.37 36.00 -4.51
CA LEU B 370 -17.68 35.74 -3.89
C LEU B 370 -17.73 34.33 -3.40
N ASN B 371 -17.02 33.46 -4.10
CA ASN B 371 -16.80 32.11 -3.62
C ASN B 371 -15.68 32.06 -2.57
N GLU B 372 -14.46 32.37 -3.00
CA GLU B 372 -13.26 31.94 -2.29
C GLU B 372 -13.03 32.75 -1.01
N GLY B 373 -13.63 33.93 -0.93
CA GLY B 373 -13.57 34.72 0.26
C GLY B 373 -14.37 34.09 1.37
N PHE B 374 -15.62 33.73 1.05
CA PHE B 374 -16.46 33.13 2.05
C PHE B 374 -15.95 31.76 2.47
N ALA B 375 -15.46 31.01 1.51
CA ALA B 375 -14.89 29.70 1.85
C ALA B 375 -13.68 29.80 2.77
N THR B 376 -12.85 30.83 2.58
CA THR B 376 -11.69 31.02 3.41
C THR B 376 -12.09 31.42 4.81
N LEU B 377 -13.06 32.30 4.94
CA LEU B 377 -13.53 32.71 6.26
C LEU B 377 -14.11 31.53 7.01
N TYR B 378 -14.97 30.78 6.34
CA TYR B 378 -15.69 29.69 7.00
C TYR B 378 -14.81 28.44 7.15
N GLU B 379 -13.73 28.40 6.35
CA GLU B 379 -12.65 27.42 6.51
C GLU B 379 -12.30 27.32 7.99
N PHE B 380 -12.27 28.47 8.68
CA PHE B 380 -11.95 28.49 10.11
C PHE B 380 -13.15 28.71 11.03
N TYR B 381 -14.11 29.52 10.58
CA TYR B 381 -15.23 29.91 11.42
C TYR B 381 -16.23 28.76 11.63
N ALA B 382 -16.71 28.14 10.54
CA ALA B 382 -17.58 26.97 10.67
C ALA B 382 -16.90 25.84 11.42
N LEU B 383 -15.62 25.62 11.17
CA LEU B 383 -14.90 24.59 11.88
C LEU B 383 -14.85 24.84 13.40
N ASP B 384 -14.64 26.09 13.79
CA ASP B 384 -14.58 26.45 15.19
C ASP B 384 -15.95 26.18 15.82
N MET B 385 -17.01 26.51 15.08
CA MET B 385 -18.39 26.26 15.52
C MET B 385 -18.70 24.77 15.61
N ALA B 386 -18.00 23.99 14.80
CA ALA B 386 -18.22 22.55 14.82
C ALA B 386 -17.38 21.85 15.90
N TYR B 387 -16.26 22.44 16.30
CA TYR B 387 -15.40 21.84 17.30
C TYR B 387 -14.99 22.91 18.31
N PRO B 388 -15.99 23.51 18.97
CA PRO B 388 -15.74 24.59 19.93
C PRO B 388 -14.76 24.16 21.01
N GLY B 389 -13.78 24.98 21.35
CA GLY B 389 -12.86 24.67 22.45
C GLY B 389 -11.53 24.11 22.00
N GLN B 390 -11.55 23.43 20.85
CA GLN B 390 -10.34 23.27 20.06
C GLN B 390 -10.23 24.65 19.51
N GLU B 391 -9.11 25.31 19.67
CA GLU B 391 -9.14 26.74 19.40
C GLU B 391 -8.87 27.04 17.90
N TYR B 392 -9.58 26.35 17.00
CA TYR B 392 -9.31 26.47 15.56
C TYR B 392 -9.38 27.90 15.04
N TRP B 393 -10.33 28.69 15.55
CA TRP B 393 -10.46 30.07 15.09
C TRP B 393 -9.19 30.93 15.33
N GLU B 394 -8.41 30.61 16.35
CA GLU B 394 -7.19 31.39 16.58
C GLU B 394 -6.24 31.37 15.39
N LEU B 395 -6.28 30.26 14.66
CA LEU B 395 -5.39 30.05 13.56
C LEU B 395 -5.61 31.06 12.46
N PHE B 396 -6.80 31.64 12.44
CA PHE B 396 -7.18 32.56 11.37
C PHE B 396 -6.27 33.79 11.27
N ASN B 397 -5.87 34.36 12.40
CA ASN B 397 -5.13 35.63 12.35
C ASN B 397 -3.80 35.48 11.67
N GLN B 398 -3.08 34.41 11.95
CA GLN B 398 -1.75 34.24 11.36
C GLN B 398 -1.84 33.57 10.03
N GLN B 399 -2.75 32.61 9.87
CA GLN B 399 -2.81 31.83 8.64
C GLN B 399 -3.55 32.51 7.54
N VAL B 400 -4.37 33.50 7.86
CA VAL B 400 -5.14 34.20 6.84
C VAL B 400 -4.88 35.70 6.81
N ILE B 401 -5.04 36.38 7.94
CA ILE B 401 -4.96 37.84 7.93
C ILE B 401 -3.55 38.27 7.61
N GLN B 402 -2.63 37.88 8.46
CA GLN B 402 -1.22 38.27 8.29
C GLN B 402 -0.64 37.71 7.02
N TYR B 403 -0.95 36.45 6.75
CA TYR B 403 -0.63 35.89 5.47
C TYR B 403 -1.14 36.76 4.31
N ALA B 404 -2.37 37.23 4.34
CA ALA B 404 -2.88 38.06 3.25
C ALA B 404 -2.12 39.40 3.08
N MET B 405 -1.82 40.07 4.19
CA MET B 405 -1.14 41.34 4.15
C MET B 405 0.26 41.24 3.51
N GLY B 406 0.95 40.12 3.72
CA GLY B 406 2.25 39.88 3.12
C GLY B 406 2.21 40.08 1.61
N GLN B 407 1.33 39.36 0.96
CA GLN B 407 1.25 39.45 -0.50
C GLN B 407 0.63 40.76 -0.95
N ASP B 408 -0.32 41.27 -0.19
CA ASP B 408 -1.15 42.39 -0.61
C ASP B 408 -0.37 43.71 -0.43
N GLY B 409 0.84 43.62 0.14
CA GLY B 409 1.72 44.75 0.29
C GLY B 409 2.67 44.93 -0.86
N GLN B 410 2.51 44.10 -1.87
CA GLN B 410 3.26 44.25 -3.07
C GLN B 410 2.52 45.05 -4.11
N ALA B 411 3.28 45.74 -4.97
CA ALA B 411 2.74 46.65 -5.96
C ALA B 411 2.02 45.90 -7.05
N SER B 412 2.32 44.63 -7.21
CA SER B 412 1.65 43.80 -8.21
C SER B 412 0.29 43.26 -7.79
N THR B 413 -0.13 43.48 -6.54
CA THR B 413 -1.37 42.87 -6.05
C THR B 413 -2.56 43.46 -6.79
N ARG B 414 -3.62 42.66 -6.93
CA ARG B 414 -4.82 43.08 -7.65
C ARG B 414 -5.97 43.43 -6.72
N PRO B 415 -6.91 44.26 -7.19
CA PRO B 415 -8.14 44.46 -6.40
C PRO B 415 -9.02 43.19 -6.41
N MET B 416 -9.80 42.99 -5.36
CA MET B 416 -10.70 41.84 -5.31
C MET B 416 -11.54 41.72 -6.61
N ASN B 417 -12.14 42.83 -7.04
CA ASN B 417 -12.84 42.83 -8.34
C ASN B 417 -11.85 43.03 -9.45
N TRP B 418 -11.67 42.01 -10.29
CA TRP B 418 -10.69 42.07 -11.33
C TRP B 418 -11.03 41.00 -12.34
N ASN B 419 -11.07 41.45 -13.59
CA ASN B 419 -11.66 40.69 -14.63
C ASN B 419 -10.60 39.83 -15.33
N ALA B 420 -11.06 38.93 -16.19
CA ALA B 420 -10.20 38.00 -16.91
C ALA B 420 -10.91 37.45 -18.14
N ALA B 421 -10.13 36.92 -19.08
CA ALA B 421 -10.69 36.43 -20.33
C ALA B 421 -10.14 35.07 -20.75
N THR B 422 -8.82 34.92 -20.78
CA THR B 422 -8.24 33.64 -21.19
C THR B 422 -8.25 32.59 -20.06
N PRO B 423 -8.10 31.29 -20.42
CA PRO B 423 -8.07 30.28 -19.35
C PRO B 423 -6.94 30.48 -18.34
N GLY B 424 -5.81 30.96 -18.81
CA GLY B 424 -4.71 31.28 -17.92
C GLY B 424 -5.01 32.47 -17.05
N GLU B 425 -5.66 33.47 -17.62
CA GLU B 425 -5.99 34.65 -16.81
C GLU B 425 -6.99 34.28 -15.71
N ILE B 426 -7.94 33.40 -16.03
CA ILE B 426 -8.93 32.96 -15.07
C ILE B 426 -8.26 32.16 -13.95
N SER B 427 -7.48 31.13 -14.27
CA SER B 427 -6.73 30.43 -13.21
C SER B 427 -5.94 31.37 -12.33
N ALA B 428 -5.31 32.35 -12.92
CA ALA B 428 -4.47 33.25 -12.16
C ALA B 428 -5.25 34.07 -11.13
N LEU B 429 -6.56 34.23 -11.29
CA LEU B 429 -7.36 34.94 -10.28
C LEU B 429 -7.47 34.16 -8.95
N PHE B 430 -7.18 32.85 -8.99
CA PHE B 430 -7.32 32.03 -7.83
C PHE B 430 -6.05 32.16 -7.00
N ASP B 431 -5.90 33.34 -6.39
CA ASP B 431 -4.65 33.75 -5.80
C ASP B 431 -4.87 34.21 -4.39
N ARG B 432 -3.87 34.83 -3.76
CA ARG B 432 -4.01 35.23 -2.40
C ARG B 432 -5.04 36.35 -2.19
N VAL B 433 -5.42 37.06 -3.23
CA VAL B 433 -6.41 38.12 -3.08
C VAL B 433 -7.82 37.53 -3.05
N ALA B 434 -8.09 36.59 -3.96
CA ALA B 434 -9.37 35.95 -3.98
C ALA B 434 -9.65 35.17 -2.70
N TYR B 435 -8.60 34.59 -2.12
CA TYR B 435 -8.73 33.75 -0.94
C TYR B 435 -8.54 34.57 0.34
N ASP B 436 -7.30 34.71 0.77
CA ASP B 436 -7.02 35.26 2.09
C ASP B 436 -7.39 36.74 2.32
N LYS B 437 -7.12 37.61 1.33
CA LYS B 437 -7.51 39.02 1.43
C LYS B 437 -9.01 39.13 1.59
N SER B 438 -9.76 38.56 0.64
CA SER B 438 -11.23 38.60 0.69
C SER B 438 -11.76 38.10 2.01
N GLY B 439 -11.19 36.98 2.43
CA GLY B 439 -11.55 36.37 3.69
C GLY B 439 -11.24 37.28 4.85
N SER B 440 -10.18 38.07 4.73
CA SER B 440 -9.88 38.98 5.84
C SER B 440 -10.86 40.15 5.88
N VAL B 441 -11.26 40.68 4.72
CA VAL B 441 -12.14 41.82 4.73
C VAL B 441 -13.56 41.41 5.12
N LEU B 442 -13.95 40.21 4.70
CA LEU B 442 -15.23 39.68 5.12
C LEU B 442 -15.29 39.48 6.65
N ASN B 443 -14.21 38.96 7.21
CA ASN B 443 -14.12 38.87 8.65
C ASN B 443 -14.27 40.25 9.32
N MET B 444 -13.74 41.28 8.64
CA MET B 444 -13.82 42.64 9.14
C MET B 444 -15.27 43.11 9.12
N MET B 445 -15.94 42.91 8.01
CA MET B 445 -17.34 43.21 7.91
C MET B 445 -18.23 42.49 8.91
N ARG B 446 -17.93 41.23 9.11
CA ARG B 446 -18.70 40.38 10.00
C ARG B 446 -18.73 41.00 11.40
N HIS B 447 -17.55 41.37 11.92
CA HIS B 447 -17.45 42.02 13.21
C HIS B 447 -18.11 43.41 13.28
N VAL B 448 -18.01 44.16 12.21
CA VAL B 448 -18.67 45.46 12.14
C VAL B 448 -20.21 45.36 12.14
N LEU B 449 -20.77 44.33 11.51
CA LEU B 449 -22.22 44.20 11.41
C LEU B 449 -22.84 43.50 12.60
N GLY B 450 -22.07 42.64 13.26
CA GLY B 450 -22.58 41.82 14.33
C GLY B 450 -23.12 40.50 13.82
N ASP B 451 -23.00 39.46 14.66
CA ASP B 451 -23.34 38.09 14.27
C ASP B 451 -24.72 37.98 13.63
N ASP B 452 -25.73 38.39 14.37
CA ASP B 452 -27.11 38.23 13.95
C ASP B 452 -27.40 39.01 12.69
N ASN B 453 -26.89 40.23 12.57
CA ASN B 453 -27.10 40.97 11.33
C ASN B 453 -26.38 40.35 10.15
N TRP B 454 -25.17 39.90 10.42
CA TRP B 454 -24.34 39.21 9.46
C TRP B 454 -25.07 38.00 8.90
N LYS B 455 -25.55 37.15 9.82
CA LYS B 455 -26.27 35.96 9.46
C LYS B 455 -27.48 36.32 8.60
N ALA B 456 -28.28 37.26 9.08
CA ALA B 456 -29.46 37.70 8.38
C ALA B 456 -29.12 38.22 6.99
N GLY B 457 -28.11 39.09 6.92
CA GLY B 457 -27.59 39.57 5.65
C GLY B 457 -27.28 38.44 4.66
N LEU B 458 -26.46 37.49 5.10
CA LEU B 458 -26.08 36.39 4.23
C LEU B 458 -27.31 35.58 3.77
N LYS B 459 -28.26 35.38 4.67
CA LYS B 459 -29.48 34.65 4.30
C LYS B 459 -30.28 35.39 3.26
N ALA B 460 -30.33 36.70 3.39
CA ALA B 460 -30.95 37.54 2.40
C ALA B 460 -30.25 37.40 1.06
N TYR B 461 -28.93 37.51 1.06
CA TYR B 461 -28.11 37.31 -0.16
C TYR B 461 -28.38 35.97 -0.82
N LEU B 462 -28.19 34.91 -0.05
CA LEU B 462 -28.30 33.54 -0.57
C LEU B 462 -29.71 33.31 -1.08
N THR B 463 -30.69 33.82 -0.36
CA THR B 463 -32.08 33.60 -0.72
C THR B 463 -32.38 34.33 -2.01
N ASP B 464 -31.93 35.57 -2.09
CA ASP B 464 -32.10 36.41 -3.29
C ASP B 464 -31.50 35.76 -4.52
N ARG B 465 -30.24 35.30 -4.45
CA ARG B 465 -29.51 34.91 -5.65
C ARG B 465 -29.46 33.40 -5.84
N ALA B 466 -30.12 32.68 -4.94
CA ALA B 466 -30.29 31.25 -5.05
C ALA B 466 -30.49 30.77 -6.49
N LEU B 467 -29.75 29.70 -6.83
CA LEU B 467 -29.79 29.07 -8.13
C LEU B 467 -29.46 30.03 -9.24
N GLN B 468 -28.80 31.13 -8.91
CA GLN B 468 -28.44 32.12 -9.91
C GLN B 468 -27.00 32.59 -9.79
N GLY B 469 -26.61 33.54 -10.65
CA GLY B 469 -25.32 34.19 -10.58
C GLY B 469 -25.32 35.37 -9.62
N ALA B 470 -24.12 35.71 -9.11
CA ALA B 470 -23.98 36.84 -8.21
C ALA B 470 -22.88 37.78 -8.70
N VAL B 471 -23.04 39.06 -8.42
CA VAL B 471 -21.97 40.07 -8.55
C VAL B 471 -21.88 40.79 -7.21
N ASP B 472 -20.86 41.61 -7.05
CA ASP B 472 -20.55 42.22 -5.73
C ASP B 472 -21.67 43.08 -5.18
N GLU B 473 -22.32 43.85 -6.05
CA GLU B 473 -23.43 44.68 -5.61
C GLU B 473 -24.59 43.86 -4.96
N GLN B 474 -24.95 42.73 -5.56
CA GLN B 474 -26.01 41.88 -4.99
C GLN B 474 -25.72 41.41 -3.57
N LEU B 475 -24.44 41.16 -3.28
CA LEU B 475 -24.04 40.87 -1.90
C LEU B 475 -24.28 42.06 -0.96
N TYR B 476 -23.92 43.27 -1.39
CA TYR B 476 -24.07 44.45 -0.52
C TYR B 476 -25.56 44.70 -0.20
N ALA B 477 -26.40 44.55 -1.22
CA ALA B 477 -27.85 44.63 -1.05
C ALA B 477 -28.33 43.75 0.11
N GLY B 478 -28.05 42.45 -0.01
CA GLY B 478 -28.33 41.48 1.02
C GLY B 478 -27.93 41.91 2.41
N LEU B 479 -26.70 42.41 2.56
CA LEU B 479 -26.19 42.71 3.89
C LEU B 479 -26.86 43.94 4.46
N GLN B 480 -27.15 44.87 3.57
CA GLN B 480 -27.82 46.13 3.88
C GLN B 480 -29.21 45.90 4.41
N SER B 481 -30.00 45.12 3.66
CA SER B 481 -31.37 44.78 4.07
C SER B 481 -31.46 44.34 5.53
N ALA B 482 -30.49 43.56 6.02
CA ALA B 482 -30.54 43.04 7.40
C ALA B 482 -30.23 44.08 8.45
N ILE B 483 -29.82 45.27 8.02
CA ILE B 483 -29.57 46.39 8.95
C ILE B 483 -30.25 47.70 8.59
N GLU B 484 -31.07 47.69 7.53
CA GLU B 484 -31.84 48.87 7.15
C GLU B 484 -32.62 49.38 8.36
N GLY B 485 -32.51 50.67 8.64
CA GLY B 485 -33.17 51.30 9.78
C GLY B 485 -32.61 50.99 11.18
N LYS B 486 -31.74 49.99 11.28
CA LYS B 486 -31.24 49.53 12.59
C LYS B 486 -30.10 50.42 13.15
N GLY B 487 -29.72 51.45 12.39
CA GLY B 487 -28.69 52.41 12.83
C GLY B 487 -27.38 51.81 13.33
N VAL B 488 -26.90 50.77 12.67
CA VAL B 488 -25.64 50.11 13.05
C VAL B 488 -24.46 50.78 12.31
N LEU B 489 -24.77 51.34 11.14
CA LEU B 489 -23.84 52.22 10.45
C LEU B 489 -24.25 53.68 10.61
N PRO B 490 -23.26 54.59 10.71
CA PRO B 490 -23.46 56.04 10.68
C PRO B 490 -24.47 56.53 9.65
N ASN B 491 -24.96 57.76 9.83
CA ASN B 491 -26.07 58.28 9.03
C ASN B 491 -25.92 58.03 7.54
N GLY B 492 -24.91 58.61 6.92
CA GLY B 492 -24.89 58.65 5.45
C GLY B 492 -24.62 57.38 4.63
N VAL B 493 -24.48 56.23 5.29
CA VAL B 493 -23.60 55.21 4.77
C VAL B 493 -24.17 53.82 4.54
N THR B 494 -24.05 53.37 3.29
CA THR B 494 -24.46 52.06 2.84
C THR B 494 -23.41 51.00 3.23
N VAL B 495 -23.81 49.73 3.24
CA VAL B 495 -22.86 48.63 3.24
C VAL B 495 -21.99 48.71 1.97
N ALA B 496 -22.62 48.95 0.82
CA ALA B 496 -21.90 49.11 -0.46
C ALA B 496 -20.87 50.27 -0.48
N GLN B 497 -21.18 51.37 0.21
CA GLN B 497 -20.30 52.50 0.14
C GLN B 497 -18.99 52.06 0.72
N ILE B 498 -19.06 51.35 1.83
CA ILE B 498 -17.88 50.87 2.56
C ILE B 498 -17.12 49.85 1.73
N MET B 499 -17.82 48.81 1.31
CA MET B 499 -17.15 47.67 0.68
C MET B 499 -16.50 48.00 -0.65
N ARG B 500 -17.08 48.96 -1.36
CA ARG B 500 -16.48 49.38 -2.60
C ARG B 500 -15.09 49.97 -2.43
N THR B 501 -14.86 50.58 -1.28
CA THR B 501 -13.54 51.18 -1.07
C THR B 501 -12.56 50.03 -0.96
N TRP B 502 -12.99 48.91 -0.41
CA TRP B 502 -12.08 47.77 -0.21
C TRP B 502 -12.01 46.82 -1.40
N THR B 503 -13.06 46.82 -2.18
CA THR B 503 -13.26 45.86 -3.22
C THR B 503 -12.66 46.28 -4.54
N ASN B 504 -12.74 47.55 -4.86
CA ASN B 504 -12.27 48.07 -6.13
C ASN B 504 -10.88 48.66 -6.13
N GLU B 505 -10.15 48.48 -5.03
CA GLU B 505 -8.82 49.07 -4.88
C GLU B 505 -7.81 48.03 -4.47
N ALA B 506 -6.66 48.01 -5.15
CA ALA B 506 -5.57 47.17 -4.80
C ALA B 506 -4.97 47.53 -3.46
N GLY B 507 -4.65 46.49 -2.69
CA GLY B 507 -3.87 46.67 -1.51
C GLY B 507 -4.74 47.07 -0.34
N TYR B 508 -4.05 47.47 0.71
CA TYR B 508 -4.63 47.80 1.98
C TYR B 508 -3.90 48.99 2.58
N PRO B 509 -4.51 49.66 3.55
CA PRO B 509 -3.87 50.80 4.18
C PRO B 509 -3.07 50.45 5.39
N VAL B 510 -2.16 51.35 5.71
CA VAL B 510 -1.63 51.44 7.05
C VAL B 510 -2.29 52.66 7.68
N LEU B 511 -2.68 52.50 8.95
CA LEU B 511 -3.29 53.57 9.72
C LEU B 511 -2.22 54.08 10.66
N ASN B 512 -1.78 55.32 10.41
CA ASN B 512 -0.79 55.96 11.24
C ASN B 512 -1.47 56.59 12.42
N VAL B 513 -0.90 56.44 13.62
CA VAL B 513 -1.44 57.12 14.81
C VAL B 513 -0.35 57.93 15.51
N ARG B 514 -0.49 59.24 15.36
CA ARG B 514 0.46 60.21 15.84
C ARG B 514 -0.17 60.87 17.07
N ARG B 515 0.55 60.80 18.17
CA ARG B 515 0.03 61.22 19.45
C ARG B 515 0.49 62.61 19.87
N SER B 516 -0.41 63.34 20.49
CA SER B 516 -0.12 64.64 21.13
C SER B 516 -0.22 64.48 22.66
N TYR B 517 0.86 63.98 23.27
CA TYR B 517 0.77 63.30 24.59
C TYR B 517 0.10 64.08 25.74
N ASP B 518 0.28 65.40 25.74
CA ASP B 518 -0.21 66.26 26.80
C ASP B 518 -1.71 66.63 26.74
N THR B 519 -2.18 66.99 25.56
CA THR B 519 -3.51 67.57 25.38
C THR B 519 -4.71 66.69 25.81
N GLY B 520 -4.64 65.36 25.75
CA GLY B 520 -3.78 64.62 24.89
C GLY B 520 -4.72 64.18 23.78
N ASP B 521 -4.31 64.36 22.54
CA ASP B 521 -5.17 64.11 21.38
C ASP B 521 -4.50 63.08 20.54
N VAL B 522 -5.21 62.63 19.52
CA VAL B 522 -4.61 61.72 18.58
C VAL B 522 -5.00 62.04 17.16
N ILE B 523 -4.01 62.00 16.28
CA ILE B 523 -4.27 62.13 14.87
C ILE B 523 -3.98 60.82 14.22
N ILE B 524 -4.89 60.46 13.32
CA ILE B 524 -4.81 59.26 12.54
C ILE B 524 -4.93 59.64 11.09
N SER B 525 -4.34 58.81 10.25
CA SER B 525 -4.31 59.06 8.82
C SER B 525 -4.03 57.77 8.12
N GLN B 526 -4.45 57.70 6.87
CA GLN B 526 -4.30 56.49 6.10
C GLN B 526 -3.57 56.74 4.80
N GLU B 527 -2.67 55.82 4.48
CA GLU B 527 -2.05 55.73 3.19
C GLU B 527 -1.92 54.26 2.85
N ARG B 528 -1.85 53.95 1.57
CA ARG B 528 -1.63 52.61 1.11
C ARG B 528 -0.30 52.04 1.63
N PHE B 529 -0.33 50.78 2.08
CA PHE B 529 0.87 50.14 2.55
C PHE B 529 1.54 49.30 1.47
N TYR B 530 2.84 49.54 1.25
CA TYR B 530 3.66 48.71 0.38
C TYR B 530 4.81 48.14 1.20
N ASN B 531 5.29 46.97 0.80
CA ASN B 531 6.34 46.27 1.55
C ASN B 531 7.72 46.91 1.35
N ASP B 532 7.75 47.85 0.40
CA ASP B 532 8.81 48.05 -0.56
C ASP B 532 9.16 49.52 -0.74
N ARG B 533 8.27 50.41 -0.29
CA ARG B 533 8.19 51.77 -0.75
C ARG B 533 7.04 52.52 -0.06
N LYS B 534 7.09 53.84 -0.12
CA LYS B 534 6.05 54.68 0.41
C LYS B 534 5.68 55.64 -0.71
N VAL B 535 4.46 55.53 -1.21
CA VAL B 535 4.05 56.25 -2.40
C VAL B 535 2.64 56.76 -2.16
N PRO B 536 2.41 58.06 -2.29
CA PRO B 536 1.07 58.57 -1.95
C PRO B 536 -0.02 57.95 -2.84
N ASN B 537 -1.25 57.94 -2.36
CA ASN B 537 -2.32 57.29 -3.07
C ASN B 537 -3.55 58.12 -2.86
N THR B 538 -4.33 58.27 -3.92
CA THR B 538 -5.51 59.16 -3.91
C THR B 538 -6.76 58.50 -3.32
N ASN B 539 -6.94 57.19 -3.52
CA ASN B 539 -8.11 56.46 -3.00
C ASN B 539 -8.19 56.48 -1.49
N ILE B 540 -9.41 56.49 -0.97
CA ILE B 540 -9.67 56.60 0.47
C ILE B 540 -10.50 55.43 0.98
N TRP B 541 -9.89 54.54 1.75
CA TRP B 541 -10.64 53.43 2.32
C TRP B 541 -11.56 53.92 3.41
N MET B 542 -12.80 53.43 3.42
CA MET B 542 -13.63 53.64 4.59
C MET B 542 -13.27 52.62 5.66
N ILE B 543 -12.54 53.06 6.67
CA ILE B 543 -11.86 52.17 7.59
C ILE B 543 -12.55 52.19 8.93
N PRO B 544 -12.96 51.00 9.42
CA PRO B 544 -13.47 50.90 10.78
C PRO B 544 -12.36 50.69 11.81
N TYR B 545 -12.39 51.48 12.87
CA TYR B 545 -11.37 51.37 13.90
C TYR B 545 -11.96 51.49 15.28
N ASN B 546 -11.16 51.09 16.26
CA ASN B 546 -11.47 51.28 17.65
C ASN B 546 -10.11 51.38 18.33
N TYR B 547 -10.06 51.54 19.64
CA TYR B 547 -8.74 51.59 20.30
C TYR B 547 -8.86 51.29 21.78
N VAL B 548 -7.71 51.05 22.40
CA VAL B 548 -7.66 50.54 23.75
C VAL B 548 -6.45 51.12 24.46
N HIS B 549 -6.64 51.56 25.71
CA HIS B 549 -5.54 52.18 26.46
C HIS B 549 -5.16 51.40 27.74
N GLN B 550 -3.95 51.64 28.23
CA GLN B 550 -3.27 50.79 29.23
C GLN B 550 -4.06 50.51 30.53
N ALA B 551 -4.77 51.53 31.04
CA ALA B 551 -5.58 51.37 32.25
C ALA B 551 -6.83 50.51 32.03
N LYS B 552 -7.53 50.77 30.93
CA LYS B 552 -8.70 50.00 30.51
C LYS B 552 -8.26 49.07 29.40
N ALA B 553 -7.84 47.85 29.71
CA ALA B 553 -7.23 46.96 28.72
C ALA B 553 -8.17 45.83 28.27
N ASP B 554 -9.35 46.20 27.77
CA ASP B 554 -10.34 45.26 27.28
C ASP B 554 -10.39 45.21 25.74
N PHE B 555 -10.01 44.08 25.17
CA PHE B 555 -9.98 43.92 23.73
C PHE B 555 -11.08 43.01 23.20
N ASN B 556 -12.05 42.65 24.02
CA ASN B 556 -13.03 41.61 23.63
C ASN B 556 -14.36 42.10 23.07
N GLU B 557 -14.67 43.38 23.12
CA GLU B 557 -15.99 43.85 22.60
C GLU B 557 -15.86 44.52 21.23
N PHE B 558 -16.94 44.52 20.46
CA PHE B 558 -16.95 45.17 19.15
C PHE B 558 -18.17 46.08 18.91
N ASP B 559 -18.67 46.64 20.01
CA ASP B 559 -19.73 47.66 20.00
C ASP B 559 -19.22 49.11 19.74
N ASP B 560 -17.92 49.34 19.86
CA ASP B 560 -17.33 50.69 19.79
C ASP B 560 -16.67 51.07 18.46
N PHE B 561 -17.22 50.59 17.33
CA PHE B 561 -16.57 50.83 16.03
C PHE B 561 -16.74 52.26 15.55
N GLN B 562 -15.62 52.82 15.14
CA GLN B 562 -15.54 54.18 14.68
C GLN B 562 -15.05 54.16 13.24
N TRP B 563 -15.32 55.22 12.48
CA TRP B 563 -14.95 55.25 11.03
C TRP B 563 -14.02 56.37 10.58
N LEU B 564 -12.98 56.04 9.84
CA LEU B 564 -12.19 57.03 9.11
C LEU B 564 -12.61 56.96 7.65
N ALA B 565 -13.24 58.02 7.19
CA ALA B 565 -13.77 58.09 5.84
C ALA B 565 -13.06 59.14 5.03
N THR B 566 -12.00 59.68 5.58
CA THR B 566 -11.17 60.67 4.91
C THR B 566 -9.69 60.30 5.07
N LYS B 567 -8.81 61.09 4.48
CA LYS B 567 -7.39 60.80 4.58
C LYS B 567 -6.87 60.81 6.01
N ALA B 568 -7.39 61.72 6.83
CA ALA B 568 -6.92 61.85 8.21
C ALA B 568 -7.98 62.45 9.13
N ALA B 569 -7.72 62.39 10.44
CA ALA B 569 -8.68 62.88 11.44
C ALA B 569 -8.04 63.13 12.80
N ARG B 570 -8.60 64.10 13.53
CA ARG B 570 -8.16 64.38 14.90
C ARG B 570 -9.10 63.68 15.85
N ILE B 571 -8.53 62.87 16.73
CA ILE B 571 -9.33 62.17 17.73
C ILE B 571 -9.05 62.83 19.05
N GLU B 572 -10.10 63.38 19.64
CA GLU B 572 -9.95 64.02 20.94
C GLU B 572 -10.12 62.98 22.01
N THR B 573 -9.31 63.06 23.05
CA THR B 573 -9.27 61.98 24.02
C THR B 573 -8.72 62.31 25.41
N THR B 574 -8.74 61.27 26.23
CA THR B 574 -8.76 61.33 27.69
C THR B 574 -7.49 60.71 28.32
N VAL B 575 -6.61 60.17 27.47
CA VAL B 575 -5.64 59.21 27.90
C VAL B 575 -4.35 59.89 28.31
N PRO B 576 -3.80 59.49 29.47
CA PRO B 576 -2.53 60.04 29.97
C PRO B 576 -1.35 59.71 29.07
N ALA B 577 -0.40 60.66 29.01
CA ALA B 577 0.88 60.50 28.30
C ALA B 577 1.74 59.32 28.77
N ASN B 578 1.40 58.78 29.94
CA ASN B 578 2.07 57.60 30.51
C ASN B 578 1.43 56.28 30.05
N GLU B 579 0.14 56.30 29.71
CA GLU B 579 -0.55 55.12 29.22
C GLU B 579 -0.32 54.92 27.72
N TRP B 580 -0.10 53.67 27.31
CA TRP B 580 -0.12 53.30 25.89
C TRP B 580 -1.52 53.25 25.30
N ILE B 581 -1.58 53.40 23.97
CA ILE B 581 -2.81 53.13 23.21
C ILE B 581 -2.48 52.14 22.10
N VAL B 582 -3.46 51.31 21.76
CA VAL B 582 -3.34 50.35 20.66
C VAL B 582 -4.63 50.36 19.89
N PHE B 583 -4.55 50.40 18.59
CA PHE B 583 -5.75 50.63 17.80
C PHE B 583 -6.58 49.45 17.31
N ASN B 584 -6.00 48.46 16.67
CA ASN B 584 -6.90 47.50 16.00
C ASN B 584 -7.26 46.29 16.86
N LYS B 585 -8.47 46.28 17.41
CA LYS B 585 -8.84 45.22 18.36
C LYS B 585 -8.81 43.86 17.70
N GLN B 586 -7.89 43.01 18.20
CA GLN B 586 -7.64 41.65 17.72
C GLN B 586 -7.37 41.52 16.21
N GLN B 587 -6.87 42.61 15.62
CA GLN B 587 -6.53 42.73 14.20
C GLN B 587 -7.67 42.36 13.29
N VAL B 588 -8.88 42.70 13.70
CA VAL B 588 -10.07 42.42 12.93
C VAL B 588 -10.13 43.29 11.69
N GLY B 589 -9.62 44.51 11.82
CA GLY B 589 -9.54 45.42 10.72
C GLY B 589 -8.40 45.06 9.77
N TYR B 590 -8.68 45.08 8.48
CA TYR B 590 -7.66 44.70 7.49
C TYR B 590 -6.75 45.87 7.18
N TYR B 591 -5.92 46.21 8.17
CA TYR B 591 -4.91 47.25 8.02
C TYR B 591 -3.81 47.12 9.03
N ARG B 592 -2.64 47.62 8.68
CA ARG B 592 -1.53 47.68 9.60
C ARG B 592 -1.64 48.95 10.40
N VAL B 593 -0.91 49.03 11.52
CA VAL B 593 -0.95 50.21 12.39
C VAL B 593 0.45 50.63 12.80
N ASN B 594 0.76 51.91 12.62
CA ASN B 594 2.03 52.46 13.05
C ASN B 594 1.80 53.54 14.11
N TYR B 595 2.75 53.67 15.01
CA TYR B 595 2.66 54.60 16.13
C TYR B 595 3.91 55.52 16.12
N ASP B 596 3.87 56.61 16.89
CA ASP B 596 5.08 57.41 17.11
C ASP B 596 6.01 56.61 18.01
N GLU B 597 7.31 56.91 18.00
CA GLU B 597 8.29 56.08 18.71
C GLU B 597 8.09 56.04 20.23
N HIS B 598 7.39 57.04 20.76
CA HIS B 598 7.22 57.13 22.20
C HIS B 598 6.19 56.09 22.60
N ASN B 599 5.11 56.02 21.85
CA ASN B 599 4.08 55.01 22.07
C ASN B 599 4.60 53.60 21.82
N TRP B 600 5.42 53.45 20.80
CA TRP B 600 6.06 52.16 20.57
C TRP B 600 6.88 51.81 21.82
N GLU B 601 7.47 52.81 22.45
CA GLU B 601 8.26 52.55 23.64
C GLU B 601 7.44 52.36 24.92
N LEU B 602 6.28 53.00 24.99
CA LEU B 602 5.36 52.73 26.10
C LEU B 602 4.94 51.26 26.03
N ILE B 603 4.52 50.86 24.84
CA ILE B 603 4.02 49.51 24.60
C ILE B 603 5.09 48.51 24.98
N THR B 604 6.29 48.74 24.45
CA THR B 604 7.44 47.86 24.63
C THR B 604 7.72 47.65 26.11
N ASN B 605 7.67 48.74 26.89
CA ASN B 605 7.89 48.67 28.31
C ASN B 605 6.81 47.88 29.01
N ALA B 606 5.56 48.17 28.64
CA ALA B 606 4.41 47.52 29.25
C ALA B 606 4.48 45.97 29.14
N LEU B 607 4.99 45.47 28.02
CA LEU B 607 5.08 44.02 27.75
C LEU B 607 6.34 43.40 28.36
N HIS B 608 7.27 44.25 28.76
CA HIS B 608 8.41 43.79 29.51
C HIS B 608 8.02 43.54 30.94
N GLU B 609 7.18 44.40 31.51
CA GLU B 609 6.79 44.25 32.93
C GLU B 609 5.76 43.15 33.11
N ASN B 610 4.78 43.13 32.21
CA ASN B 610 3.75 42.09 32.18
C ASN B 610 3.45 41.70 30.73
N TRP B 611 4.06 40.59 30.29
CA TRP B 611 3.99 40.16 28.90
C TRP B 611 2.57 39.83 28.40
N ALA B 612 1.62 39.70 29.30
CA ALA B 612 0.27 39.29 28.95
C ALA B 612 -0.73 40.42 29.17
N SER B 613 -0.21 41.62 29.42
CA SER B 613 -1.04 42.80 29.61
C SER B 613 -1.89 43.17 28.36
N ILE B 614 -1.42 42.78 27.19
CA ILE B 614 -2.13 43.06 25.92
C ILE B 614 -2.59 41.78 25.29
N HIS B 615 -3.77 41.82 24.68
CA HIS B 615 -4.37 40.64 24.03
C HIS B 615 -3.34 40.00 23.07
N ARG B 616 -3.23 38.68 23.19
CA ARG B 616 -2.21 37.93 22.46
C ARG B 616 -2.28 38.10 20.95
N LEU B 617 -3.48 38.34 20.40
CA LEU B 617 -3.64 38.65 18.96
C LEU B 617 -3.10 40.02 18.64
N ASN B 618 -3.31 40.95 19.56
CA ASN B 618 -2.72 42.25 19.41
C ASN B 618 -1.21 42.23 19.60
N ARG B 619 -0.70 41.37 20.48
CA ARG B 619 0.74 41.24 20.58
C ARG B 619 1.24 40.74 19.23
N ALA B 620 0.47 39.81 18.65
CA ALA B 620 0.85 39.23 17.37
C ALA B 620 0.77 40.27 16.27
N GLN B 621 -0.22 41.16 16.36
CA GLN B 621 -0.29 42.26 15.43
C GLN B 621 0.95 43.16 15.50
N LEU B 622 1.29 43.53 16.73
CA LEU B 622 2.42 44.41 16.93
C LEU B 622 3.70 43.79 16.38
N ILE B 623 3.87 42.50 16.62
CA ILE B 623 5.09 41.86 16.18
C ILE B 623 5.23 41.94 14.67
N ASP B 624 4.14 41.61 13.98
CA ASP B 624 4.13 41.53 12.52
C ASP B 624 4.08 42.89 11.89
N ASP B 625 3.39 43.81 12.56
CA ASP B 625 3.38 45.18 12.10
C ASP B 625 4.80 45.78 12.22
N ALA B 626 5.39 45.72 13.41
CA ALA B 626 6.74 46.26 13.60
C ALA B 626 7.69 45.72 12.57
N TYR B 627 7.66 44.42 12.38
CA TYR B 627 8.48 43.77 11.36
C TYR B 627 8.33 44.43 9.99
N TRP B 628 7.11 44.49 9.47
CA TRP B 628 6.89 45.01 8.12
C TRP B 628 7.05 46.52 8.01
N LEU B 629 6.74 47.25 9.07
CA LEU B 629 6.95 48.68 9.03
C LEU B 629 8.45 48.96 8.89
N ALA B 630 9.26 48.22 9.65
CA ALA B 630 10.71 48.35 9.56
C ALA B 630 11.23 48.00 8.19
N ARG B 631 10.74 46.90 7.61
CA ARG B 631 11.23 46.49 6.31
C ARG B 631 10.88 47.48 5.24
N SER B 632 9.73 48.14 5.36
CA SER B 632 9.31 49.11 4.36
C SER B 632 9.94 50.48 4.62
N GLY B 633 10.62 50.62 5.77
CA GLY B 633 11.21 51.90 6.15
C GLY B 633 10.18 52.93 6.61
N ARG B 634 9.07 52.46 7.16
CA ARG B 634 8.12 53.32 7.82
C ARG B 634 8.39 53.37 9.33
N LEU B 635 9.36 52.60 9.79
CA LEU B 635 9.70 52.55 11.21
C LEU B 635 11.14 52.12 11.41
N ASP B 636 11.78 52.79 12.37
CA ASP B 636 13.17 52.54 12.74
C ASP B 636 13.35 51.09 13.19
N LEU B 637 14.17 50.37 12.42
CA LEU B 637 14.44 48.97 12.68
C LEU B 637 14.80 48.75 14.12
N ARG B 638 15.62 49.66 14.64
CA ARG B 638 16.05 49.59 16.02
C ARG B 638 14.86 49.50 16.99
N VAL B 639 13.81 50.25 16.69
CA VAL B 639 12.62 50.23 17.55
C VAL B 639 11.97 48.85 17.54
N ALA B 640 11.71 48.35 16.33
CA ALA B 640 11.02 47.07 16.14
C ALA B 640 11.77 45.95 16.83
N LEU B 641 13.09 45.91 16.65
CA LEU B 641 13.93 44.94 17.32
C LEU B 641 13.87 45.10 18.83
N ARG B 642 13.87 46.34 19.30
CA ARG B 642 13.72 46.60 20.72
C ARG B 642 12.39 46.02 21.22
N PHE B 643 11.32 46.22 20.46
CA PHE B 643 10.00 45.68 20.85
C PHE B 643 9.94 44.17 20.97
N MET B 644 10.78 43.47 20.21
CA MET B 644 10.70 42.04 20.19
C MET B 644 11.40 41.39 21.36
N THR B 645 12.25 42.15 22.03
CA THR B 645 12.92 41.61 23.21
C THR B 645 11.93 41.08 24.25
N TYR B 646 10.71 41.62 24.27
CA TYR B 646 9.72 41.22 25.27
C TYR B 646 9.41 39.73 25.20
N LEU B 647 9.75 39.12 24.07
CA LEU B 647 9.48 37.70 23.84
C LEU B 647 10.14 36.68 24.78
N ARG B 648 11.22 37.05 25.47
CA ARG B 648 11.74 36.26 26.59
C ARG B 648 10.62 35.69 27.47
N ASN B 649 9.61 36.52 27.75
CA ASN B 649 8.51 36.18 28.66
C ASN B 649 7.23 35.66 28.01
N GLU B 650 7.15 35.84 26.69
CA GLU B 650 6.01 35.36 25.90
C GLU B 650 5.84 33.82 26.00
N ARG B 651 4.58 33.37 26.02
CA ARG B 651 4.30 31.97 26.19
C ARG B 651 3.14 31.42 25.35
N GLU B 652 2.52 32.23 24.48
CA GLU B 652 1.35 31.80 23.68
C GLU B 652 1.59 31.65 22.16
N TYR B 653 0.66 30.95 21.51
CA TYR B 653 0.81 30.49 20.12
C TYR B 653 0.85 31.66 19.12
N ALA B 654 -0.13 32.54 19.16
CA ALA B 654 -0.20 33.58 18.16
C ALA B 654 1.09 34.43 18.04
N PRO B 655 1.50 35.09 19.12
CA PRO B 655 2.66 35.99 19.02
C PRO B 655 3.92 35.27 18.54
N TRP B 656 4.16 34.08 19.05
CA TRP B 656 5.34 33.36 18.62
C TRP B 656 5.30 32.96 17.14
N THR B 657 4.10 32.62 16.63
CA THR B 657 3.91 32.32 15.21
C THR B 657 4.22 33.56 14.38
N ALA B 658 3.80 34.71 14.85
CA ALA B 658 4.14 35.98 14.21
C ALA B 658 5.65 36.20 14.20
N ALA B 659 6.23 36.14 15.40
CA ALA B 659 7.66 36.35 15.59
C ALA B 659 8.43 35.45 14.65
N ASN B 660 7.91 34.25 14.46
CA ASN B 660 8.63 33.27 13.69
C ASN B 660 8.91 33.77 12.27
N VAL B 661 7.99 34.55 11.76
CA VAL B 661 8.15 35.07 10.41
C VAL B 661 9.24 36.10 10.30
N ALA B 662 9.29 37.00 11.27
CA ALA B 662 10.32 38.02 11.32
C ALA B 662 11.67 37.39 11.50
N LEU B 663 11.75 36.51 12.48
CA LEU B 663 13.00 35.83 12.78
C LEU B 663 13.53 34.99 11.64
N THR B 664 12.63 34.40 10.88
CA THR B 664 13.03 33.55 9.77
C THR B 664 13.76 34.42 8.74
N TYR B 665 13.21 35.61 8.50
CA TYR B 665 13.76 36.53 7.48
C TYR B 665 15.16 36.96 7.86
N PHE B 666 15.33 37.37 9.12
CA PHE B 666 16.64 37.83 9.57
C PHE B 666 17.60 36.68 9.55
N ASN B 667 17.08 35.52 9.95
CA ASN B 667 17.89 34.35 9.99
C ASN B 667 18.44 34.04 8.60
N ASN B 668 17.57 34.08 7.58
CA ASN B 668 18.03 33.77 6.23
C ASN B 668 19.03 34.77 5.67
N ARG B 669 18.96 36.03 6.07
CA ARG B 669 19.86 37.03 5.51
C ARG B 669 21.22 36.95 6.18
N LEU B 670 21.24 36.60 7.47
CA LEU B 670 22.49 36.54 8.22
C LEU B 670 23.23 35.20 8.15
N ARG B 671 22.53 34.13 7.80
CA ARG B 671 23.05 32.76 7.88
C ARG B 671 24.52 32.57 7.57
N GLY B 672 24.93 32.71 6.31
CA GLY B 672 26.35 32.46 6.00
C GLY B 672 27.35 33.54 6.42
N THR B 673 26.89 34.60 7.11
CA THR B 673 27.65 35.85 7.34
C THR B 673 28.36 35.89 8.70
N ALA B 674 29.34 36.80 8.84
CA ALA B 674 30.10 36.92 10.08
C ALA B 674 29.22 37.33 11.24
N GLU B 675 28.35 38.30 11.02
CA GLU B 675 27.51 38.81 12.09
C GLU B 675 26.51 37.76 12.60
N TYR B 676 26.47 36.60 11.94
CA TYR B 676 25.49 35.56 12.25
C TYR B 676 25.52 35.13 13.71
N HIS B 677 26.72 34.98 14.24
CA HIS B 677 26.91 34.60 15.64
C HIS B 677 26.07 35.48 16.55
N ASN B 678 26.04 36.76 16.26
CA ASN B 678 25.35 37.72 17.14
C ASN B 678 23.85 37.61 17.03
N PHE B 679 23.39 37.12 15.89
CA PHE B 679 21.99 36.81 15.69
C PHE B 679 21.58 35.62 16.56
N LEU B 680 22.36 34.55 16.49
CA LEU B 680 22.09 33.35 17.29
C LEU B 680 21.97 33.68 18.80
N ILE B 681 22.91 34.48 19.28
CA ILE B 681 22.89 34.95 20.65
C ILE B 681 21.56 35.64 20.95
N PHE B 682 21.24 36.62 20.11
CA PHE B 682 20.05 37.42 20.29
C PHE B 682 18.78 36.58 20.37
N VAL B 683 18.69 35.56 19.53
CA VAL B 683 17.51 34.70 19.53
C VAL B 683 17.55 33.79 20.75
N ASP B 684 18.72 33.24 21.02
CA ASP B 684 18.93 32.35 22.16
C ASP B 684 18.34 33.04 23.40
N ALA B 685 18.58 34.33 23.49
CA ALA B 685 17.99 35.13 24.56
C ALA B 685 16.46 35.07 24.55
N LEU B 686 15.87 35.12 23.37
CA LEU B 686 14.43 35.17 23.24
C LEU B 686 13.70 33.91 23.63
N ILE B 687 14.31 32.76 23.39
CA ILE B 687 13.62 31.50 23.60
C ILE B 687 13.85 30.94 24.98
N GLU B 688 15.13 30.73 25.29
CA GLU B 688 15.56 29.77 26.30
C GLU B 688 14.61 29.64 27.49
N ASP B 689 13.93 30.72 27.85
CA ASP B 689 12.86 30.66 28.85
C ASP B 689 11.74 29.73 28.43
N ILE B 690 11.02 30.12 27.38
CA ILE B 690 9.88 29.33 26.88
C ILE B 690 10.26 27.88 26.58
N TYR B 691 11.52 27.62 26.19
CA TYR B 691 12.04 26.27 26.12
C TYR B 691 12.07 25.68 27.55
N SER B 692 10.88 25.66 28.14
CA SER B 692 10.51 24.96 29.35
C SER B 692 9.17 24.32 28.98
N LEU B 693 9.20 23.61 27.87
CA LEU B 693 8.14 22.72 27.48
C LEU B 693 8.75 21.33 27.40
N LEU B 694 7.94 20.37 26.96
CA LEU B 694 8.44 19.05 26.69
C LEU B 694 8.41 18.90 25.19
N THR B 695 9.57 18.62 24.62
CA THR B 695 9.72 18.33 23.21
C THR B 695 10.08 16.88 23.02
N ILE B 696 10.65 16.28 24.07
CA ILE B 696 11.17 14.92 24.06
C ILE B 696 9.97 14.01 23.87
N ASP B 697 8.91 14.22 24.62
CA ASP B 697 7.83 13.27 24.60
C ASP B 697 6.56 14.09 24.61
N ALA B 698 6.71 15.34 24.19
CA ALA B 698 5.73 16.43 24.37
C ALA B 698 4.33 15.96 24.67
N VAL B 699 3.93 14.85 24.05
CA VAL B 699 2.52 14.58 23.91
C VAL B 699 1.96 13.92 25.13
N SER B 700 1.28 14.73 25.92
CA SER B 700 0.34 14.27 26.90
C SER B 700 -1.04 14.43 26.28
N PRO B 701 -1.98 13.56 26.64
CA PRO B 701 -3.34 13.66 26.07
C PRO B 701 -4.05 14.98 26.35
N ASP B 702 -3.54 15.78 27.27
CA ASP B 702 -4.21 17.01 27.63
C ASP B 702 -3.62 18.23 26.94
N ASP B 703 -2.72 18.06 25.97
CA ASP B 703 -2.12 19.20 25.27
C ASP B 703 -3.03 19.68 24.20
N THR B 704 -3.20 20.99 24.11
CA THR B 704 -4.13 21.51 23.15
C THR B 704 -3.52 21.60 21.76
N LEU B 705 -4.38 21.82 20.79
CA LEU B 705 -3.96 22.08 19.42
C LEU B 705 -2.93 23.22 19.35
N LEU B 706 -3.32 24.37 19.88
CA LEU B 706 -2.44 25.52 19.91
C LEU B 706 -1.12 25.24 20.62
N HIS B 707 -1.15 24.43 21.68
CA HIS B 707 0.07 24.07 22.34
C HIS B 707 0.99 23.33 21.37
N LYS B 708 0.39 22.46 20.55
CA LYS B 708 1.17 21.67 19.61
C LYS B 708 1.89 22.56 18.57
N TYR B 709 1.17 23.46 17.96
CA TYR B 709 1.83 24.41 17.07
C TYR B 709 2.99 25.12 17.79
N LEU B 710 2.71 25.62 18.97
CA LEU B 710 3.74 26.32 19.74
C LEU B 710 4.98 25.43 19.93
N VAL B 711 4.77 24.23 20.44
CA VAL B 711 5.87 23.35 20.71
C VAL B 711 6.66 23.11 19.45
N GLN B 712 5.98 23.04 18.33
CA GLN B 712 6.67 22.78 17.11
C GLN B 712 7.56 24.00 16.74
N THR B 713 6.97 25.19 16.81
CA THR B 713 7.73 26.40 16.47
C THR B 713 8.95 26.63 17.38
N ILE B 714 8.80 26.45 18.69
CA ILE B 714 9.91 26.67 19.57
C ILE B 714 10.98 25.62 19.36
N SER B 715 10.62 24.35 19.41
CA SER B 715 11.63 23.30 19.35
C SER B 715 12.36 23.35 18.01
N THR B 716 11.63 23.77 16.98
CA THR B 716 12.20 23.86 15.64
C THR B 716 13.35 24.92 15.65
N TRP B 717 13.12 26.08 16.28
CA TRP B 717 14.20 27.08 16.46
C TRP B 717 15.39 26.63 17.26
N ALA B 718 15.12 25.98 18.37
CA ALA B 718 16.18 25.50 19.25
C ALA B 718 17.07 24.53 18.49
N CYS B 719 16.44 23.62 17.76
CA CYS B 719 17.20 22.63 17.00
C CYS B 719 17.93 23.29 15.82
N SER B 720 17.29 24.29 15.17
CA SER B 720 17.94 25.05 14.12
C SER B 720 19.17 25.73 14.60
N MET B 721 19.14 26.22 15.84
CA MET B 721 20.33 26.84 16.47
C MET B 721 21.38 25.91 17.08
N GLY B 722 21.09 24.63 17.22
CA GLY B 722 22.04 23.68 17.79
C GLY B 722 21.98 23.51 19.28
N TYR B 723 20.90 23.93 19.94
CA TYR B 723 20.66 23.55 21.33
C TYR B 723 20.95 22.07 21.42
N THR B 724 21.92 21.70 22.24
CA THR B 724 22.31 20.29 22.32
C THR B 724 21.25 19.45 23.07
N ASP B 725 20.48 20.08 23.94
CA ASP B 725 19.35 19.41 24.58
C ASP B 725 18.36 18.94 23.51
N CYS B 726 17.99 19.87 22.62
CA CYS B 726 17.10 19.57 21.49
C CYS B 726 17.67 18.50 20.55
N LEU B 727 18.94 18.66 20.19
CA LEU B 727 19.53 17.77 19.18
C LEU B 727 19.70 16.33 19.69
N MET B 728 19.90 16.19 21.00
CA MET B 728 20.18 14.89 21.60
C MET B 728 18.90 14.15 21.88
N LYS B 729 17.90 14.87 22.38
CA LYS B 729 16.61 14.27 22.62
C LYS B 729 15.94 13.74 21.36
N THR B 730 15.93 14.54 20.29
CA THR B 730 15.33 14.09 19.04
C THR B 730 16.11 12.90 18.54
N ALA B 731 17.43 12.99 18.60
CA ALA B 731 18.29 11.91 18.12
C ALA B 731 18.00 10.59 18.84
N ALA B 732 17.76 10.67 20.14
CA ALA B 732 17.53 9.47 20.93
C ALA B 732 16.21 8.85 20.56
N LEU B 733 15.18 9.68 20.44
CA LEU B 733 13.86 9.22 20.07
C LEU B 733 13.79 8.47 18.78
N LEU B 734 14.39 9.08 17.77
CA LEU B 734 14.50 8.44 16.48
C LEU B 734 15.23 7.12 16.61
N LYS B 735 16.34 7.12 17.34
CA LYS B 735 17.05 5.86 17.64
C LYS B 735 16.14 4.85 18.35
N ALA B 736 15.46 5.28 19.41
CA ALA B 736 14.58 4.38 20.16
C ALA B 736 13.55 3.67 19.25
N GLU B 737 12.99 4.41 18.28
CA GLU B 737 12.00 3.84 17.37
C GLU B 737 12.69 2.98 16.29
N ALA B 738 13.80 3.43 15.73
CA ALA B 738 14.41 2.64 14.66
C ALA B 738 15.09 1.39 15.23
N SER B 739 15.28 1.34 16.54
CA SER B 739 15.99 0.20 17.13
C SER B 739 15.08 -0.93 17.60
N GLY B 740 13.92 -0.58 18.16
CA GLY B 740 13.09 -1.50 18.92
C GLY B 740 13.12 -1.12 20.40
N THR B 741 14.15 -0.37 20.78
CA THR B 741 14.38 0.08 22.16
C THR B 741 13.15 0.69 22.79
N GLY B 742 12.28 1.26 21.95
CA GLY B 742 11.23 2.13 22.44
C GLY B 742 10.13 2.33 21.45
N PRO B 743 9.20 3.22 21.83
CA PRO B 743 8.00 3.37 21.01
C PRO B 743 8.29 4.03 19.67
N ALA B 744 7.25 4.07 18.83
CA ALA B 744 7.23 5.00 17.72
C ALA B 744 7.13 6.38 18.32
N VAL B 745 7.68 7.33 17.59
CA VAL B 745 7.61 8.73 17.96
C VAL B 745 6.17 9.18 17.74
N HIS B 746 5.60 9.91 18.66
CA HIS B 746 4.23 10.39 18.46
C HIS B 746 4.19 11.32 17.26
N PRO B 747 3.16 11.21 16.41
CA PRO B 747 3.04 12.03 15.22
C PRO B 747 3.16 13.54 15.45
N ASP B 748 2.50 14.06 16.47
CA ASP B 748 2.51 15.47 16.78
C ASP B 748 3.90 16.04 17.10
N ILE B 749 4.93 15.22 17.14
CA ILE B 749 6.29 15.75 17.24
C ILE B 749 7.26 15.03 16.31
N ALA B 750 6.72 14.29 15.34
CA ALA B 750 7.53 13.55 14.39
C ALA B 750 8.27 14.46 13.46
N SER B 751 7.61 15.51 13.00
CA SER B 751 8.19 16.46 12.06
C SER B 751 9.50 16.92 12.56
N VAL B 752 9.51 17.49 13.77
CA VAL B 752 10.75 17.97 14.35
C VAL B 752 11.74 16.82 14.59
N THR B 753 11.27 15.81 15.33
CA THR B 753 12.11 14.72 15.83
C THR B 753 12.78 13.98 14.68
N TYR B 754 12.07 13.75 13.58
CA TYR B 754 12.60 12.94 12.47
C TYR B 754 13.62 13.74 11.63
N CYS B 755 13.41 15.05 11.54
CA CYS B 755 14.36 15.91 10.84
C CYS B 755 15.66 16.06 11.66
N TYR B 756 15.59 16.66 12.84
CA TYR B 756 16.81 16.91 13.65
C TYR B 756 17.57 15.70 14.19
N GLY B 757 16.84 14.79 14.79
CA GLY B 757 17.33 13.48 15.13
C GLY B 757 18.04 12.78 13.97
N MET B 758 17.74 13.16 12.74
CA MET B 758 18.49 12.67 11.57
C MET B 758 19.81 13.43 11.31
N ARG B 759 19.98 14.59 11.93
CA ARG B 759 21.16 15.43 11.67
C ARG B 759 22.48 14.67 11.57
N SER B 760 22.91 14.06 12.67
CA SER B 760 24.12 13.25 12.69
C SER B 760 23.80 11.78 12.98
N ALA B 761 22.69 11.28 12.45
CA ALA B 761 22.30 9.89 12.67
C ALA B 761 23.09 8.94 11.79
N LEU B 762 23.18 7.70 12.22
CA LEU B 762 23.94 6.71 11.49
C LEU B 762 23.09 5.97 10.47
N GLU B 763 23.79 5.25 9.61
CA GLU B 763 23.20 4.53 8.49
C GLU B 763 21.97 3.67 8.86
N SER B 764 21.91 3.12 10.07
CA SER B 764 20.78 2.26 10.43
C SER B 764 19.51 3.09 10.60
N GLU B 765 19.62 4.27 11.20
CA GLU B 765 18.45 5.13 11.41
C GLU B 765 17.97 5.78 10.12
N PHE B 766 18.91 6.08 9.23
CA PHE B 766 18.59 6.64 7.92
C PHE B 766 17.89 5.59 7.08
N GLN B 767 18.43 4.38 7.06
CA GLN B 767 17.84 3.31 6.30
C GLN B 767 16.49 2.95 6.86
N TYR B 768 16.33 3.05 8.17
CA TYR B 768 15.06 2.71 8.82
C TYR B 768 13.95 3.61 8.32
N LEU B 769 14.19 4.89 8.52
CA LEU B 769 13.25 5.91 8.13
C LEU B 769 12.96 5.86 6.62
N TYR B 770 13.98 5.53 5.85
CA TYR B 770 13.85 5.41 4.42
C TYR B 770 12.97 4.24 4.02
N ARG B 771 13.17 3.08 4.66
CA ARG B 771 12.32 1.92 4.40
C ARG B 771 10.89 2.19 4.88
N LYS B 772 10.78 2.92 5.98
CA LYS B 772 9.47 3.27 6.51
C LYS B 772 8.68 4.11 5.50
N MET B 773 9.36 5.05 4.85
CA MET B 773 8.73 5.84 3.84
C MET B 773 8.32 4.97 2.65
N MET B 774 9.23 4.12 2.18
CA MET B 774 8.94 3.23 1.01
C MET B 774 7.71 2.31 1.17
N ASN B 775 7.47 1.88 2.41
CA ASN B 775 6.41 0.94 2.72
C ASN B 775 5.12 1.59 3.07
N SER B 776 5.18 2.89 3.40
CA SER B 776 3.97 3.61 3.65
C SER B 776 3.22 3.75 2.34
N LYS B 777 1.90 3.56 2.40
CA LYS B 777 1.00 3.92 1.33
C LYS B 777 0.27 5.24 1.63
N ASN B 778 0.78 6.00 2.59
CA ASN B 778 0.18 7.26 3.00
C ASN B 778 0.97 8.47 2.47
N LEU B 779 0.37 9.25 1.59
CA LEU B 779 1.09 10.35 0.90
C LEU B 779 1.61 11.42 1.87
N ALA B 780 0.82 11.81 2.84
CA ALA B 780 1.32 12.85 3.76
C ALA B 780 2.46 12.33 4.60
N GLU B 781 2.33 11.10 5.08
CA GLU B 781 3.44 10.45 5.78
C GLU B 781 4.70 10.45 4.91
N ARG B 782 4.57 9.95 3.69
CA ARG B 782 5.72 9.87 2.78
C ARG B 782 6.44 11.20 2.64
N THR B 783 5.66 12.28 2.48
CA THR B 783 6.21 13.59 2.30
C THR B 783 7.01 14.01 3.53
N MET B 784 6.42 13.80 4.71
CA MET B 784 7.11 14.15 5.93
C MET B 784 8.44 13.37 6.10
N LEU B 785 8.42 12.09 5.76
CA LEU B 785 9.62 11.31 5.83
C LEU B 785 10.65 11.73 4.77
N ILE B 786 10.19 12.09 3.59
CA ILE B 786 11.13 12.57 2.56
C ILE B 786 11.85 13.86 3.01
N ASP B 787 11.08 14.81 3.55
CA ASP B 787 11.65 15.99 4.15
C ASP B 787 12.60 15.64 5.29
N SER B 788 12.25 14.63 6.07
CA SER B 788 13.02 14.27 7.24
C SER B 788 14.38 13.69 6.91
N LEU B 789 14.40 12.84 5.90
CA LEU B 789 15.63 12.30 5.40
C LEU B 789 16.49 13.40 4.82
N GLY B 790 15.83 14.44 4.29
CA GLY B 790 16.52 15.58 3.74
C GLY B 790 17.41 16.26 4.75
N CYS B 791 17.08 16.17 6.03
CA CYS B 791 17.80 16.92 7.06
C CYS B 791 19.12 16.26 7.52
N SER B 792 19.55 15.15 6.89
CA SER B 792 20.86 14.56 7.25
C SER B 792 21.98 15.56 6.96
N ASN B 793 23.02 15.56 7.79
CA ASN B 793 24.24 16.31 7.49
C ASN B 793 25.25 15.47 6.76
N ASN B 794 24.95 14.18 6.57
CA ASN B 794 25.80 13.30 5.81
C ASN B 794 25.55 13.44 4.30
N LYS B 795 26.52 14.08 3.62
CA LYS B 795 26.40 14.31 2.19
C LYS B 795 26.35 13.05 1.34
N GLU B 796 26.96 11.97 1.80
CA GLU B 796 26.93 10.74 1.05
C GLU B 796 25.54 10.12 1.13
N PHE B 797 24.89 10.22 2.29
CA PHE B 797 23.52 9.76 2.45
C PHE B 797 22.64 10.57 1.46
N LEU B 798 22.77 11.88 1.53
CA LEU B 798 21.94 12.76 0.70
C LEU B 798 22.04 12.46 -0.81
N LYS B 799 23.26 12.17 -1.28
CA LYS B 799 23.45 11.93 -2.70
C LYS B 799 22.84 10.57 -3.11
N ALA B 800 23.00 9.58 -2.24
CA ALA B 800 22.43 8.29 -2.52
C ALA B 800 20.92 8.45 -2.53
N PHE B 801 20.45 9.21 -1.55
CA PHE B 801 19.04 9.49 -1.42
C PHE B 801 18.57 10.11 -2.73
N LEU B 802 19.31 11.08 -3.24
CA LEU B 802 18.89 11.73 -4.44
C LEU B 802 18.89 10.75 -5.57
N THR B 803 19.83 9.83 -5.55
CA THR B 803 19.93 8.86 -6.61
C THR B 803 18.70 8.00 -6.75
N THR B 804 18.04 7.71 -5.62
CA THR B 804 16.81 6.90 -5.62
C THR B 804 15.71 7.60 -6.38
N ALA B 805 15.62 8.93 -6.27
CA ALA B 805 14.63 9.73 -7.01
C ALA B 805 14.86 9.72 -8.51
N LEU B 806 16.01 9.27 -8.96
CA LEU B 806 16.26 9.17 -10.38
C LEU B 806 16.06 7.73 -10.70
N GLY B 807 15.45 7.46 -11.84
CA GLY B 807 15.08 6.08 -12.13
C GLY B 807 14.29 5.37 -11.01
N SER B 808 14.13 4.06 -11.15
CA SER B 808 13.19 3.30 -10.36
C SER B 808 13.87 2.53 -9.21
N GLY B 809 13.13 1.59 -8.61
CA GLY B 809 13.55 0.83 -7.41
C GLY B 809 13.56 -0.69 -7.54
N THR B 810 14.05 -1.36 -6.49
CA THR B 810 14.53 -2.76 -6.60
C THR B 810 13.52 -3.90 -6.24
N GLY B 811 13.10 -4.68 -7.26
CA GLY B 811 12.34 -5.94 -7.06
C GLY B 811 10.83 -5.81 -6.90
N VAL B 812 10.33 -6.19 -5.74
CA VAL B 812 8.94 -5.93 -5.38
C VAL B 812 8.84 -4.46 -5.00
N GLU B 813 9.99 -3.82 -4.78
CA GLU B 813 10.04 -2.43 -4.32
C GLU B 813 9.21 -1.47 -5.18
N ILE B 814 8.97 -0.34 -4.53
CA ILE B 814 8.04 0.68 -4.95
C ILE B 814 8.84 1.94 -5.29
N ASN B 815 8.28 2.77 -6.16
CA ASN B 815 8.92 4.03 -6.44
C ASN B 815 8.02 5.20 -6.14
N TYR B 816 8.71 6.32 -6.09
CA TYR B 816 8.13 7.60 -6.08
C TYR B 816 7.11 7.89 -7.19
N ARG B 817 6.10 8.66 -6.84
CA ARG B 817 5.31 9.41 -7.81
C ARG B 817 6.19 10.54 -8.32
N ALA B 818 5.79 11.14 -9.43
CA ALA B 818 6.53 12.25 -9.98
C ALA B 818 6.68 13.38 -8.96
N ASP B 819 5.59 13.74 -8.31
CA ASP B 819 5.66 14.81 -7.31
C ASP B 819 6.64 14.47 -6.19
N GLU B 820 6.74 13.20 -5.83
CA GLU B 820 7.64 12.81 -4.76
C GLU B 820 9.12 12.89 -5.17
N ARG B 821 9.44 12.58 -6.41
CA ARG B 821 10.81 12.65 -6.83
C ARG B 821 11.29 14.10 -6.67
N ARG B 822 10.52 15.04 -7.25
CA ARG B 822 10.78 16.47 -7.08
C ARG B 822 10.92 16.80 -5.59
N ARG B 823 10.11 16.15 -4.76
CA ARG B 823 10.11 16.45 -3.34
C ARG B 823 11.45 16.12 -2.69
N VAL B 824 12.09 15.06 -3.14
CA VAL B 824 13.39 14.65 -2.63
C VAL B 824 14.45 15.73 -2.90
N VAL B 825 14.50 16.23 -4.13
CA VAL B 825 15.39 17.35 -4.43
C VAL B 825 15.18 18.52 -3.43
N GLN B 826 13.93 18.94 -3.30
CA GLN B 826 13.59 20.01 -2.40
C GLN B 826 13.91 19.76 -0.94
N ALA B 827 13.68 18.53 -0.46
CA ALA B 827 14.03 18.17 0.90
C ALA B 827 15.53 18.37 1.12
N ILE B 828 16.32 17.95 0.14
CA ILE B 828 17.78 18.03 0.27
C ILE B 828 18.26 19.46 0.35
N TYR B 829 17.82 20.34 -0.57
CA TYR B 829 18.29 21.75 -0.50
C TYR B 829 17.63 22.55 0.64
N SER B 830 16.45 22.14 1.07
CA SER B 830 15.76 22.84 2.16
C SER B 830 16.28 22.40 3.51
N GLY B 831 17.09 21.35 3.54
CA GLY B 831 17.57 20.80 4.79
C GLY B 831 18.56 21.69 5.49
N GLY B 832 19.26 22.53 4.73
CA GLY B 832 20.36 23.32 5.28
C GLY B 832 21.49 23.40 4.29
N ARG B 833 22.47 24.24 4.61
CA ARG B 833 23.53 24.52 3.65
C ARG B 833 24.29 23.26 3.25
N THR B 834 24.38 22.29 4.17
CA THR B 834 25.06 21.03 3.86
C THR B 834 24.39 20.24 2.72
N GLY B 835 23.06 20.25 2.68
CA GLY B 835 22.31 19.59 1.62
C GLY B 835 22.40 20.32 0.30
N VAL B 836 22.50 21.64 0.36
CA VAL B 836 22.80 22.40 -0.86
C VAL B 836 24.15 22.00 -1.43
N ASP B 837 25.12 21.83 -0.54
CA ASP B 837 26.45 21.51 -0.95
C ASP B 837 26.49 20.11 -1.57
N ALA B 838 25.74 19.20 -0.97
CA ALA B 838 25.61 17.85 -1.52
C ALA B 838 24.97 17.87 -2.90
N LEU B 839 23.99 18.72 -3.08
CA LEU B 839 23.31 18.83 -4.36
C LEU B 839 24.21 19.43 -5.46
N ILE B 840 24.99 20.46 -5.11
CA ILE B 840 25.98 21.03 -6.02
C ILE B 840 27.02 19.96 -6.45
N GLU B 841 27.61 19.29 -5.47
CA GLU B 841 28.56 18.21 -5.75
C GLU B 841 27.99 17.13 -6.64
N PHE B 842 26.70 16.89 -6.48
CA PHE B 842 26.04 15.89 -7.30
C PHE B 842 26.01 16.34 -8.76
N LEU B 843 25.62 17.60 -8.97
CA LEU B 843 25.39 18.16 -10.30
C LEU B 843 26.68 18.54 -11.03
N MET B 844 27.80 18.62 -10.31
CA MET B 844 29.10 18.78 -10.93
C MET B 844 29.34 17.62 -11.92
N ASP B 845 29.04 16.39 -11.50
CA ASP B 845 29.25 15.20 -12.33
C ASP B 845 28.34 15.24 -13.55
N PRO B 846 28.88 15.25 -14.77
CA PRO B 846 28.00 15.38 -15.95
C PRO B 846 27.08 14.18 -16.22
N ALA B 847 27.57 12.98 -15.91
CA ALA B 847 26.77 11.77 -16.04
C ALA B 847 25.57 11.82 -15.08
N LEU B 848 25.78 12.47 -13.93
CA LEU B 848 24.72 12.65 -12.96
C LEU B 848 23.68 13.71 -13.36
N VAL B 849 24.08 14.81 -13.98
CA VAL B 849 23.08 15.75 -14.46
C VAL B 849 22.32 15.11 -15.60
N ASN B 850 22.95 14.19 -16.32
CA ASN B 850 22.27 13.48 -17.41
C ASN B 850 21.08 12.66 -16.90
N GLU B 851 21.33 11.83 -15.88
CA GLU B 851 20.29 11.02 -15.26
C GLU B 851 19.25 11.96 -14.65
N PHE B 852 19.73 12.91 -13.85
CA PHE B 852 18.90 13.95 -13.26
C PHE B 852 17.91 14.54 -14.25
N VAL B 853 18.38 14.85 -15.44
CA VAL B 853 17.52 15.58 -16.36
C VAL B 853 16.61 14.68 -17.19
N SER B 854 16.93 13.41 -17.34
CA SER B 854 16.12 12.58 -18.19
C SER B 854 14.84 12.17 -17.46
N THR B 855 14.92 12.04 -16.13
CA THR B 855 13.82 11.52 -15.34
C THR B 855 13.02 12.65 -14.70
N LEU B 856 13.68 13.75 -14.36
CA LEU B 856 13.01 15.02 -13.99
C LEU B 856 13.24 15.97 -15.18
N SER B 857 12.54 17.09 -15.25
CA SER B 857 12.68 17.98 -16.43
C SER B 857 14.02 18.70 -16.42
N THR B 858 14.30 19.51 -17.44
CA THR B 858 15.31 20.57 -17.34
C THR B 858 14.74 21.67 -16.46
N SER B 859 13.43 21.83 -16.54
CA SER B 859 12.74 22.76 -15.67
C SER B 859 12.99 22.45 -14.22
N THR B 860 13.10 21.18 -13.87
CA THR B 860 13.47 20.84 -12.50
C THR B 860 14.91 21.25 -12.20
N LEU B 861 15.79 21.03 -13.17
CA LEU B 861 17.19 21.49 -13.03
C LEU B 861 17.31 23.00 -12.74
N ASN B 862 16.61 23.82 -13.53
CA ASN B 862 16.72 25.27 -13.36
C ASN B 862 16.16 25.67 -12.04
N SER B 863 15.13 24.95 -11.66
CA SER B 863 14.43 25.24 -10.45
C SER B 863 15.36 25.04 -9.23
N ALA B 864 16.02 23.87 -9.20
CA ALA B 864 17.04 23.58 -8.20
C ALA B 864 18.19 24.60 -8.23
N LEU B 865 18.60 24.99 -9.43
CA LEU B 865 19.64 26.02 -9.55
C LEU B 865 19.22 27.31 -8.89
N SER B 866 17.98 27.73 -9.14
CA SER B 866 17.51 28.95 -8.53
C SER B 866 17.48 28.78 -7.02
N ALA B 867 17.01 27.63 -6.56
CA ALA B 867 16.98 27.37 -5.14
C ALA B 867 18.39 27.52 -4.53
N ILE B 868 19.39 26.90 -5.17
CA ILE B 868 20.79 27.03 -4.72
C ILE B 868 21.26 28.49 -4.69
N ALA B 869 20.96 29.21 -5.75
CA ALA B 869 21.29 30.62 -5.82
C ALA B 869 20.67 31.39 -4.65
N SER B 870 19.39 31.11 -4.35
CA SER B 870 18.72 31.83 -3.27
C SER B 870 19.41 31.62 -1.94
N ARG B 871 20.10 30.50 -1.83
CA ARG B 871 20.76 30.12 -0.59
C ARG B 871 22.29 30.28 -0.61
N THR B 872 22.86 31.01 -1.58
CA THR B 872 24.31 31.35 -1.48
C THR B 872 24.46 32.75 -0.85
N ASN B 873 25.21 32.84 0.25
CA ASN B 873 25.42 34.07 1.03
C ASN B 873 26.93 34.40 1.26
N ASN B 874 27.82 33.67 0.56
CA ASN B 874 29.26 33.72 0.75
C ASN B 874 30.03 33.81 -0.51
N VAL B 875 31.22 34.35 -0.37
CA VAL B 875 32.19 34.34 -1.44
C VAL B 875 32.47 32.90 -1.74
N GLU B 876 32.65 32.14 -0.66
CA GLU B 876 32.98 30.73 -0.76
C GLU B 876 31.81 29.94 -1.43
N GLU B 877 30.57 30.34 -1.15
CA GLU B 877 29.42 29.71 -1.79
C GLU B 877 29.24 30.20 -3.23
N MET B 878 29.52 31.47 -3.44
CA MET B 878 29.50 32.04 -4.78
C MET B 878 30.48 31.32 -5.67
N ASN B 879 31.63 30.98 -5.11
CA ASN B 879 32.61 30.21 -5.85
C ASN B 879 32.08 28.86 -6.25
N LYS B 880 31.46 28.15 -5.29
CA LYS B 880 30.86 26.85 -5.57
C LYS B 880 29.83 26.97 -6.69
N LEU B 881 29.01 28.00 -6.62
CA LEU B 881 27.98 28.21 -7.61
C LEU B 881 28.57 28.44 -9.02
N ASN B 882 29.55 29.33 -9.09
CA ASN B 882 30.18 29.62 -10.37
C ASN B 882 30.85 28.38 -10.96
N ALA B 883 31.48 27.59 -10.09
CA ALA B 883 32.06 26.32 -10.51
C ALA B 883 30.99 25.39 -11.09
N LEU B 884 29.79 25.40 -10.52
CA LEU B 884 28.72 24.52 -11.02
C LEU B 884 28.29 24.99 -12.39
N ILE B 885 27.99 26.28 -12.47
CA ILE B 885 27.52 26.89 -13.72
C ILE B 885 28.50 26.54 -14.84
N THR B 886 29.78 26.64 -14.53
CA THR B 886 30.75 26.37 -15.54
C THR B 886 30.78 24.86 -15.83
N ALA B 887 30.80 24.06 -14.77
CA ALA B 887 30.74 22.61 -14.92
C ALA B 887 29.52 22.16 -15.74
N LEU B 888 28.38 22.80 -15.54
CA LEU B 888 27.18 22.45 -16.32
C LEU B 888 27.26 22.80 -17.80
N GLY B 889 28.13 23.74 -18.16
CA GLY B 889 28.40 24.06 -19.56
C GLY B 889 27.19 24.41 -20.41
N SER B 890 26.97 23.59 -21.43
CA SER B 890 25.90 23.77 -22.42
C SER B 890 24.49 23.42 -21.90
N ARG B 891 24.36 23.01 -20.64
CA ARG B 891 23.03 22.89 -20.05
C ARG B 891 22.48 24.30 -19.74
N VAL B 892 23.37 25.28 -19.54
CA VAL B 892 22.97 26.64 -19.09
C VAL B 892 23.22 27.71 -20.16
N ASN B 893 22.19 28.48 -20.52
CA ASN B 893 22.39 29.63 -21.41
C ASN B 893 22.83 30.87 -20.63
N SER B 894 23.09 31.97 -21.33
CA SER B 894 23.68 33.17 -20.70
C SER B 894 22.70 33.83 -19.78
N GLN B 895 21.46 33.92 -20.23
CA GLN B 895 20.46 34.61 -19.44
C GLN B 895 20.32 33.94 -18.07
N THR B 896 20.01 32.64 -18.08
CA THR B 896 19.83 31.93 -16.84
C THR B 896 21.10 31.97 -15.95
N ALA B 897 22.28 31.86 -16.54
CA ALA B 897 23.55 32.00 -15.77
C ALA B 897 23.76 33.39 -15.16
N ALA B 898 23.27 34.41 -15.86
CA ALA B 898 23.27 35.77 -15.33
C ALA B 898 22.34 35.87 -14.14
N ASN B 899 21.15 35.28 -14.29
CA ASN B 899 20.11 35.41 -13.29
C ASN B 899 20.55 34.82 -11.96
N LEU B 900 21.11 33.63 -12.03
CA LEU B 900 21.59 32.96 -10.83
C LEU B 900 22.59 33.84 -10.10
N ARG B 901 23.55 34.37 -10.84
CA ARG B 901 24.55 35.25 -10.25
C ARG B 901 23.92 36.47 -9.63
N THR B 902 23.00 37.06 -10.38
CA THR B 902 22.25 38.18 -9.90
C THR B 902 21.64 37.90 -8.51
N THR B 903 20.81 36.86 -8.40
CA THR B 903 20.10 36.63 -7.13
C THR B 903 21.13 36.29 -6.04
N ALA B 904 22.20 35.62 -6.44
CA ALA B 904 23.21 35.29 -5.47
C ALA B 904 23.84 36.59 -5.00
N GLN B 905 24.17 37.44 -5.96
CA GLN B 905 24.83 38.69 -5.66
C GLN B 905 23.94 39.59 -4.80
N ALA B 906 22.64 39.61 -5.11
CA ALA B 906 21.68 40.30 -4.27
C ALA B 906 21.83 39.91 -2.79
N ASN B 907 22.10 38.64 -2.49
CA ASN B 907 22.37 38.23 -1.10
C ASN B 907 23.62 38.82 -0.51
N LEU B 908 24.69 38.72 -1.27
CA LEU B 908 26.00 39.14 -0.78
C LEU B 908 25.97 40.64 -0.46
N ASP B 909 25.29 41.40 -1.31
CA ASP B 909 25.14 42.83 -1.13
C ASP B 909 24.32 43.20 0.11
N TRP B 910 23.30 42.41 0.43
CA TRP B 910 22.39 42.76 1.54
C TRP B 910 23.13 43.13 2.84
N VAL B 911 24.27 42.49 3.06
CA VAL B 911 25.00 42.62 4.32
C VAL B 911 25.46 44.07 4.58
N ASN B 912 25.64 44.82 3.50
CA ASN B 912 26.10 46.22 3.57
C ASN B 912 25.09 47.23 3.10
N GLY B 913 23.82 46.85 3.08
CA GLY B 913 22.75 47.79 2.83
C GLY B 913 22.51 48.50 4.14
N PHE B 914 21.59 49.46 4.14
CA PHE B 914 21.26 50.17 5.36
C PHE B 914 20.67 49.19 6.40
N GLU B 915 19.68 48.42 5.95
CA GLU B 915 19.23 47.24 6.67
C GLU B 915 20.38 46.28 6.56
N GLY B 916 20.79 45.73 7.68
CA GLY B 916 21.92 44.82 7.60
C GLY B 916 23.10 45.48 8.21
N LEU B 917 23.22 46.76 7.94
CA LEU B 917 24.08 47.61 8.74
C LEU B 917 23.33 48.09 9.98
N MET B 918 22.09 48.53 9.82
CA MET B 918 21.26 48.86 10.98
C MET B 918 21.17 47.70 11.94
N LEU B 919 20.93 46.51 11.39
CA LEU B 919 20.92 45.27 12.15
C LEU B 919 22.42 44.99 12.34
N SER B 920 22.79 44.03 13.17
CA SER B 920 24.21 43.69 13.44
C SER B 920 24.84 44.73 14.33
N ASN B 921 24.66 45.99 13.93
CA ASN B 921 24.80 47.14 14.79
C ASN B 921 23.95 46.92 16.02
N PHE B 922 22.65 46.73 15.82
CA PHE B 922 21.76 46.54 16.93
C PHE B 922 22.17 45.29 17.72
N LEU B 923 22.77 44.33 17.02
CA LEU B 923 23.33 43.17 17.69
C LEU B 923 24.68 43.56 18.36
N ALA B 924 24.64 44.64 19.17
CA ALA B 924 25.63 45.02 20.19
C ALA B 924 24.87 44.92 21.50
N GLU B 925 24.56 43.67 21.83
CA GLU B 925 23.83 43.19 23.03
C GLU B 925 24.04 43.83 24.41
N ALA B 926 25.29 44.10 24.78
CA ALA B 926 25.60 44.44 26.17
C ALA B 926 27.06 44.76 26.23
N ALA C 1 -0.97 -25.31 7.15
CA ALA C 1 -1.53 -25.30 5.76
C ALA C 1 -0.82 -26.40 4.99
N ALA C 2 -1.16 -26.54 3.69
CA ALA C 2 -0.23 -27.13 2.70
C ALA C 2 0.24 -25.96 1.84
N ALA C 3 1.55 -25.93 1.58
CA ALA C 3 2.21 -24.83 0.86
C ALA C 3 2.03 -25.04 -0.65
N LYS C 4 2.60 -24.20 -1.52
CA LYS C 4 2.34 -24.33 -2.96
C LYS C 4 3.47 -24.99 -3.83
N ALA C 5 3.75 -26.25 -3.50
CA ALA C 5 4.50 -27.19 -4.36
C ALA C 5 5.95 -26.78 -4.49
N ALA D 1 -12.34 25.42 -5.33
CA ALA D 1 -11.01 24.81 -5.07
C ALA D 1 -10.43 25.36 -3.78
N ALA D 2 -9.95 24.47 -2.91
CA ALA D 2 -8.99 24.85 -1.86
C ALA D 2 -7.59 24.59 -2.39
N LYS D 3 -6.71 25.57 -2.22
CA LYS D 3 -5.38 25.45 -2.77
C LYS D 3 -4.56 24.50 -1.91
#